data_6FWH
#
_entry.id   6FWH
#
_cell.length_a   167.690
_cell.length_b   156.100
_cell.length_c   117.120
_cell.angle_alpha   90.00
_cell.angle_beta   125.42
_cell.angle_gamma   90.00
#
_symmetry.space_group_name_H-M   'C 1 2 1'
#
loop_
_entity.id
_entity.type
_entity.pdbx_description
1 polymer 'Imidazoleglycerol-phosphate dehydratase'
2 non-polymer 'MANGANESE (II) ION'
3 non-polymer '[(2R)-2-hydroxy-3-(1H-1,2,4-triazol-1-yl)propyl]phosphonic acid'
4 non-polymer 'MAGNESIUM ION'
5 water water
#
_entity_poly.entity_id   1
_entity_poly.type   'polypeptide(L)'
_entity_poly.pdbx_seq_one_letter_code
;MEKREAQVARETGETKIEVRLSLDGTGVSDVKTGIGFLDHMLSALAKHGRFDLYLRCAGDLHVDDHHTSEDCAIVLGQAF
RQAIGERKGIKRYGSAYAPLDESLARAVVDISSRPFAVIDLKLKREKIGELSCEMIPHVLHSFATSANLTLHVEVLYGAN
DHHKAESAFKATALALREAVTKDGPADAVPSTKGVLE
;
_entity_poly.pdbx_strand_id   A,B,C,D,E,F,G,H,I,J,K,L
#
loop_
_chem_comp.id
_chem_comp.type
_chem_comp.name
_chem_comp.formula
5LD non-polymer '[(2R)-2-hydroxy-3-(1H-1,2,4-triazol-1-yl)propyl]phosphonic acid' 'C5 H10 N3 O4 P'
MG non-polymer 'MAGNESIUM ION' 'Mg 2'
MN non-polymer 'MANGANESE (II) ION' 'Mn 2'
#
# COMPACT_ATOMS: atom_id res chain seq x y z
N GLU A 2 51.66 7.00 1.75
CA GLU A 2 51.03 6.82 3.08
C GLU A 2 49.87 7.76 3.39
N LYS A 3 49.62 8.79 2.56
CA LYS A 3 48.31 9.47 2.58
C LYS A 3 47.26 8.45 2.17
N ARG A 4 46.14 8.42 2.89
CA ARG A 4 45.07 7.40 2.66
C ARG A 4 44.13 7.99 1.65
N GLU A 5 44.55 7.89 0.40
CA GLU A 5 43.84 8.46 -0.76
C GLU A 5 43.75 7.45 -1.85
N ALA A 6 42.75 7.59 -2.71
CA ALA A 6 42.58 6.77 -3.87
C ALA A 6 41.84 7.50 -4.97
N GLN A 7 42.14 7.09 -6.19
CA GLN A 7 41.45 7.53 -7.38
C GLN A 7 41.01 6.27 -8.13
N VAL A 8 39.77 6.28 -8.59
CA VAL A 8 39.23 5.16 -9.39
C VAL A 8 38.40 5.73 -10.55
N ALA A 9 38.65 5.19 -11.75
CA ALA A 9 37.90 5.56 -12.95
C ALA A 9 37.35 4.26 -13.54
N ARG A 10 36.07 4.24 -13.87
CA ARG A 10 35.41 3.01 -14.35
C ARG A 10 34.42 3.37 -15.46
N GLU A 11 34.51 2.68 -16.59
CA GLU A 11 33.56 2.90 -17.70
C GLU A 11 32.96 1.59 -18.18
N THR A 12 31.65 1.59 -18.32
CA THR A 12 30.93 0.54 -19.01
C THR A 12 30.06 1.19 -20.12
N GLY A 13 29.29 0.37 -20.81
CA GLY A 13 28.25 0.90 -21.73
C GLY A 13 27.19 1.79 -21.08
N GLU A 14 27.00 1.65 -19.77
CA GLU A 14 25.95 2.38 -19.03
C GLU A 14 26.48 3.69 -18.36
N THR A 15 27.68 3.66 -17.79
CA THR A 15 28.18 4.79 -17.01
C THR A 15 29.67 4.99 -17.18
N LYS A 16 30.11 6.24 -16.95
CA LYS A 16 31.51 6.60 -16.98
C LYS A 16 31.76 7.46 -15.75
N ILE A 17 32.56 6.93 -14.83
CA ILE A 17 32.68 7.53 -13.49
C ILE A 17 34.14 7.76 -13.12
N GLU A 18 34.38 8.87 -12.44
CA GLU A 18 35.65 9.04 -11.74
C GLU A 18 35.39 9.45 -10.32
N VAL A 19 36.13 8.83 -9.40
CA VAL A 19 36.08 9.16 -7.96
C VAL A 19 37.48 9.46 -7.45
N ARG A 20 37.59 10.49 -6.63
CA ARG A 20 38.82 10.75 -5.85
C ARG A 20 38.44 10.84 -4.39
N LEU A 21 39.05 10.01 -3.55
CA LEU A 21 38.71 9.96 -2.12
C LEU A 21 39.94 10.12 -1.24
N SER A 22 39.80 10.92 -0.18
CA SER A 22 40.75 10.96 0.95
C SER A 22 40.02 10.58 2.23
N LEU A 23 40.53 9.58 2.95
CA LEU A 23 39.95 9.21 4.25
C LEU A 23 40.20 10.23 5.33
N ASP A 24 41.36 10.88 5.29
CA ASP A 24 41.72 11.82 6.34
C ASP A 24 41.56 13.22 5.83
N GLY A 25 40.30 13.58 5.56
CA GLY A 25 39.96 14.85 4.95
C GLY A 25 39.38 15.84 5.96
N THR A 26 38.72 16.88 5.45
CA THR A 26 38.00 17.83 6.27
C THR A 26 36.49 17.80 6.00
N GLY A 27 36.01 16.84 5.21
CA GLY A 27 34.57 16.78 4.87
C GLY A 27 34.16 17.43 3.57
N VAL A 28 35.13 17.84 2.75
CA VAL A 28 34.81 18.58 1.54
C VAL A 28 34.33 17.60 0.47
N SER A 29 33.32 18.02 -0.28
CA SER A 29 32.79 17.19 -1.35
C SER A 29 32.56 18.01 -2.60
N ASP A 30 32.75 17.32 -3.72
CA ASP A 30 32.42 17.86 -5.02
C ASP A 30 31.86 16.69 -5.83
N VAL A 31 30.58 16.45 -5.59
CA VAL A 31 29.90 15.27 -6.10
C VAL A 31 28.83 15.65 -7.11
N LYS A 32 28.97 15.15 -8.34
CA LYS A 32 27.96 15.34 -9.37
C LYS A 32 27.69 13.98 -10.04
N THR A 33 26.72 13.28 -9.49
CA THR A 33 26.30 11.98 -10.00
C THR A 33 25.32 12.06 -11.16
N GLY A 34 24.71 13.23 -11.34
CA GLY A 34 23.54 13.41 -12.20
C GLY A 34 22.21 13.33 -11.46
N ILE A 35 22.24 12.93 -10.18
CA ILE A 35 21.00 12.79 -9.37
C ILE A 35 21.22 13.60 -8.10
N GLY A 36 20.47 14.68 -7.95
CA GLY A 36 20.73 15.64 -6.89
C GLY A 36 20.59 15.09 -5.50
N PHE A 37 19.59 14.22 -5.29
CA PHE A 37 19.42 13.68 -3.95
C PHE A 37 20.54 12.70 -3.60
N LEU A 38 21.02 11.93 -4.59
CA LEU A 38 22.22 11.11 -4.36
C LEU A 38 23.47 11.96 -4.04
N ASP A 39 23.67 13.05 -4.75
CA ASP A 39 24.75 14.01 -4.42
C ASP A 39 24.66 14.49 -2.97
N HIS A 40 23.45 14.79 -2.51
CA HIS A 40 23.24 15.27 -1.14
C HIS A 40 23.63 14.19 -0.11
N MET A 41 23.21 12.95 -0.37
CA MET A 41 23.57 11.82 0.49
C MET A 41 25.09 11.61 0.52
N LEU A 42 25.75 11.69 -0.64
CA LEU A 42 27.19 11.47 -0.66
C LEU A 42 27.92 12.65 -0.07
N SER A 43 27.35 13.83 -0.24
CA SER A 43 27.90 15.04 0.37
C SER A 43 27.84 14.94 1.89
N ALA A 44 26.73 14.41 2.41
CA ALA A 44 26.56 14.17 3.85
C ALA A 44 27.53 13.12 4.37
N LEU A 45 27.71 12.04 3.61
CA LEU A 45 28.67 10.98 3.92
C LEU A 45 30.08 11.58 4.10
N ALA A 46 30.49 12.41 3.15
CA ALA A 46 31.85 12.99 3.23
C ALA A 46 31.95 13.95 4.42
N LYS A 47 30.92 14.79 4.60
CA LYS A 47 30.95 15.80 5.64
C LYS A 47 31.13 15.15 7.02
N HIS A 48 30.30 14.17 7.34
CA HIS A 48 30.26 13.61 8.67
C HIS A 48 31.29 12.48 8.86
N GLY A 49 31.81 11.94 7.75
CA GLY A 49 32.93 11.03 7.75
C GLY A 49 34.29 11.72 7.90
N ARG A 50 34.29 13.05 7.72
CA ARG A 50 35.53 13.84 7.48
C ARG A 50 36.38 13.26 6.37
N PHE A 51 35.70 12.80 5.31
CA PHE A 51 36.35 12.39 4.10
C PHE A 51 36.36 13.56 3.11
N ASP A 52 37.31 13.56 2.17
CA ASP A 52 37.19 14.43 1.00
C ASP A 52 36.81 13.56 -0.21
N LEU A 53 35.78 13.99 -0.93
CA LEU A 53 35.20 13.20 -2.00
C LEU A 53 34.92 14.03 -3.22
N TYR A 54 35.50 13.63 -4.35
CA TYR A 54 35.18 14.17 -5.69
C TYR A 54 34.60 13.03 -6.51
N LEU A 55 33.50 13.29 -7.21
CA LEU A 55 32.84 12.28 -8.01
C LEU A 55 32.16 12.94 -9.24
N ARG A 56 32.37 12.34 -10.40
CA ARG A 56 31.65 12.70 -11.61
C ARG A 56 31.13 11.42 -12.20
N CYS A 57 29.88 11.43 -12.61
CA CYS A 57 29.28 10.32 -13.32
C CYS A 57 28.59 10.85 -14.57
N ALA A 58 28.85 10.25 -15.72
CA ALA A 58 28.00 10.48 -16.90
C ALA A 58 27.34 9.14 -17.12
N GLY A 59 26.02 9.07 -16.87
CA GLY A 59 25.27 7.82 -16.92
C GLY A 59 24.06 7.84 -17.85
N ASP A 60 23.34 6.73 -17.85
CA ASP A 60 22.20 6.55 -18.72
C ASP A 60 20.89 6.89 -18.00
N LEU A 61 20.77 8.15 -17.57
CA LEU A 61 19.58 8.59 -16.85
C LEU A 61 18.29 8.54 -17.70
N HIS A 62 18.43 8.56 -19.03
CA HIS A 62 17.32 8.33 -19.95
C HIS A 62 16.66 6.95 -19.75
N VAL A 63 17.40 5.99 -19.18
CA VAL A 63 16.89 4.65 -18.87
C VAL A 63 16.16 4.73 -17.55
N ASP A 64 16.92 4.95 -16.49
CA ASP A 64 16.42 5.25 -15.16
C ASP A 64 17.66 5.62 -14.31
N ASP A 65 17.47 5.68 -13.01
CA ASP A 65 18.52 6.14 -12.09
C ASP A 65 19.42 4.99 -11.58
N HIS A 66 19.13 3.77 -12.00
CA HIS A 66 19.67 2.57 -11.42
C HIS A 66 21.16 2.36 -11.70
N HIS A 67 21.55 2.37 -12.98
CA HIS A 67 22.94 2.08 -13.34
C HIS A 67 23.84 3.18 -12.79
N THR A 68 23.38 4.43 -12.88
CA THR A 68 24.13 5.59 -12.31
C THR A 68 24.39 5.37 -10.81
N SER A 69 23.33 5.11 -10.05
CA SER A 69 23.42 5.03 -8.60
C SER A 69 24.25 3.86 -8.16
N GLU A 70 23.94 2.68 -8.72
CA GLU A 70 24.71 1.49 -8.42
C GLU A 70 26.22 1.67 -8.75
N ASP A 71 26.52 2.11 -9.96
CA ASP A 71 27.92 2.22 -10.39
C ASP A 71 28.71 3.26 -9.60
N CYS A 72 28.06 4.38 -9.24
CA CYS A 72 28.70 5.35 -8.33
C CYS A 72 29.04 4.66 -6.99
N ALA A 73 28.14 3.83 -6.47
CA ALA A 73 28.40 3.08 -5.22
C ALA A 73 29.53 2.07 -5.40
N ILE A 74 29.56 1.39 -6.54
CA ILE A 74 30.63 0.42 -6.80
C ILE A 74 32.00 1.17 -6.79
N VAL A 75 32.08 2.24 -7.55
CA VAL A 75 33.35 3.01 -7.65
C VAL A 75 33.76 3.64 -6.31
N LEU A 76 32.81 4.22 -5.58
CA LEU A 76 33.08 4.74 -4.24
C LEU A 76 33.61 3.66 -3.31
N GLY A 77 33.01 2.47 -3.37
CA GLY A 77 33.44 1.35 -2.52
C GLY A 77 34.85 0.92 -2.86
N GLN A 78 35.14 0.81 -4.16
CA GLN A 78 36.49 0.43 -4.62
C GLN A 78 37.53 1.48 -4.16
N ALA A 79 37.17 2.75 -4.24
CA ALA A 79 38.04 3.83 -3.76
C ALA A 79 38.23 3.77 -2.27
N PHE A 80 37.19 3.38 -1.53
CA PHE A 80 37.29 3.28 -0.08
C PHE A 80 38.25 2.13 0.31
N ARG A 81 38.08 0.98 -0.33
CA ARG A 81 38.93 -0.18 -0.13
C ARG A 81 40.41 0.19 -0.40
N GLN A 82 40.65 0.86 -1.51
CA GLN A 82 42.01 1.24 -1.89
C GLN A 82 42.62 2.28 -0.93
N ALA A 83 41.83 3.28 -0.54
CA ALA A 83 42.31 4.30 0.41
C ALA A 83 42.72 3.74 1.77
N ILE A 84 42.02 2.72 2.25
CA ILE A 84 42.35 2.12 3.54
C ILE A 84 43.75 1.51 3.45
N GLY A 85 44.04 0.90 2.31
CA GLY A 85 45.33 0.22 2.08
C GLY A 85 45.38 -1.02 2.93
N GLU A 86 46.58 -1.35 3.41
CA GLU A 86 46.75 -2.53 4.24
C GLU A 86 45.95 -2.38 5.53
N ARG A 87 45.25 -3.45 5.88
CA ARG A 87 44.29 -3.43 6.98
C ARG A 87 45.00 -3.83 8.28
N LYS A 88 45.67 -2.85 8.83
CA LYS A 88 46.43 -3.00 10.06
C LYS A 88 46.42 -1.62 10.75
N GLY A 89 46.51 -1.65 12.05
CA GLY A 89 46.65 -0.40 12.82
C GLY A 89 45.40 0.46 12.94
N ILE A 90 44.25 -0.11 12.64
CA ILE A 90 42.96 0.63 12.67
C ILE A 90 42.01 0.00 13.66
N LYS A 91 40.99 0.76 14.05
CA LYS A 91 39.97 0.26 14.98
C LYS A 91 39.21 -0.95 14.45
N ARG A 92 39.08 -1.06 13.12
CA ARG A 92 38.34 -2.12 12.44
C ARG A 92 36.79 -2.01 12.59
N TYR A 93 36.34 -1.88 13.83
CA TYR A 93 34.89 -1.78 14.15
C TYR A 93 34.49 -0.35 14.36
N GLY A 94 33.35 0.04 13.82
CA GLY A 94 32.74 1.31 14.16
C GLY A 94 31.23 1.19 14.19
N SER A 95 30.62 2.03 14.99
CA SER A 95 29.17 2.06 15.10
C SER A 95 28.76 3.46 15.48
N ALA A 96 27.55 3.84 15.12
CA ALA A 96 27.05 5.20 15.34
C ALA A 96 25.54 5.22 15.15
N TYR A 97 24.94 6.14 15.88
CA TYR A 97 23.57 6.58 15.68
C TYR A 97 23.52 8.04 15.23
N ALA A 98 22.60 8.31 14.30
CA ALA A 98 22.34 9.66 13.85
C ALA A 98 20.85 9.81 13.68
N PRO A 99 20.26 10.83 14.31
CA PRO A 99 18.89 11.12 13.98
C PRO A 99 18.81 12.18 12.89
N LEU A 100 17.60 12.33 12.39
CA LEU A 100 17.20 13.60 11.77
C LEU A 100 15.75 13.82 12.17
N ASP A 101 15.54 14.76 13.09
CA ASP A 101 14.26 15.06 13.69
C ASP A 101 13.66 13.76 14.24
N GLU A 102 12.57 13.28 13.65
CA GLU A 102 11.86 12.15 14.20
C GLU A 102 12.49 10.79 13.83
N SER A 103 13.35 10.78 12.80
CA SER A 103 13.97 9.55 12.34
C SER A 103 15.26 9.25 13.13
N LEU A 104 15.53 7.96 13.33
CA LEU A 104 16.75 7.53 13.97
C LEU A 104 17.36 6.39 13.18
N ALA A 105 18.65 6.49 12.86
CA ALA A 105 19.37 5.38 12.20
C ALA A 105 20.63 4.95 12.97
N ARG A 106 20.98 3.67 12.82
CA ARG A 106 22.21 3.06 13.33
C ARG A 106 23.00 2.45 12.19
N ALA A 107 24.31 2.66 12.17
CA ALA A 107 25.20 1.96 11.25
C ALA A 107 26.30 1.27 12.02
N VAL A 108 26.67 0.08 11.57
CA VAL A 108 27.76 -0.64 12.16
C VAL A 108 28.67 -1.10 11.02
N VAL A 109 29.97 -0.85 11.16
CA VAL A 109 30.98 -1.21 10.16
C VAL A 109 31.99 -2.18 10.77
N ASP A 110 32.36 -3.19 9.99
CA ASP A 110 33.49 -4.10 10.30
C ASP A 110 34.36 -4.13 9.05
N ILE A 111 35.59 -3.60 9.14
CA ILE A 111 36.58 -3.72 8.05
C ILE A 111 37.10 -5.15 8.04
N SER A 112 36.32 -6.06 7.43
CA SER A 112 36.43 -7.51 7.64
C SER A 112 37.13 -8.31 6.53
N SER A 113 37.22 -7.69 5.35
CA SER A 113 37.59 -8.31 4.10
C SER A 113 36.62 -9.41 3.72
N ARG A 114 35.37 -9.28 4.17
CA ARG A 114 34.28 -10.18 3.77
C ARG A 114 33.13 -9.26 3.36
N PRO A 115 32.80 -9.26 2.06
CA PRO A 115 31.77 -8.31 1.61
C PRO A 115 30.37 -8.77 2.03
N PHE A 116 29.67 -7.91 2.79
CA PHE A 116 28.36 -8.25 3.31
C PHE A 116 27.67 -6.98 3.78
N ALA A 117 26.36 -6.91 3.55
CA ALA A 117 25.61 -5.77 4.03
C ALA A 117 24.23 -6.26 4.44
N VAL A 118 23.75 -5.70 5.52
CA VAL A 118 22.37 -5.90 6.00
C VAL A 118 21.77 -4.52 6.09
N ILE A 119 20.74 -4.23 5.27
CA ILE A 119 20.23 -2.86 5.10
C ILE A 119 18.74 -2.87 5.31
N ASP A 120 18.25 -2.00 6.19
CA ASP A 120 16.81 -1.93 6.52
C ASP A 120 16.43 -0.47 6.78
N LEU A 121 16.04 0.27 5.73
CA LEU A 121 15.79 1.75 5.81
C LEU A 121 14.31 2.17 5.99
N LYS A 122 13.38 1.23 5.81
CA LYS A 122 11.94 1.49 6.06
C LYS A 122 11.40 2.64 5.22
N LEU A 123 11.95 2.79 4.02
CA LEU A 123 11.50 3.85 3.13
C LEU A 123 10.11 3.51 2.60
N LYS A 124 9.22 4.50 2.63
CA LYS A 124 7.86 4.28 2.15
C LYS A 124 7.58 4.79 0.75
N ARG A 125 8.35 5.74 0.27
CA ARG A 125 8.09 6.38 -0.99
C ARG A 125 8.71 5.60 -2.14
N GLU A 126 8.28 5.96 -3.32
CA GLU A 126 8.89 5.49 -4.54
C GLU A 126 10.19 6.18 -4.89
N LYS A 127 10.23 7.50 -4.75
CA LYS A 127 11.45 8.27 -5.03
C LYS A 127 11.57 9.39 -4.03
N ILE A 128 12.81 9.80 -3.78
CA ILE A 128 13.11 11.06 -3.12
C ILE A 128 13.85 11.91 -4.14
N GLY A 129 13.26 13.04 -4.53
CA GLY A 129 13.73 13.77 -5.72
C GLY A 129 13.79 12.79 -6.88
N GLU A 130 14.93 12.69 -7.55
CA GLU A 130 15.09 11.77 -8.71
C GLU A 130 15.76 10.44 -8.39
N LEU A 131 16.00 10.17 -7.09
CA LEU A 131 16.57 8.90 -6.67
C LEU A 131 15.46 7.99 -6.25
N SER A 132 15.35 6.84 -6.93
CA SER A 132 14.34 5.88 -6.51
C SER A 132 14.70 5.33 -5.13
N CYS A 133 13.70 5.15 -4.28
CA CYS A 133 13.95 4.66 -2.92
C CYS A 133 14.55 3.28 -2.94
N GLU A 134 14.15 2.41 -3.89
CA GLU A 134 14.74 1.06 -3.93
C GLU A 134 16.24 1.11 -4.22
N MET A 135 16.73 2.20 -4.82
CA MET A 135 18.16 2.30 -5.11
C MET A 135 18.98 2.69 -3.88
N ILE A 136 18.35 3.20 -2.83
CA ILE A 136 19.10 3.63 -1.64
C ILE A 136 19.75 2.45 -0.86
N PRO A 137 19.01 1.40 -0.50
CA PRO A 137 19.69 0.21 0.04
C PRO A 137 20.65 -0.44 -0.95
N HIS A 138 20.35 -0.36 -2.25
CA HIS A 138 21.24 -0.93 -3.29
C HIS A 138 22.58 -0.18 -3.27
N VAL A 139 22.54 1.13 -3.14
CA VAL A 139 23.76 1.93 -3.02
C VAL A 139 24.59 1.47 -1.84
N LEU A 140 23.96 1.31 -0.68
CA LEU A 140 24.73 0.89 0.52
C LEU A 140 25.31 -0.52 0.41
N HIS A 141 24.51 -1.42 -0.14
CA HIS A 141 24.94 -2.78 -0.35
C HIS A 141 26.11 -2.88 -1.37
N SER A 142 25.98 -2.17 -2.49
CA SER A 142 27.04 -2.12 -3.52
C SER A 142 28.31 -1.46 -2.99
N PHE A 143 28.13 -0.40 -2.24
CA PHE A 143 29.25 0.24 -1.56
C PHE A 143 30.00 -0.73 -0.65
N ALA A 144 29.27 -1.39 0.23
CA ALA A 144 29.86 -2.33 1.19
C ALA A 144 30.60 -3.48 0.50
N THR A 145 29.99 -4.02 -0.56
CA THR A 145 30.62 -5.14 -1.26
C THR A 145 31.89 -4.71 -2.00
N SER A 146 31.85 -3.58 -2.68
CA SER A 146 33.05 -3.10 -3.40
C SER A 146 34.12 -2.59 -2.45
N ALA A 147 33.72 -2.09 -1.28
CA ALA A 147 34.69 -1.73 -0.21
C ALA A 147 35.28 -2.93 0.51
N ASN A 148 34.76 -4.11 0.24
CA ASN A 148 35.19 -5.34 0.88
C ASN A 148 35.03 -5.32 2.41
N LEU A 149 33.87 -4.88 2.86
CA LEU A 149 33.61 -4.75 4.29
C LEU A 149 32.17 -5.21 4.62
N THR A 150 31.89 -5.29 5.91
CA THR A 150 30.62 -5.71 6.46
C THR A 150 29.92 -4.44 6.95
N LEU A 151 28.72 -4.15 6.43
CA LEU A 151 28.00 -2.92 6.78
C LEU A 151 26.56 -3.27 7.19
N HIS A 152 26.14 -2.82 8.36
CA HIS A 152 24.76 -3.00 8.81
C HIS A 152 24.17 -1.62 8.98
N VAL A 153 23.07 -1.31 8.29
CA VAL A 153 22.41 -0.01 8.43
C VAL A 153 20.94 -0.22 8.68
N GLU A 154 20.45 0.33 9.78
CA GLU A 154 19.03 0.19 10.15
C GLU A 154 18.46 1.57 10.45
N VAL A 155 17.35 1.89 9.83
CA VAL A 155 16.51 3.00 10.29
C VAL A 155 15.59 2.36 11.31
N LEU A 156 15.74 2.76 12.55
CA LEU A 156 14.95 2.16 13.63
C LEU A 156 13.47 2.58 13.54
N TYR A 157 13.27 3.82 13.17
CA TYR A 157 11.93 4.38 13.02
C TYR A 157 12.07 5.72 12.37
N GLY A 158 10.95 6.19 11.86
CA GLY A 158 10.84 7.54 11.28
C GLY A 158 9.56 7.70 10.52
N ALA A 159 9.35 8.91 10.01
CA ALA A 159 8.12 9.24 9.25
C ALA A 159 8.33 9.98 7.93
N ASN A 160 9.54 10.43 7.64
CA ASN A 160 9.86 11.20 6.45
C ASN A 160 11.04 10.53 5.77
N ASP A 161 10.89 10.16 4.50
CA ASP A 161 11.92 9.37 3.82
C ASP A 161 13.24 10.09 3.61
N HIS A 162 13.20 11.39 3.31
CA HIS A 162 14.43 12.22 3.25
C HIS A 162 15.16 12.15 4.63
N HIS A 163 14.44 12.30 5.74
CA HIS A 163 15.03 12.12 7.06
C HIS A 163 15.59 10.71 7.30
N LYS A 164 14.87 9.68 6.87
CA LYS A 164 15.32 8.31 7.06
C LYS A 164 16.62 8.04 6.26
N ALA A 165 16.61 8.41 4.98
CA ALA A 165 17.77 8.20 4.10
C ALA A 165 18.95 8.99 4.60
N GLU A 166 18.71 10.25 4.90
CA GLU A 166 19.78 11.13 5.34
C GLU A 166 20.39 10.72 6.68
N SER A 167 19.53 10.34 7.64
CA SER A 167 20.03 9.83 8.92
C SER A 167 20.85 8.56 8.72
N ALA A 168 20.44 7.70 7.78
CA ALA A 168 21.19 6.49 7.48
C ALA A 168 22.60 6.77 6.93
N PHE A 169 22.71 7.75 6.01
CA PHE A 169 24.01 8.15 5.45
C PHE A 169 24.87 8.88 6.49
N LYS A 170 24.28 9.67 7.36
CA LYS A 170 25.03 10.32 8.44
C LYS A 170 25.59 9.28 9.43
N ALA A 171 24.76 8.34 9.87
CA ALA A 171 25.21 7.27 10.73
C ALA A 171 26.29 6.41 10.07
N THR A 172 26.11 6.09 8.79
CA THR A 172 27.10 5.30 8.07
C THR A 172 28.45 6.05 8.04
N ALA A 173 28.40 7.33 7.74
CA ALA A 173 29.63 8.19 7.76
C ALA A 173 30.40 8.12 9.06
N LEU A 174 29.67 8.28 10.16
CA LEU A 174 30.26 8.25 11.50
C LEU A 174 30.87 6.89 11.83
N ALA A 175 30.16 5.82 11.47
CA ALA A 175 30.67 4.48 11.76
C ALA A 175 31.89 4.17 10.90
N LEU A 176 31.86 4.58 9.63
CA LEU A 176 33.01 4.38 8.74
C LEU A 176 34.25 5.15 9.26
N ARG A 177 34.03 6.36 9.72
CA ARG A 177 35.09 7.21 10.28
C ARG A 177 35.75 6.50 11.45
N GLU A 178 34.93 6.00 12.37
CA GLU A 178 35.44 5.23 13.51
C GLU A 178 36.22 4.01 13.12
N ALA A 179 35.68 3.21 12.21
CA ALA A 179 36.29 1.93 11.85
C ALA A 179 37.69 2.09 11.22
N VAL A 180 37.87 3.14 10.44
CA VAL A 180 39.17 3.40 9.78
C VAL A 180 40.09 4.35 10.56
N THR A 181 39.70 4.71 11.77
CA THR A 181 40.55 5.54 12.64
C THR A 181 41.78 4.69 13.06
N LYS A 182 42.97 5.29 12.97
CA LYS A 182 44.21 4.68 13.48
C LYS A 182 44.15 4.58 15.00
N ASP A 183 44.56 3.42 15.50
CA ASP A 183 44.47 3.12 16.93
C ASP A 183 45.43 1.97 17.28
N GLY A 184 46.37 2.22 18.19
CA GLY A 184 47.30 1.18 18.67
C GLY A 184 48.49 1.01 17.75
N PRO A 185 49.30 -0.05 17.98
CA PRO A 185 50.48 -0.20 17.10
C PRO A 185 50.11 -0.25 15.61
N ALA A 186 50.92 0.40 14.79
CA ALA A 186 50.65 0.55 13.34
C ALA A 186 50.66 -0.76 12.56
N ASP A 187 51.43 -1.73 13.04
CA ASP A 187 51.64 -3.01 12.35
C ASP A 187 50.66 -4.12 12.80
N ALA A 188 49.89 -3.88 13.86
CA ALA A 188 49.01 -4.93 14.41
C ALA A 188 47.85 -5.15 13.45
N VAL A 189 47.55 -6.41 13.17
CA VAL A 189 46.41 -6.79 12.33
C VAL A 189 45.26 -7.05 13.32
N PRO A 190 44.14 -6.33 13.17
CA PRO A 190 43.05 -6.52 14.12
C PRO A 190 42.17 -7.75 13.81
N SER A 191 42.77 -8.94 13.82
CA SER A 191 42.06 -10.20 13.56
C SER A 191 42.79 -11.31 14.30
N THR A 192 42.03 -12.20 14.92
CA THR A 192 42.60 -13.43 15.53
C THR A 192 43.27 -14.36 14.54
N LYS A 193 42.85 -14.31 13.27
CA LYS A 193 43.48 -15.14 12.24
C LYS A 193 44.72 -14.47 11.62
N GLY A 194 45.06 -13.26 12.09
CA GLY A 194 46.30 -12.57 11.69
C GLY A 194 46.34 -12.01 10.27
N VAL A 195 45.22 -12.05 9.55
CA VAL A 195 45.16 -11.65 8.12
C VAL A 195 43.83 -10.93 7.88
N LEU A 196 43.88 -9.77 7.23
CA LEU A 196 42.71 -9.09 6.66
C LEU A 196 43.12 -8.64 5.26
N GLU A 197 42.74 -9.42 4.25
CA GLU A 197 43.26 -9.27 2.88
C GLU A 197 42.79 -8.01 2.18
N LYS B 3 16.46 -17.84 -44.53
CA LYS B 3 16.86 -16.90 -43.42
C LYS B 3 15.64 -16.44 -42.63
N ARG B 4 15.76 -16.47 -41.31
CA ARG B 4 14.61 -16.29 -40.42
C ARG B 4 14.59 -14.85 -39.94
N GLU B 5 13.85 -14.05 -40.67
CA GLU B 5 13.85 -12.62 -40.44
C GLU B 5 12.53 -12.06 -40.87
N ALA B 6 12.23 -10.86 -40.41
CA ALA B 6 10.97 -10.21 -40.74
C ALA B 6 11.13 -8.72 -40.64
N GLN B 7 10.37 -8.01 -41.45
CA GLN B 7 10.21 -6.57 -41.28
C GLN B 7 8.71 -6.34 -41.15
N VAL B 8 8.31 -5.50 -40.21
CA VAL B 8 6.91 -5.13 -40.03
C VAL B 8 6.83 -3.63 -39.74
N ALA B 9 5.92 -2.93 -40.43
CA ALA B 9 5.60 -1.52 -40.15
C ALA B 9 4.11 -1.44 -39.86
N ARG B 10 3.74 -0.67 -38.84
CA ARG B 10 2.34 -0.55 -38.45
C ARG B 10 2.10 0.85 -37.93
N GLU B 11 0.99 1.45 -38.36
CA GLU B 11 0.62 2.80 -37.98
C GLU B 11 -0.86 2.90 -37.65
N THR B 12 -1.16 3.60 -36.56
CA THR B 12 -2.50 3.93 -36.14
C THR B 12 -2.48 5.41 -35.81
N GLY B 13 -3.60 5.96 -35.36
CA GLY B 13 -3.63 7.34 -34.84
C GLY B 13 -2.80 7.57 -33.57
N GLU B 14 -2.40 6.49 -32.87
CA GLU B 14 -1.62 6.60 -31.62
C GLU B 14 -0.10 6.41 -31.87
N THR B 15 0.29 5.47 -32.74
CA THR B 15 1.70 5.12 -32.92
C THR B 15 2.09 4.79 -34.36
N LYS B 16 3.36 4.98 -34.68
CA LYS B 16 3.94 4.61 -35.98
C LYS B 16 5.22 3.87 -35.70
N ILE B 17 5.27 2.61 -36.11
CA ILE B 17 6.35 1.74 -35.68
C ILE B 17 6.91 1.03 -36.90
N GLU B 18 8.21 0.79 -36.86
CA GLU B 18 8.87 -0.16 -37.75
C GLU B 18 9.79 -1.08 -36.94
N VAL B 19 9.75 -2.38 -37.26
CA VAL B 19 10.63 -3.39 -36.64
C VAL B 19 11.29 -4.19 -37.75
N ARG B 20 12.58 -4.47 -37.57
CA ARG B 20 13.29 -5.47 -38.37
C ARG B 20 13.92 -6.44 -37.40
N LEU B 21 13.71 -7.74 -37.60
CA LEU B 21 14.19 -8.79 -36.70
C LEU B 21 14.88 -9.92 -37.47
N SER B 22 15.98 -10.43 -36.92
CA SER B 22 16.60 -11.71 -37.32
C SER B 22 16.63 -12.62 -36.13
N LEU B 23 16.11 -13.83 -36.27
CA LEU B 23 16.15 -14.79 -35.17
C LEU B 23 17.53 -15.36 -34.96
N ASP B 24 18.29 -15.51 -36.04
CA ASP B 24 19.58 -16.16 -35.96
C ASP B 24 20.62 -15.08 -36.04
N GLY B 25 20.65 -14.22 -35.03
CA GLY B 25 21.55 -13.08 -35.02
C GLY B 25 22.68 -13.28 -34.03
N THR B 26 23.28 -12.18 -33.61
CA THR B 26 24.34 -12.17 -32.65
C THR B 26 24.00 -11.34 -31.42
N GLY B 27 22.77 -10.83 -31.36
CA GLY B 27 22.33 -10.06 -30.19
C GLY B 27 22.39 -8.55 -30.30
N VAL B 28 22.60 -8.04 -31.52
CA VAL B 28 22.78 -6.61 -31.76
C VAL B 28 21.41 -5.97 -31.71
N SER B 29 21.29 -4.77 -31.14
CA SER B 29 20.01 -4.07 -31.16
C SER B 29 20.18 -2.60 -31.48
N ASP B 30 19.17 -2.04 -32.13
CA ASP B 30 19.08 -0.62 -32.39
C ASP B 30 17.62 -0.23 -32.10
N VAL B 31 17.33 -0.06 -30.81
CA VAL B 31 15.93 0.09 -30.35
C VAL B 31 15.71 1.48 -29.80
N LYS B 32 14.78 2.22 -30.42
CA LYS B 32 14.33 3.54 -29.91
C LYS B 32 12.81 3.60 -29.90
N THR B 33 12.23 3.24 -28.77
CA THR B 33 10.79 3.23 -28.58
C THR B 33 10.25 4.54 -28.12
N GLY B 34 11.15 5.45 -27.69
CA GLY B 34 10.75 6.67 -27.00
C GLY B 34 10.80 6.55 -25.47
N ILE B 35 11.03 5.34 -24.97
CA ILE B 35 11.05 5.06 -23.53
C ILE B 35 12.33 4.30 -23.22
N GLY B 36 13.24 4.95 -22.50
CA GLY B 36 14.59 4.42 -22.28
C GLY B 36 14.57 3.07 -21.56
N PHE B 37 13.73 2.94 -20.55
CA PHE B 37 13.70 1.65 -19.86
C PHE B 37 13.19 0.51 -20.74
N LEU B 38 12.21 0.78 -21.59
CA LEU B 38 11.72 -0.22 -22.53
C LEU B 38 12.83 -0.58 -23.53
N ASP B 39 13.56 0.44 -24.01
CA ASP B 39 14.69 0.18 -24.90
C ASP B 39 15.68 -0.76 -24.26
N HIS B 40 15.98 -0.53 -22.98
CA HIS B 40 16.89 -1.38 -22.20
C HIS B 40 16.36 -2.83 -22.15
N MET B 41 15.07 -2.99 -21.86
CA MET B 41 14.49 -4.34 -21.80
C MET B 41 14.55 -5.04 -23.15
N LEU B 42 14.22 -4.34 -24.23
CA LEU B 42 14.27 -4.96 -25.56
C LEU B 42 15.70 -5.22 -26.02
N SER B 43 16.62 -4.35 -25.63
CA SER B 43 18.05 -4.58 -25.86
C SER B 43 18.58 -5.83 -25.11
N ALA B 44 18.15 -6.01 -23.87
CA ALA B 44 18.45 -7.22 -23.10
C ALA B 44 17.83 -8.45 -23.76
N LEU B 45 16.59 -8.31 -24.25
CA LEU B 45 15.89 -9.40 -24.93
C LEU B 45 16.69 -9.82 -26.17
N ALA B 46 17.12 -8.85 -26.97
CA ALA B 46 17.91 -9.14 -28.19
C ALA B 46 19.25 -9.82 -27.86
N LYS B 47 19.94 -9.29 -26.86
CA LYS B 47 21.29 -9.73 -26.52
C LYS B 47 21.31 -11.16 -26.05
N HIS B 48 20.41 -11.48 -25.12
CA HIS B 48 20.40 -12.80 -24.50
C HIS B 48 19.64 -13.81 -25.34
N GLY B 49 18.80 -13.35 -26.29
CA GLY B 49 18.15 -14.22 -27.26
C GLY B 49 19.03 -14.54 -28.46
N ARG B 50 20.13 -13.78 -28.60
CA ARG B 50 20.95 -13.76 -29.82
C ARG B 50 20.10 -13.39 -31.05
N PHE B 51 19.15 -12.46 -30.87
CA PHE B 51 18.37 -11.90 -31.98
C PHE B 51 18.98 -10.58 -32.39
N ASP B 52 18.80 -10.19 -33.64
CA ASP B 52 19.19 -8.85 -34.04
C ASP B 52 17.90 -8.09 -34.23
N LEU B 53 17.81 -6.91 -33.60
CA LEU B 53 16.54 -6.17 -33.54
C LEU B 53 16.75 -4.68 -33.77
N TYR B 54 16.02 -4.13 -34.72
CA TYR B 54 15.91 -2.70 -34.96
C TYR B 54 14.46 -2.32 -34.72
N LEU B 55 14.24 -1.23 -34.00
CA LEU B 55 12.87 -0.77 -33.76
C LEU B 55 12.85 0.74 -33.65
N ARG B 56 11.88 1.34 -34.31
CA ARG B 56 11.61 2.74 -34.14
C ARG B 56 10.13 2.92 -33.86
N CYS B 57 9.82 3.78 -32.90
CA CYS B 57 8.42 4.14 -32.61
C CYS B 57 8.28 5.63 -32.42
N ALA B 58 7.33 6.21 -33.14
CA ALA B 58 6.85 7.58 -32.91
C ALA B 58 5.44 7.42 -32.35
N GLY B 59 5.29 7.71 -31.05
CA GLY B 59 4.03 7.47 -30.33
C GLY B 59 3.55 8.68 -29.56
N ASP B 60 2.46 8.49 -28.84
CA ASP B 60 1.73 9.59 -28.18
C ASP B 60 2.10 9.64 -26.68
N LEU B 61 3.39 9.85 -26.43
CA LEU B 61 3.92 9.91 -25.06
C LEU B 61 3.33 11.06 -24.25
N HIS B 62 2.80 12.07 -24.91
CA HIS B 62 2.04 13.14 -24.24
C HIS B 62 0.76 12.67 -23.54
N VAL B 63 0.22 11.51 -23.92
CA VAL B 63 -0.93 10.91 -23.31
C VAL B 63 -0.39 10.14 -22.10
N ASP B 64 0.38 9.08 -22.39
CA ASP B 64 1.15 8.31 -21.40
C ASP B 64 2.01 7.34 -22.20
N ASP B 65 2.61 6.38 -21.52
CA ASP B 65 3.51 5.39 -22.12
C ASP B 65 2.82 4.13 -22.69
N HIS B 66 1.50 4.06 -22.56
CA HIS B 66 0.78 2.82 -22.76
C HIS B 66 0.70 2.42 -24.25
N HIS B 67 0.21 3.35 -25.10
CA HIS B 67 0.04 3.00 -26.50
C HIS B 67 1.38 2.66 -27.14
N THR B 68 2.41 3.43 -26.83
CA THR B 68 3.75 3.12 -27.31
C THR B 68 4.19 1.70 -26.93
N SER B 69 4.13 1.41 -25.64
CA SER B 69 4.67 0.15 -25.10
C SER B 69 3.92 -1.07 -25.63
N GLU B 70 2.61 -0.97 -25.64
CA GLU B 70 1.73 -2.01 -26.17
C GLU B 70 1.96 -2.25 -27.66
N ASP B 71 1.92 -1.19 -28.46
CA ASP B 71 2.07 -1.32 -29.89
C ASP B 71 3.47 -1.79 -30.32
N CYS B 72 4.50 -1.37 -29.60
CA CYS B 72 5.86 -1.91 -29.79
C CYS B 72 5.87 -3.42 -29.57
N ALA B 73 5.17 -3.85 -28.54
CA ALA B 73 5.02 -5.28 -28.24
C ALA B 73 4.22 -5.99 -29.33
N ILE B 74 3.14 -5.37 -29.80
CA ILE B 74 2.33 -5.96 -30.89
C ILE B 74 3.21 -6.20 -32.13
N VAL B 75 3.93 -5.17 -32.53
CA VAL B 75 4.76 -5.23 -33.76
C VAL B 75 5.94 -6.21 -33.60
N LEU B 76 6.58 -6.20 -32.45
CA LEU B 76 7.64 -7.14 -32.16
C LEU B 76 7.12 -8.57 -32.25
N GLY B 77 5.94 -8.83 -31.72
CA GLY B 77 5.34 -10.16 -31.72
C GLY B 77 5.00 -10.63 -33.12
N GLN B 78 4.45 -9.71 -33.90
CA GLN B 78 4.16 -10.00 -35.32
C GLN B 78 5.42 -10.34 -36.10
N ALA B 79 6.48 -9.57 -35.87
CA ALA B 79 7.77 -9.86 -36.50
C ALA B 79 8.32 -11.21 -36.07
N PHE B 80 8.14 -11.58 -34.81
CA PHE B 80 8.65 -12.85 -34.31
C PHE B 80 7.90 -14.02 -34.98
N ARG B 81 6.57 -13.92 -35.00
CA ARG B 81 5.75 -14.91 -35.70
C ARG B 81 6.18 -15.06 -37.17
N GLN B 82 6.38 -13.94 -37.85
CA GLN B 82 6.77 -14.00 -39.27
C GLN B 82 8.15 -14.55 -39.44
N ALA B 83 9.10 -14.18 -38.58
CA ALA B 83 10.47 -14.69 -38.68
C ALA B 83 10.58 -16.22 -38.44
N ILE B 84 9.76 -16.76 -37.53
CA ILE B 84 9.75 -18.21 -37.28
C ILE B 84 9.30 -18.92 -38.56
N GLY B 85 8.31 -18.34 -39.25
CA GLY B 85 7.80 -18.90 -40.51
C GLY B 85 7.09 -20.20 -40.22
N GLU B 86 7.21 -21.19 -41.10
CA GLU B 86 6.56 -22.49 -40.90
C GLU B 86 7.06 -23.16 -39.61
N ARG B 87 6.13 -23.68 -38.83
CA ARG B 87 6.44 -24.19 -37.50
C ARG B 87 6.75 -25.68 -37.55
N LYS B 88 7.98 -25.95 -37.99
CA LYS B 88 8.51 -27.29 -38.19
C LYS B 88 10.00 -27.26 -37.93
N GLY B 89 10.55 -28.39 -37.53
CA GLY B 89 11.98 -28.55 -37.36
C GLY B 89 12.59 -27.81 -36.20
N ILE B 90 11.76 -27.37 -35.25
CA ILE B 90 12.21 -26.61 -34.08
C ILE B 90 11.89 -27.35 -32.79
N LYS B 91 12.54 -26.90 -31.72
CA LYS B 91 12.35 -27.49 -30.40
C LYS B 91 10.95 -27.27 -29.87
N ARG B 92 10.36 -26.13 -30.23
CA ARG B 92 8.99 -25.70 -29.81
C ARG B 92 8.88 -25.24 -28.34
N TYR B 93 9.48 -26.02 -27.44
CA TYR B 93 9.45 -25.75 -26.00
C TYR B 93 10.75 -25.16 -25.56
N GLY B 94 10.68 -24.09 -24.76
CA GLY B 94 11.89 -23.54 -24.18
C GLY B 94 11.63 -23.04 -22.78
N SER B 95 12.63 -23.13 -21.92
CA SER B 95 12.52 -22.61 -20.57
C SER B 95 13.88 -22.16 -20.07
N ALA B 96 13.86 -21.21 -19.15
CA ALA B 96 15.08 -20.66 -18.57
C ALA B 96 14.80 -19.91 -17.29
N TYR B 97 15.83 -19.88 -16.45
CA TYR B 97 15.90 -19.00 -15.28
C TYR B 97 17.00 -18.00 -15.54
N ALA B 98 16.74 -16.75 -15.13
CA ALA B 98 17.80 -15.76 -15.03
C ALA B 98 17.57 -14.93 -13.75
N PRO B 99 18.62 -14.76 -12.95
CA PRO B 99 18.58 -13.88 -11.81
C PRO B 99 19.09 -12.52 -12.18
N LEU B 100 18.87 -11.56 -11.32
CA LEU B 100 19.69 -10.34 -11.32
C LEU B 100 19.82 -9.98 -9.84
N ASP B 101 21.01 -10.25 -9.30
CA ASP B 101 21.29 -10.15 -7.88
C ASP B 101 20.25 -10.94 -7.05
N GLU B 102 19.43 -10.22 -6.28
CA GLU B 102 18.47 -10.88 -5.37
C GLU B 102 17.21 -11.40 -6.07
N SER B 103 16.93 -10.95 -7.29
CA SER B 103 15.73 -11.34 -8.03
C SER B 103 15.99 -12.59 -8.91
N LEU B 104 14.94 -13.40 -9.09
CA LEU B 104 15.02 -14.56 -9.93
C LEU B 104 13.73 -14.68 -10.73
N ALA B 105 13.86 -14.89 -12.04
CA ALA B 105 12.72 -15.07 -12.91
C ALA B 105 12.86 -16.36 -13.69
N ARG B 106 11.71 -16.90 -14.09
CA ARG B 106 11.61 -18.04 -14.97
C ARG B 106 10.71 -17.65 -16.14
N ALA B 107 11.09 -18.08 -17.34
CA ALA B 107 10.25 -18.01 -18.51
C ALA B 107 10.12 -19.37 -19.15
N VAL B 108 8.91 -19.62 -19.64
CA VAL B 108 8.59 -20.84 -20.39
C VAL B 108 7.84 -20.46 -21.64
N VAL B 109 8.34 -20.96 -22.77
CA VAL B 109 7.75 -20.70 -24.10
C VAL B 109 7.28 -22.02 -24.76
N ASP B 110 6.16 -21.95 -25.45
CA ASP B 110 5.65 -23.05 -26.29
C ASP B 110 5.20 -22.35 -27.57
N ILE B 111 5.88 -22.63 -28.67
CA ILE B 111 5.47 -22.15 -30.02
C ILE B 111 4.26 -22.98 -30.42
N SER B 112 3.09 -22.58 -29.93
CA SER B 112 1.90 -23.44 -29.94
C SER B 112 0.85 -23.12 -30.99
N SER B 113 0.97 -21.94 -31.58
CA SER B 113 -0.11 -21.34 -32.37
C SER B 113 -1.40 -21.12 -31.60
N ARG B 114 -1.29 -21.04 -30.27
CA ARG B 114 -2.38 -20.72 -29.41
C ARG B 114 -1.90 -19.51 -28.59
N PRO B 115 -2.42 -18.30 -28.90
CA PRO B 115 -1.93 -17.11 -28.18
C PRO B 115 -2.37 -17.14 -26.71
N PHE B 116 -1.41 -17.06 -25.79
CA PHE B 116 -1.75 -17.12 -24.37
C PHE B 116 -0.55 -16.69 -23.54
N ALA B 117 -0.79 -15.94 -22.49
CA ALA B 117 0.30 -15.62 -21.58
C ALA B 117 -0.16 -15.64 -20.14
N VAL B 118 0.75 -16.08 -19.29
CA VAL B 118 0.58 -16.07 -17.84
C VAL B 118 1.78 -15.30 -17.29
N ILE B 119 1.51 -14.09 -16.79
CA ILE B 119 2.59 -13.19 -16.40
C ILE B 119 2.42 -12.80 -14.93
N ASP B 120 3.47 -13.00 -14.13
CA ASP B 120 3.46 -12.62 -12.70
C ASP B 120 4.85 -12.08 -12.28
N LEU B 121 5.03 -10.76 -12.37
CA LEU B 121 6.34 -10.10 -12.14
C LEU B 121 6.55 -9.47 -10.76
N LYS B 122 5.47 -9.38 -9.98
CA LYS B 122 5.55 -8.95 -8.58
C LYS B 122 6.21 -7.58 -8.49
N LEU B 123 5.93 -6.73 -9.47
CA LEU B 123 6.48 -5.36 -9.42
C LEU B 123 5.72 -4.57 -8.38
N LYS B 124 6.47 -3.82 -7.58
CA LYS B 124 5.91 -2.99 -6.51
C LYS B 124 5.77 -1.51 -6.80
N ARG B 125 6.59 -0.98 -7.68
CA ARG B 125 6.57 0.44 -8.03
C ARG B 125 5.51 0.79 -9.05
N GLU B 126 5.31 2.09 -9.15
CA GLU B 126 4.49 2.67 -10.20
C GLU B 126 5.18 2.73 -11.55
N LYS B 127 6.44 3.18 -11.58
CA LYS B 127 7.21 3.25 -12.83
C LYS B 127 8.66 2.87 -12.59
N ILE B 128 9.32 2.42 -13.64
CA ILE B 128 10.75 2.28 -13.66
C ILE B 128 11.19 3.18 -14.79
N GLY B 129 11.96 4.22 -14.49
CA GLY B 129 12.22 5.22 -15.52
C GLY B 129 10.87 5.79 -15.93
N GLU B 130 10.66 5.91 -17.24
CA GLU B 130 9.38 6.36 -17.80
C GLU B 130 8.42 5.24 -18.19
N LEU B 131 8.76 3.98 -17.89
CA LEU B 131 7.87 2.87 -18.19
C LEU B 131 7.06 2.54 -16.98
N SER B 132 5.75 2.62 -17.13
CA SER B 132 4.87 2.32 -16.02
C SER B 132 4.98 0.81 -15.75
N CYS B 133 5.06 0.42 -14.49
CA CYS B 133 5.17 -1.02 -14.15
C CYS B 133 4.00 -1.86 -14.65
N GLU B 134 2.80 -1.29 -14.70
CA GLU B 134 1.64 -2.02 -15.21
C GLU B 134 1.78 -2.35 -16.70
N MET B 135 2.56 -1.56 -17.44
CA MET B 135 2.80 -1.84 -18.83
C MET B 135 3.78 -2.99 -19.06
N ILE B 136 4.55 -3.40 -18.06
CA ILE B 136 5.56 -4.45 -18.28
C ILE B 136 4.90 -5.83 -18.53
N PRO B 137 3.95 -6.28 -17.67
CA PRO B 137 3.20 -7.51 -18.02
C PRO B 137 2.40 -7.36 -19.30
N HIS B 138 1.89 -6.15 -19.57
CA HIS B 138 1.09 -5.87 -20.79
C HIS B 138 1.98 -6.12 -22.01
N VAL B 139 3.22 -5.68 -21.95
CA VAL B 139 4.17 -5.87 -23.06
C VAL B 139 4.42 -7.33 -23.30
N LEU B 140 4.64 -8.08 -22.24
CA LEU B 140 4.87 -9.51 -22.44
C LEU B 140 3.64 -10.24 -22.99
N HIS B 141 2.46 -9.88 -22.49
CA HIS B 141 1.21 -10.49 -22.93
C HIS B 141 0.93 -10.17 -24.42
N SER B 142 1.07 -8.90 -24.78
CA SER B 142 0.83 -8.42 -26.18
C SER B 142 1.85 -9.02 -27.13
N PHE B 143 3.11 -9.12 -26.69
CA PHE B 143 4.12 -9.81 -27.46
C PHE B 143 3.70 -11.27 -27.72
N ALA B 144 3.33 -11.98 -26.65
CA ALA B 144 3.00 -13.41 -26.78
C ALA B 144 1.82 -13.63 -27.72
N THR B 145 0.78 -12.82 -27.57
CA THR B 145 -0.42 -13.04 -28.36
C THR B 145 -0.16 -12.69 -29.83
N SER B 146 0.56 -11.60 -30.10
CA SER B 146 0.91 -11.23 -31.50
C SER B 146 1.89 -12.21 -32.14
N ALA B 147 2.77 -12.78 -31.33
CA ALA B 147 3.66 -13.87 -31.78
C ALA B 147 2.95 -15.20 -31.95
N ASN B 148 1.69 -15.29 -31.52
CA ASN B 148 0.90 -16.50 -31.63
C ASN B 148 1.50 -17.70 -30.88
N LEU B 149 1.92 -17.45 -29.65
CA LEU B 149 2.59 -18.47 -28.84
C LEU B 149 2.12 -18.36 -27.40
N THR B 150 2.55 -19.32 -26.60
CA THR B 150 2.18 -19.43 -25.20
C THR B 150 3.42 -19.05 -24.42
N LEU B 151 3.27 -18.08 -23.51
CA LEU B 151 4.39 -17.54 -22.74
C LEU B 151 4.00 -17.44 -21.26
N HIS B 152 4.81 -18.06 -20.41
CA HIS B 152 4.69 -17.93 -18.92
C HIS B 152 5.95 -17.28 -18.40
N VAL B 153 5.79 -16.22 -17.60
CA VAL B 153 6.95 -15.49 -17.05
C VAL B 153 6.59 -15.20 -15.61
N GLU B 154 7.42 -15.66 -14.68
CA GLU B 154 7.21 -15.46 -13.24
C GLU B 154 8.50 -14.93 -12.63
N VAL B 155 8.39 -13.82 -11.91
CA VAL B 155 9.46 -13.42 -11.00
C VAL B 155 9.17 -14.19 -9.72
N LEU B 156 10.03 -15.12 -9.35
CA LEU B 156 9.79 -15.95 -8.16
C LEU B 156 9.85 -15.14 -6.87
N TYR B 157 10.80 -14.21 -6.86
CA TYR B 157 11.03 -13.32 -5.74
C TYR B 157 12.00 -12.26 -6.17
N GLY B 158 12.09 -11.21 -5.34
CA GLY B 158 13.02 -10.12 -5.57
C GLY B 158 12.66 -8.93 -4.69
N ALA B 159 13.51 -7.90 -4.70
CA ALA B 159 13.29 -6.67 -3.94
C ALA B 159 13.50 -5.36 -4.72
N ASN B 160 13.93 -5.45 -5.97
CA ASN B 160 14.20 -4.25 -6.78
C ASN B 160 13.50 -4.47 -8.09
N ASP B 161 12.60 -3.55 -8.44
CA ASP B 161 11.80 -3.73 -9.67
C ASP B 161 12.58 -3.75 -10.98
N HIS B 162 13.67 -2.99 -11.06
CA HIS B 162 14.55 -2.98 -12.27
C HIS B 162 15.14 -4.38 -12.38
N HIS B 163 15.58 -4.96 -11.25
CA HIS B 163 16.10 -6.33 -11.25
C HIS B 163 15.02 -7.35 -11.62
N LYS B 164 13.81 -7.15 -11.11
CA LYS B 164 12.70 -8.07 -11.42
C LYS B 164 12.36 -8.05 -12.90
N ALA B 165 12.10 -6.86 -13.44
CA ALA B 165 11.76 -6.66 -14.86
C ALA B 165 12.88 -7.16 -15.78
N GLU B 166 14.13 -6.78 -15.50
CA GLU B 166 15.24 -7.17 -16.33
C GLU B 166 15.51 -8.71 -16.31
N SER B 167 15.40 -9.32 -15.14
CA SER B 167 15.54 -10.74 -14.99
C SER B 167 14.45 -11.46 -15.80
N ALA B 168 13.24 -10.88 -15.82
CA ALA B 168 12.13 -11.43 -16.60
C ALA B 168 12.42 -11.39 -18.11
N PHE B 169 12.94 -10.27 -18.58
CA PHE B 169 13.27 -10.14 -20.00
C PHE B 169 14.46 -11.04 -20.40
N LYS B 170 15.47 -11.17 -19.52
CA LYS B 170 16.58 -12.06 -19.79
C LYS B 170 16.10 -13.52 -19.92
N ALA B 171 15.30 -13.94 -18.95
CA ALA B 171 14.78 -15.29 -18.92
C ALA B 171 13.90 -15.53 -20.15
N THR B 172 13.08 -14.55 -20.51
CA THR B 172 12.23 -14.66 -21.69
C THR B 172 13.08 -14.87 -22.94
N ALA B 173 14.13 -14.07 -23.07
CA ALA B 173 15.07 -14.18 -24.19
C ALA B 173 15.69 -15.57 -24.30
N LEU B 174 16.14 -16.09 -23.18
CA LEU B 174 16.75 -17.43 -23.15
C LEU B 174 15.77 -18.52 -23.56
N ALA B 175 14.55 -18.42 -23.06
CA ALA B 175 13.53 -19.42 -23.34
C ALA B 175 13.07 -19.36 -24.79
N LEU B 176 12.88 -18.14 -25.30
CA LEU B 176 12.56 -17.95 -26.74
C LEU B 176 13.66 -18.50 -27.62
N ARG B 177 14.91 -18.19 -27.27
CA ARG B 177 16.07 -18.73 -28.03
C ARG B 177 16.00 -20.27 -28.16
N GLU B 178 15.78 -20.93 -27.03
CA GLU B 178 15.71 -22.38 -26.98
C GLU B 178 14.56 -22.88 -27.84
N ALA B 179 13.38 -22.29 -27.65
CA ALA B 179 12.17 -22.73 -28.35
C ALA B 179 12.28 -22.66 -29.89
N VAL B 180 12.97 -21.64 -30.41
CA VAL B 180 13.07 -21.48 -31.87
C VAL B 180 14.34 -22.13 -32.46
N THR B 181 15.09 -22.86 -31.65
CA THR B 181 16.29 -23.51 -32.11
C THR B 181 15.89 -24.68 -33.01
N LYS B 182 16.58 -24.80 -34.14
CA LYS B 182 16.34 -25.94 -35.03
C LYS B 182 16.86 -27.23 -34.39
N ASP B 183 16.04 -28.28 -34.44
CA ASP B 183 16.33 -29.53 -33.74
C ASP B 183 15.59 -30.67 -34.43
N GLY B 184 16.33 -31.72 -34.77
CA GLY B 184 15.76 -32.91 -35.42
C GLY B 184 15.43 -32.68 -36.88
N PRO B 185 14.71 -33.63 -37.50
CA PRO B 185 14.33 -33.53 -38.91
C PRO B 185 13.65 -32.19 -39.27
N ALA B 186 14.11 -31.60 -40.37
CA ALA B 186 13.69 -30.25 -40.77
C ALA B 186 12.19 -30.11 -41.01
N ASP B 187 11.53 -31.17 -41.48
CA ASP B 187 10.10 -31.10 -41.83
C ASP B 187 9.14 -31.67 -40.77
N ALA B 188 9.67 -32.10 -39.63
CA ALA B 188 8.84 -32.66 -38.54
C ALA B 188 8.06 -31.50 -37.92
N VAL B 189 6.75 -31.69 -37.77
CA VAL B 189 5.88 -30.77 -37.05
C VAL B 189 5.89 -31.25 -35.59
N PRO B 190 6.33 -30.40 -34.64
CA PRO B 190 6.42 -30.88 -33.26
C PRO B 190 5.05 -30.82 -32.55
N SER B 191 4.08 -31.60 -33.03
CA SER B 191 2.73 -31.63 -32.47
C SER B 191 2.09 -32.98 -32.80
N THR B 192 1.46 -33.61 -31.80
CA THR B 192 0.71 -34.86 -32.04
C THR B 192 -0.47 -34.65 -32.99
N LYS B 193 -0.97 -33.44 -33.13
CA LYS B 193 -2.06 -33.18 -34.11
C LYS B 193 -1.54 -32.92 -35.53
N GLY B 194 -0.20 -32.87 -35.71
CA GLY B 194 0.43 -32.74 -37.04
C GLY B 194 0.35 -31.36 -37.68
N VAL B 195 -0.20 -30.39 -36.96
CA VAL B 195 -0.44 -29.04 -37.49
C VAL B 195 -0.02 -28.03 -36.41
N LEU B 196 0.80 -27.04 -36.77
CA LEU B 196 0.95 -25.81 -35.96
C LEU B 196 0.81 -24.59 -36.88
N GLU B 197 -0.39 -23.99 -36.88
CA GLU B 197 -0.86 -22.96 -37.85
C GLU B 197 -0.02 -21.70 -37.85
N LYS C 3 36.40 28.17 29.21
CA LYS C 3 35.26 27.29 29.64
C LYS C 3 33.93 27.75 29.03
N ARG C 4 33.14 26.80 28.57
CA ARG C 4 31.86 27.08 27.98
C ARG C 4 30.83 27.05 29.09
N GLU C 5 30.24 28.19 29.40
CA GLU C 5 29.40 28.32 30.57
C GLU C 5 28.25 29.22 30.28
N ALA C 6 27.20 29.10 31.09
CA ALA C 6 26.10 30.02 31.02
C ALA C 6 25.39 30.14 32.35
N GLN C 7 24.77 31.30 32.55
CA GLN C 7 23.89 31.56 33.70
C GLN C 7 22.61 32.10 33.18
N VAL C 8 21.50 31.52 33.63
CA VAL C 8 20.17 31.90 33.20
C VAL C 8 19.28 32.06 34.45
N ALA C 9 18.51 33.12 34.49
CA ALA C 9 17.43 33.32 35.49
C ALA C 9 16.11 33.51 34.77
N ARG C 10 15.07 32.80 35.24
CA ARG C 10 13.76 32.89 34.63
C ARG C 10 12.72 32.81 35.74
N GLU C 11 11.74 33.70 35.66
CA GLU C 11 10.66 33.76 36.64
C GLU C 11 9.33 33.92 35.97
N THR C 12 8.38 33.12 36.42
CA THR C 12 7.02 33.31 36.07
C THR C 12 6.15 33.36 37.35
N GLY C 13 4.83 33.46 37.20
CA GLY C 13 3.91 33.28 38.33
C GLY C 13 4.00 31.89 38.99
N GLU C 14 4.51 30.89 38.27
CA GLU C 14 4.61 29.53 38.80
C GLU C 14 5.95 29.24 39.49
N THR C 15 7.07 29.70 38.89
CA THR C 15 8.38 29.29 39.34
C THR C 15 9.37 30.44 39.23
N LYS C 16 10.41 30.36 40.05
CA LYS C 16 11.55 31.28 40.01
C LYS C 16 12.84 30.45 40.06
N ILE C 17 13.63 30.53 39.00
CA ILE C 17 14.71 29.57 38.80
C ILE C 17 16.00 30.29 38.43
N GLU C 18 17.12 29.79 38.97
CA GLU C 18 18.44 30.23 38.54
C GLU C 18 19.26 29.00 38.27
N VAL C 19 19.95 28.99 37.13
CA VAL C 19 20.88 27.93 36.78
C VAL C 19 22.23 28.52 36.42
N ARG C 20 23.28 27.85 36.82
CA ARG C 20 24.61 28.10 36.24
C ARG C 20 25.13 26.79 35.73
N LEU C 21 25.56 26.76 34.48
CA LEU C 21 26.05 25.52 33.87
C LEU C 21 27.42 25.73 33.24
N SER C 22 28.32 24.79 33.48
CA SER C 22 29.56 24.71 32.71
C SER C 22 29.60 23.39 31.95
N LEU C 23 29.87 23.46 30.64
CA LEU C 23 30.02 22.25 29.82
C LEU C 23 31.32 21.53 30.06
N ASP C 24 32.32 22.29 30.45
CA ASP C 24 33.64 21.76 30.55
C ASP C 24 33.96 21.70 32.03
N GLY C 25 33.24 20.82 32.72
CA GLY C 25 33.27 20.71 34.18
C GLY C 25 33.94 19.43 34.62
N THR C 26 33.75 19.09 35.90
CA THR C 26 34.21 17.81 36.43
C THR C 26 33.09 16.92 36.91
N GLY C 27 31.83 17.33 36.75
CA GLY C 27 30.71 16.50 37.24
C GLY C 27 30.06 16.94 38.54
N VAL C 28 30.41 18.12 39.02
CA VAL C 28 29.91 18.61 40.31
C VAL C 28 28.53 19.26 40.15
N SER C 29 27.64 19.00 41.10
CA SER C 29 26.31 19.58 41.06
C SER C 29 25.86 20.14 42.41
N ASP C 30 25.07 21.19 42.35
CA ASP C 30 24.48 21.77 43.53
C ASP C 30 23.06 22.15 43.13
N VAL C 31 22.18 21.15 43.28
CA VAL C 31 20.85 21.17 42.67
C VAL C 31 19.77 21.08 43.75
N LYS C 32 18.86 22.04 43.75
CA LYS C 32 17.67 22.08 44.61
C LYS C 32 16.46 22.53 43.83
N THR C 33 15.78 21.55 43.23
CA THR C 33 14.58 21.82 42.45
C THR C 33 13.38 21.94 43.35
N GLY C 34 13.47 21.37 44.56
CA GLY C 34 12.28 21.12 45.43
C GLY C 34 11.81 19.68 45.41
N ILE C 35 12.36 18.91 44.47
CA ILE C 35 11.94 17.52 44.23
C ILE C 35 13.18 16.62 44.25
N GLY C 36 13.30 15.84 45.32
CA GLY C 36 14.51 15.03 45.57
C GLY C 36 14.89 14.13 44.41
N PHE C 37 13.89 13.46 43.82
CA PHE C 37 14.21 12.53 42.74
C PHE C 37 14.66 13.29 41.50
N LEU C 38 14.10 14.46 41.22
CA LEU C 38 14.59 15.27 40.12
C LEU C 38 16.03 15.76 40.38
N ASP C 39 16.31 16.15 41.64
CA ASP C 39 17.69 16.51 42.04
C ASP C 39 18.66 15.39 41.72
N HIS C 40 18.27 14.16 42.03
CA HIS C 40 19.11 12.97 41.84
C HIS C 40 19.35 12.76 40.33
N MET C 41 18.28 12.87 39.55
CA MET C 41 18.42 12.78 38.09
C MET C 41 19.37 13.84 37.53
N LEU C 42 19.25 15.09 37.98
CA LEU C 42 20.11 16.15 37.46
C LEU C 42 21.53 16.05 37.95
N SER C 43 21.68 15.57 39.18
CA SER C 43 23.00 15.24 39.71
C SER C 43 23.68 14.12 38.89
N ALA C 44 22.93 13.09 38.52
CA ALA C 44 23.45 12.05 37.61
C ALA C 44 23.86 12.61 36.24
N LEU C 45 23.02 13.48 35.70
CA LEU C 45 23.27 14.13 34.41
C LEU C 45 24.57 14.88 34.45
N ALA C 46 24.75 15.72 35.46
CA ALA C 46 25.98 16.48 35.61
C ALA C 46 27.17 15.57 35.77
N LYS C 47 27.06 14.58 36.65
CA LYS C 47 28.18 13.70 37.03
C LYS C 47 28.70 12.98 35.81
N HIS C 48 27.81 12.35 35.06
CA HIS C 48 28.24 11.54 33.92
C HIS C 48 28.43 12.35 32.63
N GLY C 49 27.91 13.57 32.61
CA GLY C 49 28.16 14.51 31.52
C GLY C 49 29.51 15.21 31.65
N ARG C 50 30.10 15.15 32.86
CA ARG C 50 31.22 16.03 33.26
C ARG C 50 30.84 17.50 33.09
N PHE C 51 29.59 17.82 33.43
CA PHE C 51 29.11 19.17 33.51
C PHE C 51 29.18 19.62 34.96
N ASP C 52 29.27 20.92 35.16
CA ASP C 52 29.06 21.49 36.51
C ASP C 52 27.76 22.23 36.51
N LEU C 53 26.93 21.95 37.50
CA LEU C 53 25.59 22.44 37.49
C LEU C 53 25.15 22.97 38.87
N TYR C 54 24.73 24.23 38.89
CA TYR C 54 24.03 24.84 40.01
C TYR C 54 22.61 25.15 39.60
N LEU C 55 21.65 24.79 40.46
CA LEU C 55 20.28 25.09 40.19
C LEU C 55 19.48 25.29 41.48
N ARG C 56 18.64 26.33 41.44
CA ARG C 56 17.62 26.63 42.44
C ARG C 56 16.28 26.90 41.80
N CYS C 57 15.23 26.31 42.36
CA CYS C 57 13.87 26.57 41.92
C CYS C 57 13.03 26.83 43.16
N ALA C 58 12.29 27.93 43.15
CA ALA C 58 11.24 28.15 44.12
C ALA C 58 9.98 28.04 43.31
N GLY C 59 9.23 26.95 43.52
CA GLY C 59 8.14 26.57 42.62
C GLY C 59 6.82 26.40 43.36
N ASP C 60 5.82 25.91 42.64
CA ASP C 60 4.47 25.85 43.17
C ASP C 60 4.09 24.41 43.46
N LEU C 61 4.87 23.78 44.34
CA LEU C 61 4.70 22.32 44.62
C LEU C 61 3.40 21.95 45.31
N HIS C 62 2.78 22.93 45.96
CA HIS C 62 1.40 22.80 46.45
C HIS C 62 0.36 22.52 45.35
N VAL C 63 0.62 22.90 44.08
CA VAL C 63 -0.21 22.55 42.94
C VAL C 63 0.09 21.09 42.58
N ASP C 64 1.27 20.86 42.01
CA ASP C 64 1.86 19.54 41.83
C ASP C 64 3.32 19.76 41.44
N ASP C 65 3.97 18.71 40.93
CA ASP C 65 5.37 18.74 40.57
C ASP C 65 5.65 19.31 39.15
N HIS C 66 4.59 19.61 38.41
CA HIS C 66 4.67 19.79 36.97
C HIS C 66 5.40 21.09 36.60
N HIS C 67 4.92 22.23 37.08
CA HIS C 67 5.50 23.50 36.64
C HIS C 67 6.97 23.57 37.08
N THR C 68 7.27 23.09 38.30
CA THR C 68 8.65 22.99 38.77
C THR C 68 9.54 22.20 37.80
N SER C 69 9.10 20.98 37.49
CA SER C 69 9.95 20.06 36.74
C SER C 69 10.13 20.60 35.32
N GLU C 70 9.04 21.06 34.71
CA GLU C 70 9.08 21.59 33.34
C GLU C 70 10.00 22.80 33.24
N ASP C 71 9.77 23.75 34.14
CA ASP C 71 10.55 25.02 34.12
C ASP C 71 12.04 24.81 34.43
N CYS C 72 12.38 23.87 35.32
CA CYS C 72 13.79 23.51 35.52
C CYS C 72 14.39 22.99 34.23
N ALA C 73 13.64 22.16 33.51
CA ALA C 73 14.11 21.65 32.23
C ALA C 73 14.30 22.75 31.18
N ILE C 74 13.36 23.69 31.14
CA ILE C 74 13.39 24.80 30.20
C ILE C 74 14.67 25.61 30.47
N VAL C 75 14.86 25.97 31.74
CA VAL C 75 16.01 26.86 32.05
C VAL C 75 17.33 26.12 31.84
N LEU C 76 17.36 24.83 32.21
CA LEU C 76 18.52 24.02 31.98
C LEU C 76 18.84 23.96 30.48
N GLY C 77 17.81 23.85 29.65
CA GLY C 77 18.01 23.76 28.18
C GLY C 77 18.54 25.07 27.62
N GLN C 78 17.95 26.17 28.05
CA GLN C 78 18.41 27.50 27.69
C GLN C 78 19.86 27.71 28.04
N ALA C 79 20.24 27.29 29.25
CA ALA C 79 21.63 27.35 29.71
C ALA C 79 22.53 26.52 28.83
N PHE C 80 22.07 25.31 28.48
CA PHE C 80 22.84 24.39 27.62
C PHE C 80 23.07 24.98 26.23
N ARG C 81 22.02 25.57 25.65
CA ARG C 81 22.10 26.28 24.38
C ARG C 81 23.11 27.42 24.45
N GLN C 82 23.00 28.24 25.50
CA GLN C 82 23.93 29.38 25.62
C GLN C 82 25.37 28.93 25.81
N ALA C 83 25.58 27.90 26.61
CA ALA C 83 26.93 27.44 26.89
C ALA C 83 27.63 26.90 25.65
N ILE C 84 26.89 26.25 24.78
CA ILE C 84 27.48 25.73 23.55
C ILE C 84 27.99 26.88 22.69
N GLY C 85 27.20 27.96 22.65
CA GLY C 85 27.56 29.15 21.89
C GLY C 85 27.47 28.84 20.41
N GLU C 86 28.40 29.39 19.62
CA GLU C 86 28.44 29.12 18.18
C GLU C 86 28.67 27.63 17.92
N ARG C 87 27.88 27.09 17.00
CA ARG C 87 27.83 25.66 16.79
C ARG C 87 28.82 25.30 15.70
N LYS C 88 30.07 25.25 16.14
CA LYS C 88 31.24 24.99 15.31
C LYS C 88 32.28 24.23 16.12
N GLY C 89 33.09 23.44 15.44
CA GLY C 89 34.20 22.73 16.03
C GLY C 89 33.83 21.61 16.98
N ILE C 90 32.58 21.18 16.98
CA ILE C 90 32.15 20.11 17.88
C ILE C 90 31.79 18.88 17.11
N LYS C 91 31.67 17.76 17.82
CA LYS C 91 31.29 16.48 17.22
C LYS C 91 29.85 16.49 16.69
N ARG C 92 28.97 17.26 17.34
CA ARG C 92 27.54 17.45 16.94
C ARG C 92 26.64 16.26 17.29
N TYR C 93 27.11 15.06 16.98
CA TYR C 93 26.37 13.81 17.21
C TYR C 93 26.97 13.06 18.37
N GLY C 94 26.11 12.59 19.27
CA GLY C 94 26.56 11.71 20.33
C GLY C 94 25.55 10.61 20.57
N SER C 95 26.03 9.44 20.99
CA SER C 95 25.17 8.37 21.40
C SER C 95 25.83 7.60 22.51
N ALA C 96 25.02 6.95 23.32
CA ALA C 96 25.50 6.16 24.47
C ALA C 96 24.42 5.26 24.97
N TYR C 97 24.86 4.12 25.53
CA TYR C 97 24.02 3.24 26.30
C TYR C 97 24.48 3.27 27.74
N ALA C 98 23.53 3.26 28.65
CA ALA C 98 23.86 3.10 30.06
C ALA C 98 22.81 2.15 30.65
N PRO C 99 23.26 1.13 31.38
CA PRO C 99 22.33 0.29 32.11
C PRO C 99 22.23 0.77 33.57
N LEU C 100 21.24 0.26 34.27
CA LEU C 100 21.28 0.18 35.74
C LEU C 100 20.61 -1.15 36.11
N ASP C 101 21.47 -2.10 36.46
CA ASP C 101 21.09 -3.47 36.74
C ASP C 101 20.33 -4.07 35.53
N GLU C 102 19.05 -4.40 35.70
CA GLU C 102 18.28 -5.02 34.64
C GLU C 102 17.82 -4.06 33.52
N SER C 103 17.82 -2.76 33.81
CA SER C 103 17.39 -1.75 32.84
C SER C 103 18.51 -1.35 31.88
N LEU C 104 18.16 -1.02 30.65
CA LEU C 104 19.09 -0.51 29.65
C LEU C 104 18.44 0.65 28.88
N ALA C 105 19.18 1.74 28.78
CA ALA C 105 18.71 2.95 28.06
C ALA C 105 19.73 3.36 27.03
N ARG C 106 19.25 3.97 25.95
CA ARG C 106 20.07 4.55 24.90
C ARG C 106 19.63 5.98 24.74
N ALA C 107 20.59 6.91 24.57
CA ALA C 107 20.30 8.27 24.18
C ALA C 107 21.10 8.63 22.95
N VAL C 108 20.48 9.45 22.10
CA VAL C 108 21.12 9.96 20.91
C VAL C 108 20.83 11.46 20.82
N VAL C 109 21.91 12.21 20.61
CA VAL C 109 21.90 13.69 20.55
C VAL C 109 22.44 14.13 19.18
N ASP C 110 21.73 15.09 18.60
CA ASP C 110 22.17 15.85 17.45
C ASP C 110 22.02 17.34 17.80
N ILE C 111 23.14 18.05 17.91
CA ILE C 111 23.13 19.52 18.09
C ILE C 111 22.79 20.12 16.71
N SER C 112 21.50 20.19 16.44
CA SER C 112 20.92 20.37 15.11
C SER C 112 20.33 21.75 14.84
N SER C 113 20.10 22.51 15.91
CA SER C 113 19.31 23.74 15.87
C SER C 113 17.88 23.52 15.34
N ARG C 114 17.37 22.31 15.52
CA ARG C 114 16.00 21.96 15.26
C ARG C 114 15.52 21.30 16.53
N PRO C 115 14.65 21.99 17.27
CA PRO C 115 14.18 21.36 18.51
C PRO C 115 13.25 20.16 18.25
N PHE C 116 13.62 19.01 18.79
CA PHE C 116 12.80 17.80 18.61
C PHE C 116 13.22 16.78 19.63
N ALA C 117 12.26 16.05 20.17
CA ALA C 117 12.60 14.92 21.01
C ALA C 117 11.67 13.75 20.77
N VAL C 118 12.25 12.55 20.84
CA VAL C 118 11.52 11.31 20.79
C VAL C 118 11.91 10.52 22.06
N ILE C 119 10.94 10.32 22.98
CA ILE C 119 11.24 9.80 24.32
C ILE C 119 10.31 8.63 24.60
N ASP C 120 10.90 7.51 25.00
CA ASP C 120 10.15 6.27 25.24
C ASP C 120 10.79 5.58 26.44
N LEU C 121 10.33 5.88 27.65
CA LEU C 121 10.99 5.39 28.87
C LEU C 121 10.37 4.17 29.53
N LYS C 122 9.15 3.80 29.10
CA LYS C 122 8.50 2.55 29.57
C LYS C 122 8.27 2.54 31.09
N LEU C 123 8.02 3.71 31.66
CA LEU C 123 7.84 3.79 33.10
C LEU C 123 6.43 3.31 33.43
N LYS C 124 6.32 2.47 34.45
CA LYS C 124 5.05 1.85 34.85
C LYS C 124 4.38 2.54 36.01
N ARG C 125 5.14 3.17 36.89
CA ARG C 125 4.59 3.80 38.08
C ARG C 125 4.02 5.16 37.81
N GLU C 126 3.28 5.65 38.80
CA GLU C 126 2.75 6.99 38.76
C GLU C 126 3.78 8.01 39.24
N LYS C 127 4.54 7.69 40.29
CA LYS C 127 5.63 8.58 40.76
C LYS C 127 6.84 7.81 41.19
N ILE C 128 7.99 8.47 41.12
CA ILE C 128 9.18 7.98 41.72
C ILE C 128 9.52 9.05 42.75
N GLY C 129 9.51 8.68 44.02
CA GLY C 129 9.55 9.70 45.07
C GLY C 129 8.43 10.70 44.88
N GLU C 130 8.78 11.98 44.85
CA GLU C 130 7.83 13.06 44.58
C GLU C 130 7.76 13.50 43.11
N LEU C 131 8.52 12.86 42.22
CA LEU C 131 8.50 13.20 40.80
C LEU C 131 7.50 12.29 40.04
N SER C 132 6.48 12.89 39.46
CA SER C 132 5.55 12.12 38.63
C SER C 132 6.25 11.51 37.41
N CYS C 133 6.01 10.22 37.18
CA CYS C 133 6.58 9.54 36.02
C CYS C 133 6.24 10.23 34.71
N GLU C 134 5.04 10.76 34.56
CA GLU C 134 4.69 11.48 33.32
C GLU C 134 5.54 12.74 33.08
N MET C 135 6.07 13.34 34.15
CA MET C 135 6.97 14.47 34.01
C MET C 135 8.38 14.12 33.54
N ILE C 136 8.78 12.85 33.61
CA ILE C 136 10.16 12.49 33.28
C ILE C 136 10.40 12.65 31.77
N PRO C 137 9.52 12.09 30.91
CA PRO C 137 9.67 12.41 29.47
C PRO C 137 9.45 13.90 29.15
N HIS C 138 8.57 14.55 29.91
CA HIS C 138 8.31 15.98 29.72
C HIS C 138 9.60 16.77 30.00
N VAL C 139 10.35 16.36 31.00
CA VAL C 139 11.61 17.03 31.33
C VAL C 139 12.58 16.87 30.19
N LEU C 140 12.72 15.65 29.68
CA LEU C 140 13.66 15.41 28.56
C LEU C 140 13.27 16.18 27.29
N HIS C 141 11.97 16.20 27.02
CA HIS C 141 11.43 16.90 25.86
C HIS C 141 11.64 18.42 25.95
N SER C 142 11.30 18.99 27.08
CA SER C 142 11.42 20.44 27.32
C SER C 142 12.91 20.87 27.33
N PHE C 143 13.77 20.03 27.91
CA PHE C 143 15.20 20.26 27.87
C PHE C 143 15.67 20.35 26.41
N ALA C 144 15.30 19.36 25.60
CA ALA C 144 15.77 19.28 24.22
C ALA C 144 15.31 20.47 23.43
N THR C 145 14.06 20.88 23.64
CA THR C 145 13.48 21.94 22.83
C THR C 145 14.10 23.30 23.19
N SER C 146 14.25 23.55 24.48
CA SER C 146 14.97 24.73 24.95
C SER C 146 16.46 24.78 24.65
N ALA C 147 17.09 23.61 24.58
CA ALA C 147 18.47 23.49 24.18
C ALA C 147 18.66 23.61 22.66
N ASN C 148 17.56 23.68 21.91
CA ASN C 148 17.55 23.77 20.45
C ASN C 148 18.30 22.59 19.84
N LEU C 149 17.99 21.38 20.30
CA LEU C 149 18.66 20.20 19.77
C LEU C 149 17.70 19.05 19.56
N THR C 150 18.21 18.00 18.94
CA THR C 150 17.44 16.78 18.70
C THR C 150 17.86 15.71 19.68
N LEU C 151 16.90 15.16 20.43
CA LEU C 151 17.19 14.15 21.48
C LEU C 151 16.28 12.93 21.39
N HIS C 152 16.87 11.73 21.27
CA HIS C 152 16.12 10.50 21.27
C HIS C 152 16.57 9.73 22.49
N VAL C 153 15.63 9.36 23.35
CA VAL C 153 15.93 8.54 24.53
C VAL C 153 14.96 7.39 24.62
N GLU C 154 15.49 6.19 24.70
CA GLU C 154 14.69 4.96 24.78
C GLU C 154 15.24 4.09 25.90
N VAL C 155 14.35 3.67 26.78
CA VAL C 155 14.60 2.57 27.69
C VAL C 155 14.19 1.33 26.92
N LEU C 156 15.17 0.51 26.58
CA LEU C 156 14.90 -0.65 25.74
C LEU C 156 14.08 -1.68 26.51
N TYR C 157 14.40 -1.82 27.79
CA TYR C 157 13.73 -2.76 28.69
C TYR C 157 14.14 -2.45 30.09
N GLY C 158 13.35 -2.98 31.02
CA GLY C 158 13.71 -3.01 32.42
C GLY C 158 12.50 -3.36 33.27
N ALA C 159 12.68 -3.33 34.58
CA ALA C 159 11.63 -3.72 35.52
C ALA C 159 11.46 -2.80 36.73
N ASN C 160 12.37 -1.85 36.91
CA ASN C 160 12.32 -0.93 38.06
C ASN C 160 12.38 0.48 37.51
N ASP C 161 11.38 1.30 37.85
CA ASP C 161 11.26 2.63 37.24
C ASP C 161 12.42 3.57 37.62
N HIS C 162 12.91 3.49 38.85
CA HIS C 162 14.09 4.30 39.26
C HIS C 162 15.30 3.89 38.41
N HIS C 163 15.50 2.57 38.20
CA HIS C 163 16.55 2.11 37.30
C HIS C 163 16.33 2.61 35.84
N LYS C 164 15.10 2.56 35.36
CA LYS C 164 14.81 3.05 34.01
C LYS C 164 15.10 4.54 33.84
N ALA C 165 14.55 5.35 34.74
CA ALA C 165 14.73 6.79 34.69
C ALA C 165 16.20 7.15 34.83
N GLU C 166 16.87 6.53 35.80
CA GLU C 166 18.25 6.85 36.04
C GLU C 166 19.15 6.42 34.90
N SER C 167 18.92 5.23 34.36
CA SER C 167 19.68 4.82 33.18
C SER C 167 19.49 5.80 32.00
N ALA C 168 18.27 6.31 31.85
CA ALA C 168 17.99 7.25 30.77
C ALA C 168 18.77 8.56 30.95
N PHE C 169 18.85 9.05 32.19
CA PHE C 169 19.61 10.30 32.48
C PHE C 169 21.10 10.05 32.33
N LYS C 170 21.59 8.89 32.75
CA LYS C 170 23.00 8.55 32.53
C LYS C 170 23.37 8.51 31.03
N ALA C 171 22.54 7.83 30.26
CA ALA C 171 22.74 7.70 28.84
C ALA C 171 22.67 9.05 28.17
N THR C 172 21.71 9.86 28.57
CA THR C 172 21.55 11.21 28.01
C THR C 172 22.80 12.05 28.30
N ALA C 173 23.31 11.98 29.54
CA ALA C 173 24.54 12.69 29.93
C ALA C 173 25.72 12.30 29.06
N LEU C 174 25.90 11.00 28.87
CA LEU C 174 27.03 10.48 28.08
C LEU C 174 26.96 10.95 26.61
N ALA C 175 25.77 10.90 26.03
CA ALA C 175 25.54 11.33 24.65
C ALA C 175 25.70 12.83 24.48
N LEU C 176 25.21 13.58 25.45
CA LEU C 176 25.39 15.05 25.45
C LEU C 176 26.86 15.39 25.54
N ARG C 177 27.58 14.72 26.43
CA ARG C 177 29.04 14.88 26.56
C ARG C 177 29.77 14.66 25.24
N GLU C 178 29.47 13.56 24.58
CA GLU C 178 30.08 13.27 23.28
C GLU C 178 29.72 14.36 22.27
N ALA C 179 28.45 14.71 22.16
CA ALA C 179 28.02 15.65 21.11
C ALA C 179 28.66 17.06 21.22
N VAL C 180 28.92 17.52 22.43
CA VAL C 180 29.55 18.82 22.64
C VAL C 180 31.08 18.78 22.74
N THR C 181 31.68 17.60 22.59
CA THR C 181 33.16 17.47 22.56
C THR C 181 33.77 18.18 21.36
N LYS C 182 34.83 18.95 21.60
CA LYS C 182 35.56 19.61 20.51
C LYS C 182 36.29 18.54 19.69
N ASP C 183 36.21 18.66 18.36
CA ASP C 183 36.78 17.65 17.47
C ASP C 183 37.07 18.35 16.14
N GLY C 184 38.28 18.15 15.61
CA GLY C 184 38.67 18.71 14.31
C GLY C 184 38.80 20.22 14.34
N PRO C 185 38.87 20.88 13.16
CA PRO C 185 39.07 22.34 13.10
C PRO C 185 38.03 23.12 13.88
N ALA C 186 38.49 24.12 14.64
CA ALA C 186 37.65 24.91 15.55
C ALA C 186 36.54 25.70 14.86
N ASP C 187 36.79 26.14 13.62
CA ASP C 187 35.86 26.98 12.89
C ASP C 187 34.93 26.21 11.94
N ALA C 188 35.11 24.89 11.85
CA ALA C 188 34.29 24.09 10.94
C ALA C 188 32.85 24.03 11.49
N VAL C 189 31.86 24.23 10.63
CA VAL C 189 30.46 24.04 10.97
C VAL C 189 30.09 22.60 10.57
N PRO C 190 29.69 21.75 11.54
CA PRO C 190 29.35 20.34 11.23
C PRO C 190 27.97 20.15 10.57
N SER C 191 27.79 20.74 9.39
CA SER C 191 26.54 20.67 8.60
C SER C 191 26.86 20.89 7.12
N THR C 192 26.26 20.07 6.27
CA THR C 192 26.34 20.28 4.84
C THR C 192 25.73 21.64 4.40
N LYS C 193 24.83 22.24 5.18
CA LYS C 193 24.25 23.54 4.82
C LYS C 193 25.04 24.74 5.34
N GLY C 194 26.10 24.46 6.09
CA GLY C 194 27.06 25.48 6.51
C GLY C 194 26.60 26.35 7.66
N VAL C 195 25.45 26.04 8.24
CA VAL C 195 24.84 26.86 9.28
C VAL C 195 24.20 25.93 10.31
N LEU C 196 24.42 26.22 11.60
CA LEU C 196 23.63 25.69 12.70
C LEU C 196 23.32 26.88 13.60
N GLU C 197 22.12 27.45 13.44
CA GLU C 197 21.67 28.70 14.10
C GLU C 197 21.68 28.65 15.63
N LYS D 3 21.82 -50.60 -30.39
CA LYS D 3 20.49 -49.93 -30.55
C LYS D 3 19.81 -49.90 -29.19
N ARG D 4 19.39 -48.71 -28.76
CA ARG D 4 18.71 -48.58 -27.45
C ARG D 4 17.23 -48.86 -27.63
N GLU D 5 16.88 -50.14 -27.57
CA GLU D 5 15.52 -50.62 -27.83
C GLU D 5 15.15 -51.72 -26.87
N ALA D 6 13.86 -52.01 -26.80
CA ALA D 6 13.36 -53.07 -25.95
C ALA D 6 11.99 -53.54 -26.42
N GLN D 7 11.72 -54.82 -26.24
CA GLN D 7 10.40 -55.39 -26.42
C GLN D 7 10.05 -56.13 -25.12
N VAL D 8 8.88 -55.83 -24.55
CA VAL D 8 8.44 -56.46 -23.31
C VAL D 8 7.00 -56.95 -23.49
N ALA D 9 6.75 -58.18 -23.05
CA ALA D 9 5.41 -58.77 -23.05
C ALA D 9 5.13 -59.16 -21.60
N ARG D 10 3.91 -58.91 -21.13
CA ARG D 10 3.54 -59.25 -19.77
C ARG D 10 2.06 -59.59 -19.74
N GLU D 11 1.74 -60.71 -19.09
CA GLU D 11 0.37 -61.13 -18.87
C GLU D 11 0.11 -61.48 -17.40
N THR D 12 -1.02 -60.98 -16.89
CA THR D 12 -1.61 -61.43 -15.65
C THR D 12 -3.06 -61.78 -15.97
N GLY D 13 -3.82 -62.16 -14.95
CA GLY D 13 -5.24 -62.35 -15.10
C GLY D 13 -6.04 -61.07 -15.36
N GLU D 14 -5.42 -59.90 -15.21
CA GLU D 14 -6.12 -58.62 -15.49
C GLU D 14 -5.80 -58.04 -16.90
N THR D 15 -4.55 -58.17 -17.34
CA THR D 15 -4.07 -57.52 -18.56
C THR D 15 -3.06 -58.39 -19.31
N LYS D 16 -3.05 -58.19 -20.62
CA LYS D 16 -2.05 -58.80 -21.49
C LYS D 16 -1.53 -57.70 -22.40
N ILE D 17 -0.23 -57.42 -22.29
CA ILE D 17 0.35 -56.22 -22.84
C ILE D 17 1.58 -56.58 -23.64
N GLU D 18 1.79 -55.87 -24.75
CA GLU D 18 3.08 -55.84 -25.41
C GLU D 18 3.51 -54.39 -25.69
N VAL D 19 4.78 -54.10 -25.43
CA VAL D 19 5.41 -52.80 -25.77
C VAL D 19 6.64 -53.04 -26.62
N ARG D 20 6.85 -52.17 -27.59
CA ARG D 20 8.13 -52.03 -28.26
C ARG D 20 8.56 -50.57 -28.24
N LEU D 21 9.82 -50.33 -27.87
CA LEU D 21 10.33 -49.00 -27.62
C LEU D 21 11.73 -48.83 -28.19
N SER D 22 11.95 -47.73 -28.90
CA SER D 22 13.31 -47.22 -29.22
C SER D 22 13.48 -45.89 -28.50
N LEU D 23 14.59 -45.71 -27.81
CA LEU D 23 14.88 -44.41 -27.20
C LEU D 23 15.28 -43.38 -28.22
N ASP D 24 15.95 -43.81 -29.28
CA ASP D 24 16.54 -42.86 -30.20
C ASP D 24 15.67 -42.91 -31.43
N GLY D 25 14.44 -42.43 -31.26
CA GLY D 25 13.40 -42.48 -32.27
C GLY D 25 13.19 -41.15 -32.96
N THR D 26 12.04 -41.04 -33.61
CA THR D 26 11.58 -39.79 -34.19
C THR D 26 10.26 -39.33 -33.61
N GLY D 27 9.72 -40.03 -32.61
CA GLY D 27 8.43 -39.60 -32.01
C GLY D 27 7.20 -40.34 -32.50
N VAL D 28 7.40 -41.41 -33.25
CA VAL D 28 6.29 -42.14 -33.84
C VAL D 28 5.65 -43.02 -32.78
N SER D 29 4.33 -43.00 -32.69
CA SER D 29 3.67 -43.88 -31.75
C SER D 29 2.51 -44.61 -32.39
N ASP D 30 2.34 -45.85 -31.94
CA ASP D 30 1.23 -46.70 -32.31
C ASP D 30 0.73 -47.33 -31.00
N VAL D 31 -0.11 -46.56 -30.29
CA VAL D 31 -0.49 -46.91 -28.93
C VAL D 31 -1.98 -47.15 -28.84
N LYS D 32 -2.36 -48.37 -28.43
CA LYS D 32 -3.75 -48.71 -28.11
C LYS D 32 -3.81 -49.41 -26.76
N THR D 33 -4.08 -48.63 -25.72
CA THR D 33 -4.18 -49.15 -24.36
C THR D 33 -5.58 -49.64 -24.07
N GLY D 34 -6.53 -49.28 -24.93
CA GLY D 34 -7.94 -49.42 -24.67
C GLY D 34 -8.60 -48.19 -24.06
N ILE D 35 -7.80 -47.19 -23.66
CA ILE D 35 -8.31 -45.92 -23.10
C ILE D 35 -7.71 -44.79 -23.93
N GLY D 36 -8.58 -44.09 -24.65
CA GLY D 36 -8.18 -43.06 -25.60
C GLY D 36 -7.33 -41.96 -25.01
N PHE D 37 -7.70 -41.48 -23.82
CA PHE D 37 -6.94 -40.37 -23.24
C PHE D 37 -5.58 -40.82 -22.80
N LEU D 38 -5.46 -42.06 -22.32
CA LEU D 38 -4.15 -42.61 -22.02
C LEU D 38 -3.33 -42.75 -23.32
N ASP D 39 -3.97 -43.20 -24.40
CA ASP D 39 -3.27 -43.28 -25.69
C ASP D 39 -2.71 -41.93 -26.08
N HIS D 40 -3.53 -40.89 -25.93
CA HIS D 40 -3.12 -39.50 -26.21
C HIS D 40 -1.91 -39.07 -25.36
N MET D 41 -1.92 -39.36 -24.04
CA MET D 41 -0.79 -39.01 -23.18
C MET D 41 0.48 -39.75 -23.57
N LEU D 42 0.37 -41.04 -23.91
CA LEU D 42 1.57 -41.79 -24.27
C LEU D 42 2.08 -41.41 -25.67
N SER D 43 1.19 -40.96 -26.55
CA SER D 43 1.54 -40.40 -27.86
CA SER D 43 1.59 -40.43 -27.86
C SER D 43 2.30 -39.08 -27.68
N ALA D 44 1.80 -38.24 -26.79
CA ALA D 44 2.52 -37.01 -26.46
C ALA D 44 3.92 -37.32 -25.91
N LEU D 45 4.00 -38.33 -25.04
CA LEU D 45 5.23 -38.72 -24.42
C LEU D 45 6.20 -39.13 -25.51
N ALA D 46 5.79 -39.99 -26.43
CA ALA D 46 6.69 -40.42 -27.51
C ALA D 46 7.13 -39.27 -28.42
N LYS D 47 6.17 -38.41 -28.79
CA LYS D 47 6.39 -37.38 -29.77
C LYS D 47 7.40 -36.38 -29.23
N HIS D 48 7.18 -35.91 -28.00
CA HIS D 48 8.06 -34.91 -27.42
C HIS D 48 9.35 -35.47 -26.81
N GLY D 49 9.37 -36.76 -26.52
CA GLY D 49 10.58 -37.46 -26.11
C GLY D 49 11.45 -37.92 -27.27
N ARG D 50 10.92 -37.87 -28.48
CA ARG D 50 11.53 -38.47 -29.68
C ARG D 50 11.81 -39.96 -29.46
N PHE D 51 10.87 -40.63 -28.79
CA PHE D 51 10.89 -42.08 -28.63
C PHE D 51 9.97 -42.65 -29.71
N ASP D 52 10.25 -43.86 -30.15
CA ASP D 52 9.29 -44.61 -30.96
C ASP D 52 8.64 -45.65 -30.07
N LEU D 53 7.30 -45.65 -30.03
CA LEU D 53 6.55 -46.52 -29.11
C LEU D 53 5.36 -47.25 -29.75
N TYR D 54 5.33 -48.57 -29.55
CA TYR D 54 4.19 -49.39 -29.92
C TYR D 54 3.69 -50.05 -28.68
N LEU D 55 2.38 -50.05 -28.49
CA LEU D 55 1.78 -50.61 -27.28
C LEU D 55 0.43 -51.20 -27.63
N ARG D 56 0.22 -52.41 -27.15
CA ARG D 56 -1.10 -53.03 -27.13
C ARG D 56 -1.43 -53.60 -25.75
N CYS D 57 -2.68 -53.38 -25.35
CA CYS D 57 -3.14 -53.87 -24.06
C CYS D 57 -4.52 -54.43 -24.24
N ALA D 58 -4.72 -55.69 -23.87
CA ALA D 58 -6.07 -56.24 -23.71
C ALA D 58 -6.21 -56.39 -22.19
N GLY D 59 -7.13 -55.61 -21.64
CA GLY D 59 -7.26 -55.43 -20.19
C GLY D 59 -8.71 -55.51 -19.76
N ASP D 60 -8.93 -55.36 -18.45
CA ASP D 60 -10.25 -55.59 -17.85
C ASP D 60 -10.98 -54.27 -17.63
N LEU D 61 -11.25 -53.54 -18.71
CA LEU D 61 -11.97 -52.25 -18.63
C LEU D 61 -13.40 -52.34 -18.09
N HIS D 62 -13.99 -53.53 -18.19
CA HIS D 62 -15.29 -53.82 -17.56
C HIS D 62 -15.27 -53.70 -16.00
N VAL D 63 -14.08 -53.73 -15.41
CA VAL D 63 -13.89 -53.55 -13.98
C VAL D 63 -13.77 -52.05 -13.78
N ASP D 64 -12.69 -51.48 -14.30
CA ASP D 64 -12.46 -50.02 -14.37
C ASP D 64 -11.16 -49.82 -15.15
N ASP D 65 -10.65 -48.58 -15.20
CA ASP D 65 -9.46 -48.25 -15.99
C ASP D 65 -8.16 -48.56 -15.30
N HIS D 66 -8.23 -48.99 -14.04
CA HIS D 66 -7.06 -49.06 -13.17
C HIS D 66 -5.97 -50.06 -13.60
N HIS D 67 -6.35 -51.33 -13.74
CA HIS D 67 -5.38 -52.37 -13.98
C HIS D 67 -4.68 -52.16 -15.35
N THR D 68 -5.48 -51.75 -16.33
CA THR D 68 -4.98 -51.41 -17.66
C THR D 68 -3.94 -50.31 -17.57
N SER D 69 -4.32 -49.19 -16.95
CA SER D 69 -3.43 -48.02 -16.91
C SER D 69 -2.15 -48.32 -16.13
N GLU D 70 -2.30 -48.96 -14.97
CA GLU D 70 -1.18 -49.34 -14.16
C GLU D 70 -0.22 -50.29 -14.88
N ASP D 71 -0.78 -51.31 -15.51
CA ASP D 71 0.09 -52.33 -16.12
C ASP D 71 0.75 -51.79 -17.38
N CYS D 72 0.05 -50.91 -18.10
CA CYS D 72 0.68 -50.19 -19.25
C CYS D 72 1.90 -49.41 -18.76
N ALA D 73 1.74 -48.75 -17.62
CA ALA D 73 2.83 -47.96 -17.06
C ALA D 73 4.00 -48.87 -16.63
N ILE D 74 3.68 -50.02 -16.04
CA ILE D 74 4.70 -50.96 -15.59
C ILE D 74 5.52 -51.49 -16.78
N VAL D 75 4.81 -51.95 -17.77
CA VAL D 75 5.48 -52.49 -18.96
C VAL D 75 6.31 -51.43 -19.69
N LEU D 76 5.75 -50.22 -19.83
CA LEU D 76 6.52 -49.10 -20.41
C LEU D 76 7.79 -48.80 -19.64
N GLY D 77 7.69 -48.75 -18.30
CA GLY D 77 8.84 -48.55 -17.46
C GLY D 77 9.87 -49.64 -17.62
N GLN D 78 9.43 -50.90 -17.67
CA GLN D 78 10.40 -51.98 -17.87
C GLN D 78 11.11 -51.87 -19.21
N ALA D 79 10.36 -51.53 -20.25
CA ALA D 79 10.92 -51.32 -21.58
C ALA D 79 11.93 -50.19 -21.57
N PHE D 80 11.62 -49.14 -20.83
CA PHE D 80 12.52 -47.99 -20.71
C PHE D 80 13.82 -48.35 -20.04
N ARG D 81 13.71 -49.04 -18.93
CA ARG D 81 14.84 -49.57 -18.20
C ARG D 81 15.74 -50.46 -19.10
N GLN D 82 15.11 -51.39 -19.84
CA GLN D 82 15.87 -52.30 -20.71
C GLN D 82 16.54 -51.52 -21.86
N ALA D 83 15.80 -50.61 -22.46
CA ALA D 83 16.32 -49.79 -23.58
C ALA D 83 17.50 -48.89 -23.25
N ILE D 84 17.52 -48.37 -22.03
CA ILE D 84 18.64 -47.59 -21.55
C ILE D 84 19.90 -48.46 -21.49
N GLY D 85 19.74 -49.71 -21.04
CA GLY D 85 20.87 -50.64 -20.88
C GLY D 85 21.78 -50.20 -19.76
N GLU D 86 23.08 -50.46 -19.91
CA GLU D 86 24.06 -50.06 -18.91
C GLU D 86 24.01 -48.55 -18.72
N ARG D 87 24.07 -48.12 -17.47
CA ARG D 87 23.87 -46.72 -17.14
C ARG D 87 25.24 -46.06 -17.11
N LYS D 88 25.70 -45.76 -18.32
CA LYS D 88 26.96 -45.08 -18.57
C LYS D 88 26.86 -44.22 -19.82
N GLY D 89 27.70 -43.19 -19.88
CA GLY D 89 27.78 -42.31 -21.04
C GLY D 89 26.60 -41.39 -21.26
N ILE D 90 25.74 -41.17 -20.26
CA ILE D 90 24.47 -40.41 -20.41
C ILE D 90 24.46 -39.24 -19.46
N LYS D 91 23.60 -38.27 -19.72
CA LYS D 91 23.54 -37.08 -18.89
C LYS D 91 23.05 -37.38 -17.50
N ARG D 92 22.20 -38.42 -17.36
CA ARG D 92 21.63 -38.88 -16.07
C ARG D 92 20.47 -38.00 -15.57
N TYR D 93 20.73 -36.70 -15.50
CA TYR D 93 19.73 -35.72 -15.04
C TYR D 93 19.06 -35.06 -16.19
N GLY D 94 17.75 -34.91 -16.11
CA GLY D 94 17.03 -34.07 -17.06
C GLY D 94 15.92 -33.25 -16.37
N SER D 95 15.63 -32.08 -16.94
CA SER D 95 14.50 -31.30 -16.41
C SER D 95 13.93 -30.48 -17.52
N ALA D 96 12.63 -30.23 -17.45
CA ALA D 96 11.95 -29.42 -18.45
C ALA D 96 10.65 -28.85 -17.91
N TYR D 97 10.26 -27.71 -18.47
CA TYR D 97 8.93 -27.15 -18.30
C TYR D 97 8.16 -27.24 -19.61
N ALA D 98 6.87 -27.54 -19.51
CA ALA D 98 5.98 -27.42 -20.64
C ALA D 98 4.68 -26.85 -20.17
N PRO D 99 4.15 -25.84 -20.86
CA PRO D 99 2.83 -25.37 -20.55
C PRO D 99 1.82 -26.03 -21.51
N LEU D 100 0.55 -25.89 -21.20
CA LEU D 100 -0.48 -25.93 -22.23
C LEU D 100 -1.48 -24.85 -21.87
N ASP D 101 -1.49 -23.80 -22.68
CA ASP D 101 -2.28 -22.60 -22.42
C ASP D 101 -2.03 -22.10 -20.97
N GLU D 102 -3.02 -22.20 -20.09
CA GLU D 102 -2.90 -21.62 -18.73
C GLU D 102 -2.17 -22.53 -17.74
N SER D 103 -2.04 -23.83 -18.05
CA SER D 103 -1.34 -24.78 -17.20
C SER D 103 0.17 -24.77 -17.46
N LEU D 104 0.95 -25.05 -16.42
CA LEU D 104 2.39 -25.17 -16.51
C LEU D 104 2.83 -26.37 -15.66
N ALA D 105 3.68 -27.20 -16.22
CA ALA D 105 4.23 -28.36 -15.50
C ALA D 105 5.73 -28.39 -15.62
N ARG D 106 6.34 -28.99 -14.61
CA ARG D 106 7.78 -29.22 -14.57
C ARG D 106 7.99 -30.71 -14.32
N ALA D 107 8.96 -31.31 -15.02
CA ALA D 107 9.40 -32.66 -14.73
C ALA D 107 10.91 -32.68 -14.53
N VAL D 108 11.36 -33.52 -13.59
CA VAL D 108 12.74 -33.70 -13.29
C VAL D 108 12.97 -35.19 -13.22
N VAL D 109 14.00 -35.64 -13.92
CA VAL D 109 14.38 -37.06 -14.03
C VAL D 109 15.81 -37.25 -13.54
N ASP D 110 16.02 -38.29 -12.74
CA ASP D 110 17.37 -38.77 -12.36
C ASP D 110 17.41 -40.27 -12.66
N ILE D 111 18.23 -40.70 -13.64
CA ILE D 111 18.43 -42.13 -13.89
C ILE D 111 19.35 -42.64 -12.76
N SER D 112 18.73 -42.95 -11.62
CA SER D 112 19.43 -43.17 -10.36
C SER D 112 19.61 -44.62 -9.94
N SER D 113 18.86 -45.51 -10.56
CA SER D 113 18.73 -46.89 -10.09
C SER D 113 18.11 -46.97 -8.69
N ARG D 114 17.33 -45.94 -8.36
CA ARG D 114 16.57 -45.93 -7.11
C ARG D 114 15.16 -45.60 -7.48
N PRO D 115 14.25 -46.56 -7.41
CA PRO D 115 12.89 -46.28 -7.85
C PRO D 115 12.15 -45.29 -6.92
N PHE D 116 11.76 -44.13 -7.44
CA PHE D 116 11.10 -43.12 -6.58
C PHE D 116 10.37 -42.12 -7.44
N ALA D 117 9.19 -41.71 -6.99
CA ALA D 117 8.52 -40.62 -7.66
C ALA D 117 7.80 -39.71 -6.68
N VAL D 118 7.74 -38.43 -7.07
CA VAL D 118 7.04 -37.38 -6.35
C VAL D 118 6.17 -36.71 -7.41
N ILE D 119 4.85 -36.85 -7.31
CA ILE D 119 3.93 -36.40 -8.34
C ILE D 119 2.87 -35.50 -7.71
N ASP D 120 2.68 -34.32 -8.27
CA ASP D 120 1.71 -33.38 -7.80
C ASP D 120 1.08 -32.67 -9.01
N LEU D 121 -0.02 -33.24 -9.52
CA LEU D 121 -0.68 -32.73 -10.76
C LEU D 121 -1.89 -31.83 -10.58
N LYS D 122 -2.39 -31.71 -9.33
CA LYS D 122 -3.47 -30.77 -9.02
C LYS D 122 -4.73 -30.97 -9.85
N LEU D 123 -5.02 -32.22 -10.21
CA LEU D 123 -6.19 -32.50 -11.03
C LEU D 123 -7.46 -32.35 -10.19
N LYS D 124 -8.45 -31.68 -10.73
CA LYS D 124 -9.71 -31.43 -10.02
C LYS D 124 -10.86 -32.37 -10.34
N ARG D 125 -10.85 -32.91 -11.54
CA ARG D 125 -11.95 -33.76 -12.03
C ARG D 125 -11.81 -35.19 -11.60
N GLU D 126 -12.89 -35.94 -11.80
CA GLU D 126 -12.86 -37.38 -11.57
C GLU D 126 -12.22 -38.16 -12.71
N LYS D 127 -12.60 -37.82 -13.95
CA LYS D 127 -12.06 -38.51 -15.14
C LYS D 127 -11.76 -37.48 -16.22
N ILE D 128 -10.77 -37.77 -17.05
CA ILE D 128 -10.58 -37.08 -18.33
C ILE D 128 -10.89 -38.15 -19.38
N GLY D 129 -11.96 -37.99 -20.16
CA GLY D 129 -12.40 -39.09 -21.03
C GLY D 129 -12.64 -40.33 -20.15
N GLU D 130 -12.06 -41.46 -20.52
CA GLU D 130 -12.19 -42.69 -19.73
C GLU D 130 -11.06 -43.00 -18.77
N LEU D 131 -10.13 -42.06 -18.59
CA LEU D 131 -9.02 -42.27 -17.65
C LEU D 131 -9.37 -41.52 -16.38
N SER D 132 -9.41 -42.24 -15.27
CA SER D 132 -9.67 -41.61 -13.99
C SER D 132 -8.46 -40.72 -13.64
N CYS D 133 -8.75 -39.54 -13.11
CA CYS D 133 -7.66 -38.65 -12.75
C CYS D 133 -6.76 -39.25 -11.69
N GLU D 134 -7.32 -40.04 -10.77
CA GLU D 134 -6.47 -40.69 -9.78
C GLU D 134 -5.45 -41.64 -10.40
N MET D 135 -5.73 -42.20 -11.59
CA MET D 135 -4.76 -43.05 -12.26
C MET D 135 -3.62 -42.31 -12.92
N ILE D 136 -3.74 -40.99 -13.08
CA ILE D 136 -2.70 -40.27 -13.81
C ILE D 136 -1.40 -40.20 -12.99
N PRO D 137 -1.45 -39.78 -11.71
CA PRO D 137 -0.23 -39.92 -10.91
C PRO D 137 0.25 -41.36 -10.76
N HIS D 138 -0.70 -42.32 -10.68
CA HIS D 138 -0.35 -43.72 -10.48
C HIS D 138 0.47 -44.23 -11.71
N VAL D 139 0.04 -43.83 -12.90
CA VAL D 139 0.81 -44.11 -14.12
C VAL D 139 2.23 -43.58 -14.06
N LEU D 140 2.41 -42.34 -13.62
CA LEU D 140 3.74 -41.73 -13.59
C LEU D 140 4.59 -42.40 -12.57
N HIS D 141 3.99 -42.74 -11.42
CA HIS D 141 4.70 -43.44 -10.34
C HIS D 141 5.09 -44.86 -10.75
N SER D 142 4.14 -45.60 -11.32
CA SER D 142 4.41 -46.97 -11.75
C SER D 142 5.46 -46.99 -12.86
N PHE D 143 5.35 -46.06 -13.80
CA PHE D 143 6.36 -45.89 -14.83
C PHE D 143 7.74 -45.71 -14.20
N ALA D 144 7.86 -44.77 -13.26
CA ALA D 144 9.16 -44.45 -12.67
C ALA D 144 9.78 -45.63 -11.94
N THR D 145 8.98 -46.31 -11.14
CA THR D 145 9.51 -47.39 -10.32
C THR D 145 9.94 -48.55 -11.21
N SER D 146 9.14 -48.86 -12.20
CA SER D 146 9.49 -49.94 -13.15
C SER D 146 10.68 -49.58 -14.05
N ALA D 147 10.86 -48.29 -14.39
CA ALA D 147 12.05 -47.82 -15.10
C ALA D 147 13.32 -47.71 -14.23
N ASN D 148 13.15 -47.90 -12.92
CA ASN D 148 14.24 -47.87 -11.94
C ASN D 148 14.90 -46.48 -11.89
N LEU D 149 14.07 -45.43 -11.83
CA LEU D 149 14.59 -44.06 -11.84
C LEU D 149 13.78 -43.20 -10.86
N THR D 150 14.28 -41.98 -10.69
CA THR D 150 13.70 -40.97 -9.85
C THR D 150 12.99 -39.97 -10.75
N LEU D 151 11.69 -39.78 -10.51
CA LEU D 151 10.87 -38.88 -11.31
C LEU D 151 10.07 -37.91 -10.43
N HIS D 152 10.23 -36.60 -10.66
CA HIS D 152 9.42 -35.57 -9.97
C HIS D 152 8.60 -34.86 -11.02
N VAL D 153 7.27 -34.80 -10.84
CA VAL D 153 6.41 -34.13 -11.81
C VAL D 153 5.47 -33.24 -11.04
N GLU D 154 5.50 -31.94 -11.34
CA GLU D 154 4.60 -30.98 -10.70
C GLU D 154 3.85 -30.13 -11.72
N VAL D 155 2.53 -30.06 -11.58
CA VAL D 155 1.75 -29.03 -12.25
C VAL D 155 1.73 -27.84 -11.29
N LEU D 156 2.41 -26.77 -11.69
CA LEU D 156 2.57 -25.60 -10.84
C LEU D 156 1.23 -24.92 -10.63
N TYR D 157 0.46 -24.83 -11.71
CA TYR D 157 -0.85 -24.27 -11.67
C TYR D 157 -1.54 -24.60 -12.97
N GLY D 158 -2.85 -24.41 -12.97
CA GLY D 158 -3.67 -24.51 -14.16
C GLY D 158 -5.12 -24.48 -13.82
N ALA D 159 -6.00 -24.56 -14.84
CA ALA D 159 -7.47 -24.54 -14.64
C ALA D 159 -8.20 -25.64 -15.41
N ASN D 160 -7.51 -26.38 -16.25
CA ASN D 160 -8.14 -27.40 -17.11
C ASN D 160 -7.33 -28.68 -16.97
N ASP D 161 -8.00 -29.75 -16.59
CA ASP D 161 -7.32 -31.00 -16.26
C ASP D 161 -6.66 -31.69 -17.42
N HIS D 162 -7.26 -31.60 -18.60
CA HIS D 162 -6.65 -32.13 -19.82
C HIS D 162 -5.34 -31.35 -20.04
N HIS D 163 -5.38 -30.02 -19.90
CA HIS D 163 -4.17 -29.20 -20.01
C HIS D 163 -3.11 -29.59 -18.96
N LYS D 164 -3.55 -29.82 -17.71
CA LYS D 164 -2.61 -30.19 -16.66
C LYS D 164 -1.92 -31.51 -16.95
N ALA D 165 -2.72 -32.53 -17.23
CA ALA D 165 -2.18 -33.86 -17.51
C ALA D 165 -1.24 -33.86 -18.71
N GLU D 166 -1.69 -33.19 -19.76
CA GLU D 166 -0.94 -33.19 -21.02
C GLU D 166 0.35 -32.41 -20.88
N SER D 167 0.28 -31.27 -20.21
CA SER D 167 1.51 -30.53 -19.96
C SER D 167 2.46 -31.37 -19.10
N ALA D 168 1.93 -32.14 -18.14
CA ALA D 168 2.79 -33.02 -17.33
C ALA D 168 3.52 -34.11 -18.17
N PHE D 169 2.78 -34.71 -19.10
CA PHE D 169 3.38 -35.74 -19.95
C PHE D 169 4.38 -35.12 -20.94
N LYS D 170 4.05 -33.94 -21.48
CA LYS D 170 5.01 -33.23 -22.33
C LYS D 170 6.32 -32.93 -21.57
N ALA D 171 6.21 -32.41 -20.36
CA ALA D 171 7.39 -32.06 -19.58
C ALA D 171 8.18 -33.32 -19.21
N THR D 172 7.45 -34.39 -18.89
CA THR D 172 8.07 -35.65 -18.55
C THR D 172 8.88 -36.17 -19.75
N ALA D 173 8.31 -36.01 -20.95
CA ALA D 173 8.94 -36.46 -22.20
C ALA D 173 10.25 -35.75 -22.44
N LEU D 174 10.21 -34.44 -22.29
CA LEU D 174 11.39 -33.60 -22.48
C LEU D 174 12.52 -33.88 -21.49
N ALA D 175 12.15 -34.04 -20.22
CA ALA D 175 13.12 -34.37 -19.19
C ALA D 175 13.72 -35.76 -19.40
N LEU D 176 12.89 -36.73 -19.75
CA LEU D 176 13.39 -38.10 -20.02
C LEU D 176 14.36 -38.09 -21.19
N ARG D 177 14.02 -37.35 -22.23
CA ARG D 177 14.89 -37.23 -23.40
C ARG D 177 16.24 -36.66 -23.02
N GLU D 178 16.24 -35.61 -22.23
CA GLU D 178 17.47 -35.00 -21.78
C GLU D 178 18.32 -35.99 -20.94
N ALA D 179 17.69 -36.61 -19.96
CA ALA D 179 18.39 -37.52 -19.02
C ALA D 179 19.09 -38.72 -19.71
N VAL D 180 18.49 -39.22 -20.78
CA VAL D 180 19.02 -40.39 -21.50
C VAL D 180 19.86 -39.98 -22.71
N THR D 181 20.16 -38.69 -22.85
CA THR D 181 21.00 -38.21 -23.95
C THR D 181 22.45 -38.61 -23.67
N LYS D 182 23.11 -39.14 -24.69
CA LYS D 182 24.52 -39.47 -24.59
C LYS D 182 25.32 -38.20 -24.50
N ASP D 183 26.26 -38.19 -23.57
CA ASP D 183 27.03 -37.00 -23.25
C ASP D 183 28.36 -37.41 -22.60
N GLY D 184 29.47 -36.93 -23.16
CA GLY D 184 30.80 -37.20 -22.60
C GLY D 184 31.30 -38.60 -22.90
N PRO D 185 32.40 -39.04 -22.21
CA PRO D 185 32.99 -40.37 -22.46
C PRO D 185 31.95 -41.48 -22.29
N ALA D 186 31.89 -42.39 -23.26
CA ALA D 186 30.88 -43.46 -23.33
C ALA D 186 30.87 -44.40 -22.13
N ASP D 187 32.05 -44.65 -21.54
CA ASP D 187 32.20 -45.56 -20.42
C ASP D 187 32.12 -44.89 -19.03
N ALA D 188 32.02 -43.56 -18.95
CA ALA D 188 31.90 -42.90 -17.62
C ALA D 188 30.54 -43.29 -16.98
N VAL D 189 30.59 -43.72 -15.72
CA VAL D 189 29.37 -43.93 -14.93
C VAL D 189 29.11 -42.60 -14.22
N PRO D 190 27.93 -41.99 -14.44
CA PRO D 190 27.72 -40.64 -13.89
C PRO D 190 27.30 -40.70 -12.43
N SER D 191 28.17 -41.23 -11.56
CA SER D 191 27.89 -41.37 -10.12
C SER D 191 29.19 -41.35 -9.32
N THR D 192 29.18 -40.62 -8.21
CA THR D 192 30.35 -40.64 -7.34
C THR D 192 30.62 -42.02 -6.71
N LYS D 193 29.62 -42.90 -6.69
CA LYS D 193 29.85 -44.23 -6.14
C LYS D 193 30.27 -45.21 -7.21
N GLY D 194 30.33 -44.75 -8.47
CA GLY D 194 30.87 -45.54 -9.57
C GLY D 194 29.97 -46.64 -10.10
N VAL D 195 28.73 -46.72 -9.62
CA VAL D 195 27.80 -47.80 -9.93
C VAL D 195 26.41 -47.18 -10.13
N LEU D 196 25.76 -47.52 -11.25
CA LEU D 196 24.29 -47.37 -11.42
C LEU D 196 23.71 -48.66 -11.98
N GLU D 197 23.07 -49.45 -11.11
CA GLU D 197 22.71 -50.86 -11.40
C GLU D 197 21.57 -51.01 -12.39
N ARG E 4 48.05 -2.59 35.73
CA ARG E 4 46.69 -3.20 35.91
C ARG E 4 46.67 -4.66 35.46
N GLU E 5 47.06 -5.53 36.37
CA GLU E 5 47.19 -6.95 36.06
C GLU E 5 46.71 -7.77 37.22
N ALA E 6 46.54 -9.05 36.98
CA ALA E 6 46.11 -9.94 38.02
C ALA E 6 46.47 -11.35 37.67
N GLN E 7 46.75 -12.15 38.71
CA GLN E 7 46.98 -13.57 38.59
C GLN E 7 46.04 -14.24 39.57
N VAL E 8 45.32 -15.27 39.11
CA VAL E 8 44.33 -15.96 39.95
C VAL E 8 44.41 -17.44 39.67
N ALA E 9 44.46 -18.23 40.75
CA ALA E 9 44.38 -19.68 40.67
C ALA E 9 43.18 -20.13 41.51
N ARG E 10 42.43 -21.11 40.99
CA ARG E 10 41.26 -21.65 41.68
C ARG E 10 41.11 -23.12 41.43
N GLU E 11 40.90 -23.89 42.50
CA GLU E 11 40.71 -25.33 42.37
C GLU E 11 39.51 -25.82 43.18
N THR E 12 38.70 -26.63 42.52
CA THR E 12 37.64 -27.39 43.17
C THR E 12 37.84 -28.80 42.72
N GLY E 13 36.91 -29.68 43.09
CA GLY E 13 36.90 -31.04 42.60
C GLY E 13 36.58 -31.22 41.13
N GLU E 14 36.04 -30.17 40.51
CA GLU E 14 35.67 -30.23 39.10
C GLU E 14 36.78 -29.70 38.17
N THR E 15 37.46 -28.65 38.60
CA THR E 15 38.38 -27.92 37.74
C THR E 15 39.53 -27.34 38.54
N LYS E 16 40.64 -27.15 37.83
CA LYS E 16 41.85 -26.52 38.36
C LYS E 16 42.30 -25.52 37.29
N ILE E 17 42.30 -24.23 37.64
CA ILE E 17 42.49 -23.17 36.67
C ILE E 17 43.56 -22.19 37.12
N GLU E 18 44.35 -21.71 36.17
CA GLU E 18 45.13 -20.50 36.38
C GLU E 18 44.85 -19.45 35.30
N VAL E 19 44.68 -18.20 35.69
CA VAL E 19 44.59 -17.06 34.77
C VAL E 19 45.65 -16.02 35.08
N ARG E 20 46.27 -15.47 34.04
CA ARG E 20 47.01 -14.21 34.17
C ARG E 20 46.43 -13.22 33.15
N LEU E 21 46.13 -12.02 33.63
CA LEU E 21 45.49 -10.97 32.83
C LEU E 21 46.16 -9.62 33.00
N SER E 22 46.41 -8.93 31.87
CA SER E 22 46.77 -7.49 31.83
CA SER E 22 46.71 -7.50 31.89
C SER E 22 45.62 -6.77 31.13
N LEU E 23 45.04 -5.74 31.75
CA LEU E 23 44.05 -4.91 31.07
C LEU E 23 44.63 -4.02 30.00
N ASP E 24 45.89 -3.62 30.15
CA ASP E 24 46.52 -2.63 29.29
C ASP E 24 47.52 -3.36 28.43
N GLY E 25 47.01 -4.26 27.59
CA GLY E 25 47.82 -5.14 26.76
C GLY E 25 47.81 -4.78 25.28
N THR E 26 48.15 -5.78 24.46
CA THR E 26 48.13 -5.67 23.00
C THR E 26 47.24 -6.72 22.35
N GLY E 27 46.52 -7.54 23.14
CA GLY E 27 45.62 -8.52 22.53
C GLY E 27 46.19 -9.92 22.43
N VAL E 28 47.33 -10.16 23.09
CA VAL E 28 47.96 -11.47 23.05
C VAL E 28 47.19 -12.44 23.94
N SER E 29 46.93 -13.63 23.43
CA SER E 29 46.26 -14.65 24.23
C SER E 29 46.99 -15.97 24.16
N ASP E 30 46.96 -16.68 25.28
CA ASP E 30 47.44 -18.04 25.34
C ASP E 30 46.45 -18.82 26.19
N VAL E 31 45.41 -19.35 25.53
CA VAL E 31 44.24 -19.88 26.23
C VAL E 31 43.98 -21.32 25.86
N LYS E 32 44.03 -22.18 26.88
CA LYS E 32 43.73 -23.59 26.73
C LYS E 32 42.78 -24.00 27.84
N THR E 33 41.48 -23.90 27.54
CA THR E 33 40.42 -24.30 28.45
C THR E 33 40.13 -25.81 28.39
N GLY E 34 40.59 -26.45 27.31
CA GLY E 34 40.19 -27.80 26.98
C GLY E 34 39.10 -27.86 25.92
N ILE E 35 38.51 -26.71 25.59
CA ILE E 35 37.41 -26.62 24.60
C ILE E 35 37.82 -25.57 23.56
N GLY E 36 38.05 -26.02 22.33
CA GLY E 36 38.57 -25.15 21.29
C GLY E 36 37.73 -23.95 20.94
N PHE E 37 36.41 -24.12 20.92
CA PHE E 37 35.56 -22.95 20.60
C PHE E 37 35.55 -21.87 21.70
N LEU E 38 35.64 -22.29 22.96
CA LEU E 38 35.75 -21.36 24.05
C LEU E 38 37.09 -20.66 23.98
N ASP E 39 38.14 -21.44 23.68
CA ASP E 39 39.47 -20.86 23.43
C ASP E 39 39.38 -19.76 22.39
N HIS E 40 38.69 -20.05 21.29
CA HIS E 40 38.52 -19.09 20.23
C HIS E 40 37.79 -17.84 20.71
N MET E 41 36.71 -18.01 21.47
CA MET E 41 35.97 -16.86 22.00
C MET E 41 36.80 -16.02 22.95
N LEU E 42 37.57 -16.68 23.82
CA LEU E 42 38.39 -15.91 24.77
C LEU E 42 39.56 -15.22 24.05
N SER E 43 40.08 -15.84 23.00
CA SER E 43 41.12 -15.21 22.16
C SER E 43 40.56 -13.96 21.43
N ALA E 44 39.33 -14.08 20.91
CA ALA E 44 38.63 -12.90 20.38
C ALA E 44 38.46 -11.78 21.42
N LEU E 45 38.08 -12.14 22.64
CA LEU E 45 37.87 -11.18 23.70
C LEU E 45 39.18 -10.44 24.02
N ALA E 46 40.27 -11.19 24.10
CA ALA E 46 41.56 -10.57 24.41
C ALA E 46 42.03 -9.66 23.29
N LYS E 47 41.91 -10.17 22.05
CA LYS E 47 42.40 -9.48 20.86
C LYS E 47 41.69 -8.15 20.70
N HIS E 48 40.37 -8.19 20.75
CA HIS E 48 39.60 -6.97 20.52
C HIS E 48 39.44 -6.07 21.75
N GLY E 49 39.69 -6.61 22.94
CA GLY E 49 39.73 -5.84 24.16
C GLY E 49 41.10 -5.19 24.37
N ARG E 50 42.11 -5.57 23.57
CA ARG E 50 43.54 -5.23 23.83
C ARG E 50 43.98 -5.68 25.24
N PHE E 51 43.50 -6.84 25.66
CA PHE E 51 43.89 -7.46 26.90
C PHE E 51 44.93 -8.52 26.56
N ASP E 52 45.76 -8.82 27.55
CA ASP E 52 46.70 -9.93 27.43
C ASP E 52 46.21 -11.00 28.38
N LEU E 53 46.03 -12.21 27.86
CA LEU E 53 45.34 -13.25 28.61
C LEU E 53 46.02 -14.58 28.49
N TYR E 54 46.39 -15.14 29.65
CA TYR E 54 46.89 -16.51 29.75
C TYR E 54 45.92 -17.29 30.62
N LEU E 55 45.56 -18.48 30.16
CA LEU E 55 44.61 -19.30 30.87
C LEU E 55 44.90 -20.75 30.68
N ARG E 56 44.90 -21.51 31.79
CA ARG E 56 44.94 -22.97 31.72
C ARG E 56 43.84 -23.58 32.61
N CYS E 57 43.16 -24.59 32.09
CA CYS E 57 42.12 -25.32 32.85
C CYS E 57 42.28 -26.79 32.65
N ALA E 58 42.41 -27.54 33.74
CA ALA E 58 42.25 -29.00 33.71
C ALA E 58 40.92 -29.22 34.39
N GLY E 59 39.96 -29.72 33.63
CA GLY E 59 38.58 -29.79 34.08
C GLY E 59 37.94 -31.11 33.74
N ASP E 60 36.69 -31.28 34.13
CA ASP E 60 36.03 -32.57 34.04
C ASP E 60 35.22 -32.74 32.76
N LEU E 61 35.87 -32.65 31.62
CA LEU E 61 35.17 -32.68 30.32
C LEU E 61 34.51 -34.02 30.01
N HIS E 62 34.95 -35.07 30.71
CA HIS E 62 34.27 -36.38 30.68
C HIS E 62 32.85 -36.36 31.23
N VAL E 63 32.53 -35.34 32.02
CA VAL E 63 31.17 -35.13 32.53
C VAL E 63 30.42 -34.38 31.43
N ASP E 64 30.82 -33.14 31.19
CA ASP E 64 30.39 -32.33 30.01
C ASP E 64 31.23 -31.07 30.04
N ASP E 65 30.87 -30.08 29.22
CA ASP E 65 31.63 -28.84 29.10
C ASP E 65 31.30 -27.80 30.17
N HIS E 66 30.34 -28.09 31.03
CA HIS E 66 29.77 -27.09 31.92
C HIS E 66 30.69 -26.54 32.99
N HIS E 67 31.23 -27.40 33.86
CA HIS E 67 32.03 -26.91 34.98
C HIS E 67 33.30 -26.16 34.47
N THR E 68 33.93 -26.70 33.44
CA THR E 68 35.08 -26.06 32.76
C THR E 68 34.70 -24.65 32.32
N SER E 69 33.62 -24.54 31.56
CA SER E 69 33.24 -23.25 30.98
C SER E 69 32.91 -22.22 32.02
N GLU E 70 32.03 -22.62 32.94
CA GLU E 70 31.64 -21.77 34.03
C GLU E 70 32.82 -21.35 34.86
N ASP E 71 33.63 -22.31 35.25
CA ASP E 71 34.75 -21.97 36.14
C ASP E 71 35.79 -21.11 35.44
N CYS E 72 36.02 -21.31 34.13
CA CYS E 72 36.93 -20.40 33.39
C CYS E 72 36.37 -18.98 33.44
N ALA E 73 35.05 -18.86 33.29
CA ALA E 73 34.39 -17.57 33.37
C ALA E 73 34.53 -16.88 34.76
N ILE E 74 34.36 -17.69 35.79
CA ILE E 74 34.49 -17.23 37.17
C ILE E 74 35.93 -16.67 37.39
N VAL E 75 36.93 -17.46 37.05
CA VAL E 75 38.30 -17.05 37.29
C VAL E 75 38.65 -15.84 36.44
N LEU E 76 38.18 -15.81 35.19
CA LEU E 76 38.40 -14.67 34.33
C LEU E 76 37.79 -13.43 34.94
N GLY E 77 36.57 -13.52 35.45
CA GLY E 77 35.93 -12.37 36.07
C GLY E 77 36.68 -11.90 37.30
N GLN E 78 37.12 -12.86 38.13
CA GLN E 78 37.91 -12.54 39.33
C GLN E 78 39.19 -11.75 38.97
N ALA E 79 39.91 -12.25 37.96
CA ALA E 79 41.08 -11.56 37.43
C ALA E 79 40.76 -10.15 36.89
N PHE E 80 39.68 -10.02 36.13
CA PHE E 80 39.23 -8.71 35.64
C PHE E 80 38.99 -7.74 36.78
N ARG E 81 38.22 -8.19 37.77
CA ARG E 81 37.94 -7.40 38.97
C ARG E 81 39.21 -6.93 39.69
N GLN E 82 40.14 -7.85 39.91
CA GLN E 82 41.39 -7.49 40.58
C GLN E 82 42.24 -6.59 39.71
N ALA E 83 42.30 -6.86 38.39
CA ALA E 83 43.08 -5.99 37.47
C ALA E 83 42.63 -4.56 37.42
N ILE E 84 41.31 -4.35 37.48
CA ILE E 84 40.76 -3.00 37.56
C ILE E 84 41.22 -2.24 38.80
N GLY E 85 41.35 -2.93 39.93
CA GLY E 85 41.73 -2.30 41.18
C GLY E 85 40.70 -1.32 41.65
N GLU E 86 41.13 -0.20 42.23
CA GLU E 86 40.22 0.81 42.74
C GLU E 86 39.45 1.40 41.58
N ARG E 87 38.14 1.53 41.76
CA ARG E 87 37.27 1.98 40.70
C ARG E 87 37.19 3.50 40.74
N LYS E 88 38.23 4.08 40.14
CA LYS E 88 38.41 5.52 40.04
C LYS E 88 39.13 5.85 38.74
N GLY E 89 38.85 7.04 38.22
CA GLY E 89 39.54 7.56 37.06
C GLY E 89 39.32 6.84 35.76
N ILE E 90 38.18 6.14 35.64
CA ILE E 90 37.88 5.32 34.44
C ILE E 90 36.54 5.79 33.90
N LYS E 91 36.29 5.51 32.61
CA LYS E 91 35.00 5.83 31.97
C LYS E 91 33.79 5.19 32.65
N ARG E 92 33.96 3.99 33.20
CA ARG E 92 32.91 3.19 33.84
C ARG E 92 31.90 2.56 32.87
N TYR E 93 31.38 3.38 31.96
CA TYR E 93 30.42 2.89 30.93
C TYR E 93 31.14 2.63 29.62
N GLY E 94 30.81 1.49 29.01
CA GLY E 94 31.23 1.21 27.65
C GLY E 94 30.11 0.54 26.88
N SER E 95 30.07 0.78 25.57
CA SER E 95 29.14 0.05 24.70
C SER E 95 29.71 -0.05 23.32
N ALA E 96 29.29 -1.08 22.60
CA ALA E 96 29.82 -1.36 21.28
C ALA E 96 28.93 -2.28 20.51
N TYR E 97 29.00 -2.17 19.17
CA TYR E 97 28.41 -3.12 18.26
C TYR E 97 29.52 -3.82 17.49
N ALA E 98 29.38 -5.11 17.26
CA ALA E 98 30.24 -5.84 16.34
C ALA E 98 29.35 -6.79 15.55
N PRO E 99 29.49 -6.81 14.22
CA PRO E 99 28.86 -7.82 13.42
C PRO E 99 29.84 -8.95 13.12
N LEU E 100 29.33 -10.04 12.59
CA LEU E 100 30.12 -10.96 11.84
C LEU E 100 29.21 -11.41 10.72
N ASP E 101 29.51 -10.93 9.51
CA ASP E 101 28.68 -11.15 8.34
C ASP E 101 27.22 -10.73 8.60
N GLU E 102 26.32 -11.69 8.59
CA GLU E 102 24.89 -11.37 8.75
C GLU E 102 24.48 -11.10 10.20
N SER E 103 25.30 -11.51 11.18
CA SER E 103 24.94 -11.38 12.57
C SER E 103 25.39 -10.04 13.14
N LEU E 104 24.62 -9.52 14.09
CA LEU E 104 24.99 -8.28 14.79
C LEU E 104 24.76 -8.40 16.27
N ALA E 105 25.78 -8.01 17.05
CA ALA E 105 25.67 -8.00 18.53
C ALA E 105 25.99 -6.64 19.09
N ARG E 106 25.38 -6.36 20.24
CA ARG E 106 25.65 -5.17 21.04
C ARG E 106 26.03 -5.66 22.43
N ALA E 107 27.03 -5.01 23.04
CA ALA E 107 27.33 -5.21 24.46
C ALA E 107 27.41 -3.88 25.17
N VAL E 108 26.99 -3.86 26.43
CA VAL E 108 27.00 -2.68 27.27
C VAL E 108 27.56 -3.08 28.63
N VAL E 109 28.53 -2.31 29.09
CA VAL E 109 29.26 -2.55 30.32
C VAL E 109 29.08 -1.33 31.24
N ASP E 110 28.82 -1.63 32.52
CA ASP E 110 28.82 -0.61 33.57
C ASP E 110 29.68 -1.22 34.67
N ILE E 111 30.85 -0.64 34.95
CA ILE E 111 31.70 -1.10 36.08
C ILE E 111 31.03 -0.53 37.35
N SER E 112 30.05 -1.28 37.86
CA SER E 112 29.06 -0.74 38.78
C SER E 112 29.23 -1.16 40.25
N SER E 113 30.07 -2.17 40.44
CA SER E 113 30.13 -2.96 41.69
C SER E 113 28.80 -3.60 42.11
N ARG E 114 27.91 -3.83 41.12
CA ARG E 114 26.69 -4.58 41.31
C ARG E 114 26.72 -5.69 40.28
N PRO E 115 26.93 -6.92 40.72
CA PRO E 115 26.96 -8.01 39.73
C PRO E 115 25.59 -8.23 39.07
N PHE E 116 25.53 -8.06 37.75
CA PHE E 116 24.27 -8.26 37.02
C PHE E 116 24.52 -8.49 35.54
N ALA E 117 23.78 -9.40 34.94
CA ALA E 117 23.89 -9.62 33.50
C ALA E 117 22.55 -9.87 32.88
N VAL E 118 22.39 -9.31 31.68
CA VAL E 118 21.22 -9.54 30.84
C VAL E 118 21.78 -10.02 29.49
N ILE E 119 21.53 -11.29 29.18
CA ILE E 119 22.17 -11.92 28.03
C ILE E 119 21.08 -12.52 27.14
N ASP E 120 21.16 -12.24 25.84
CA ASP E 120 20.16 -12.69 24.86
C ASP E 120 20.88 -12.91 23.52
N LEU E 121 21.35 -14.15 23.27
CA LEU E 121 22.21 -14.45 22.11
C LEU E 121 21.53 -15.13 20.94
N LYS E 122 20.28 -15.56 21.14
CA LYS E 122 19.46 -16.15 20.10
C LYS E 122 20.13 -17.33 19.40
N LEU E 123 20.87 -18.14 20.16
CA LEU E 123 21.55 -19.29 19.56
C LEU E 123 20.52 -20.36 19.31
N LYS E 124 20.60 -20.98 18.15
CA LYS E 124 19.66 -22.01 17.75
C LYS E 124 20.18 -23.44 17.92
N ARG E 125 21.49 -23.63 17.83
CA ARG E 125 22.08 -24.95 17.89
C ARG E 125 22.21 -25.44 19.31
N GLU E 126 22.56 -26.72 19.42
CA GLU E 126 22.91 -27.32 20.69
C GLU E 126 24.37 -27.11 21.10
N LYS E 127 25.29 -27.25 20.13
CA LYS E 127 26.70 -26.99 20.37
C LYS E 127 27.34 -26.27 19.18
N ILE E 128 28.40 -25.53 19.46
CA ILE E 128 29.34 -25.05 18.44
C ILE E 128 30.68 -25.69 18.80
N GLY E 129 31.21 -26.54 17.92
CA GLY E 129 32.33 -27.38 18.29
C GLY E 129 31.97 -28.16 19.54
N GLU E 130 32.81 -28.10 20.56
CA GLU E 130 32.49 -28.82 21.83
C GLU E 130 31.92 -27.93 22.94
N LEU E 131 31.55 -26.70 22.61
CA LEU E 131 30.98 -25.79 23.61
C LEU E 131 29.48 -25.81 23.41
N SER E 132 28.76 -26.17 24.47
CA SER E 132 27.32 -26.20 24.40
C SER E 132 26.80 -24.75 24.33
N CYS E 133 25.85 -24.55 23.43
CA CYS E 133 25.25 -23.22 23.30
C CYS E 133 24.69 -22.66 24.58
N GLU E 134 24.06 -23.50 25.40
CA GLU E 134 23.53 -23.01 26.67
C GLU E 134 24.63 -22.48 27.61
N MET E 135 25.87 -22.97 27.45
CA MET E 135 26.96 -22.45 28.27
C MET E 135 27.44 -21.07 27.83
N ILE E 136 27.13 -20.62 26.61
CA ILE E 136 27.68 -19.34 26.15
C ILE E 136 27.13 -18.16 26.94
N PRO E 137 25.80 -18.07 27.09
CA PRO E 137 25.29 -17.03 28.00
C PRO E 137 25.73 -17.23 29.45
N HIS E 138 25.81 -18.47 29.88
CA HIS E 138 26.30 -18.77 31.25
C HIS E 138 27.74 -18.22 31.46
N VAL E 139 28.59 -18.37 30.46
CA VAL E 139 29.93 -17.79 30.56
C VAL E 139 29.92 -16.28 30.74
N LEU E 140 29.13 -15.59 29.91
CA LEU E 140 29.04 -14.15 30.01
C LEU E 140 28.44 -13.71 31.36
N HIS E 141 27.46 -14.46 31.89
CA HIS E 141 26.79 -14.11 33.15
C HIS E 141 27.75 -14.35 34.35
N SER E 142 28.42 -15.49 34.32
CA SER E 142 29.40 -15.87 35.36
C SER E 142 30.62 -14.93 35.35
N PHE E 143 31.09 -14.58 34.15
CA PHE E 143 32.10 -13.53 33.99
C PHE E 143 31.68 -12.21 34.67
N ALA E 144 30.50 -11.70 34.29
CA ALA E 144 30.03 -10.42 34.76
C ALA E 144 29.90 -10.42 36.27
N THR E 145 29.35 -11.51 36.83
CA THR E 145 29.12 -11.54 38.27
C THR E 145 30.44 -11.59 39.05
N SER E 146 31.38 -12.43 38.59
CA SER E 146 32.69 -12.49 39.27
C SER E 146 33.56 -11.24 39.04
N ALA E 147 33.34 -10.52 37.93
CA ALA E 147 34.00 -9.22 37.70
C ALA E 147 33.39 -8.07 38.47
N ASN E 148 32.24 -8.35 39.10
CA ASN E 148 31.47 -7.44 39.93
C ASN E 148 31.00 -6.24 39.10
N LEU E 149 30.42 -6.53 37.94
CA LEU E 149 29.97 -5.46 37.02
C LEU E 149 28.64 -5.85 36.38
N THR E 150 28.08 -4.89 35.65
CA THR E 150 26.80 -5.03 34.98
C THR E 150 27.09 -5.18 33.51
N LEU E 151 26.60 -6.26 32.91
CA LEU E 151 26.86 -6.55 31.52
C LEU E 151 25.59 -6.93 30.77
N HIS E 152 25.29 -6.21 29.68
CA HIS E 152 24.15 -6.54 28.81
C HIS E 152 24.70 -6.91 27.44
N VAL E 153 24.34 -8.08 26.91
CA VAL E 153 24.84 -8.55 25.60
C VAL E 153 23.62 -9.08 24.86
N GLU E 154 23.39 -8.54 23.66
CA GLU E 154 22.28 -8.94 22.81
C GLU E 154 22.78 -9.21 21.40
N VAL E 155 22.42 -10.36 20.86
CA VAL E 155 22.53 -10.61 19.46
C VAL E 155 21.21 -10.12 18.88
N LEU E 156 21.27 -9.07 18.08
CA LEU E 156 20.04 -8.43 17.57
C LEU E 156 19.39 -9.36 16.54
N TYR E 157 20.22 -10.01 15.75
CA TYR E 157 19.77 -10.94 14.72
C TYR E 157 20.99 -11.63 14.14
N GLY E 158 20.73 -12.72 13.46
CA GLY E 158 21.76 -13.48 12.76
C GLY E 158 21.20 -14.80 12.29
N ALA E 159 22.02 -15.56 11.57
CA ALA E 159 21.62 -16.88 11.09
C ALA E 159 22.63 -18.00 11.35
N ASN E 160 23.83 -17.69 11.80
CA ASN E 160 24.86 -18.69 12.04
C ASN E 160 25.32 -18.51 13.47
N ASP E 161 25.26 -19.57 14.26
CA ASP E 161 25.56 -19.48 15.70
C ASP E 161 27.00 -19.17 16.04
N HIS E 162 27.96 -19.69 15.25
CA HIS E 162 29.37 -19.24 15.38
C HIS E 162 29.44 -17.70 15.17
N HIS E 163 28.78 -17.19 14.12
CA HIS E 163 28.78 -15.74 13.90
C HIS E 163 28.12 -15.03 15.07
N LYS E 164 27.01 -15.56 15.57
CA LYS E 164 26.31 -14.90 16.71
C LYS E 164 27.22 -14.82 17.94
N ALA E 165 27.74 -15.97 18.35
CA ALA E 165 28.54 -16.04 19.56
C ALA E 165 29.80 -15.20 19.40
N GLU E 166 30.43 -15.28 18.24
CA GLU E 166 31.68 -14.55 18.05
C GLU E 166 31.46 -13.05 18.00
N SER E 167 30.41 -12.59 17.30
CA SER E 167 30.07 -11.18 17.35
C SER E 167 29.81 -10.71 18.80
N ALA E 168 29.17 -11.57 19.60
CA ALA E 168 28.86 -11.21 20.99
C ALA E 168 30.14 -11.03 21.85
N PHE E 169 31.13 -11.91 21.65
CA PHE E 169 32.42 -11.78 22.35
C PHE E 169 33.24 -10.59 21.84
N LYS E 170 33.18 -10.35 20.54
CA LYS E 170 33.79 -9.16 19.99
C LYS E 170 33.23 -7.88 20.57
N ALA E 171 31.91 -7.75 20.54
CA ALA E 171 31.27 -6.55 21.10
C ALA E 171 31.55 -6.40 22.58
N THR E 172 31.54 -7.52 23.29
CA THR E 172 31.83 -7.51 24.71
C THR E 172 33.23 -6.97 24.96
N ALA E 173 34.19 -7.44 24.18
CA ALA E 173 35.56 -6.97 24.31
C ALA E 173 35.67 -5.49 24.11
N LEU E 174 35.01 -4.99 23.07
CA LEU E 174 35.07 -3.57 22.75
C LEU E 174 34.48 -2.70 23.85
N ALA E 175 33.33 -3.14 24.38
CA ALA E 175 32.66 -2.46 25.46
C ALA E 175 33.46 -2.51 26.77
N LEU E 176 34.06 -3.66 27.08
CA LEU E 176 34.91 -3.77 28.29
C LEU E 176 36.10 -2.81 28.17
N ARG E 177 36.75 -2.85 27.02
CA ARG E 177 37.87 -1.92 26.73
C ARG E 177 37.51 -0.47 27.00
N GLU E 178 36.39 -0.02 26.45
CA GLU E 178 35.94 1.36 26.67
C GLU E 178 35.68 1.66 28.14
N ALA E 179 35.00 0.74 28.82
CA ALA E 179 34.61 0.97 30.20
C ALA E 179 35.83 1.10 31.14
N VAL E 180 36.88 0.32 30.88
CA VAL E 180 38.07 0.35 31.77
C VAL E 180 39.13 1.40 31.33
N THR E 181 38.81 2.19 30.31
CA THR E 181 39.75 3.18 29.81
C THR E 181 39.85 4.31 30.81
N LYS E 182 41.08 4.76 31.06
CA LYS E 182 41.30 5.89 31.96
C LYS E 182 40.80 7.16 31.32
N ASP E 183 40.09 7.98 32.09
CA ASP E 183 39.46 9.18 31.56
C ASP E 183 39.26 10.15 32.74
N GLY E 184 39.71 11.39 32.58
CA GLY E 184 39.52 12.43 33.62
C GLY E 184 40.51 12.28 34.77
N PRO E 185 40.29 13.04 35.87
CA PRO E 185 41.18 12.97 37.04
C PRO E 185 41.28 11.56 37.63
N ALA E 186 42.50 11.10 37.89
CA ALA E 186 42.76 9.73 38.31
C ALA E 186 42.06 9.37 39.62
N ASP E 187 41.78 10.37 40.46
CA ASP E 187 41.16 10.13 41.77
C ASP E 187 39.64 10.20 41.79
N ALA E 188 38.98 10.67 40.73
CA ALA E 188 37.51 10.79 40.74
C ALA E 188 36.83 9.41 40.70
N VAL E 189 35.87 9.17 41.61
CA VAL E 189 35.03 7.99 41.56
C VAL E 189 33.84 8.35 40.66
N PRO E 190 33.64 7.58 39.56
CA PRO E 190 32.56 7.91 38.61
C PRO E 190 31.18 7.43 39.09
N SER E 191 30.71 7.99 40.20
CA SER E 191 29.41 7.65 40.78
C SER E 191 28.91 8.76 41.64
N THR E 192 27.61 9.06 41.55
CA THR E 192 26.99 10.09 42.37
C THR E 192 27.02 9.76 43.88
N LYS E 193 27.14 8.47 44.22
CA LYS E 193 27.25 8.08 45.63
C LYS E 193 28.71 8.04 46.13
N GLY E 194 29.67 8.41 45.27
CA GLY E 194 31.08 8.54 45.66
C GLY E 194 31.83 7.26 46.00
N VAL E 195 31.20 6.11 45.80
CA VAL E 195 31.72 4.82 46.23
C VAL E 195 31.44 3.84 45.10
N LEU E 196 32.45 3.08 44.69
CA LEU E 196 32.29 1.89 43.83
C LEU E 196 33.20 0.78 44.38
N GLU E 197 32.61 -0.12 45.18
CA GLU E 197 33.39 -1.06 46.06
C GLU E 197 34.19 -2.08 45.27
N LYS F 3 0.67 47.57 11.26
CA LYS F 3 1.37 47.72 12.58
C LYS F 3 1.93 46.38 13.09
N ARG F 4 1.16 45.30 13.01
CA ARG F 4 1.67 43.96 13.38
C ARG F 4 2.25 43.32 12.14
N GLU F 5 3.55 43.50 11.97
CA GLU F 5 4.22 43.03 10.77
C GLU F 5 5.66 42.64 11.04
N ALA F 6 6.25 41.96 10.08
CA ALA F 6 7.63 41.54 10.20
C ALA F 6 8.23 41.25 8.84
N GLN F 7 9.54 41.47 8.74
CA GLN F 7 10.31 41.07 7.57
C GLN F 7 11.42 40.17 8.07
N VAL F 8 11.60 39.01 7.44
CA VAL F 8 12.66 38.07 7.84
C VAL F 8 13.39 37.55 6.59
N ALA F 9 14.71 37.55 6.66
CA ALA F 9 15.55 37.01 5.60
C ALA F 9 16.45 35.97 6.21
N ARG F 10 16.62 34.85 5.52
CA ARG F 10 17.38 33.72 6.02
C ARG F 10 18.04 33.02 4.84
N GLU F 11 19.34 32.73 5.01
CA GLU F 11 20.12 32.06 4.00
C GLU F 11 20.99 30.95 4.58
N THR F 12 20.90 29.77 3.97
CA THR F 12 21.80 28.68 4.24
C THR F 12 22.40 28.20 2.91
N GLY F 13 23.22 27.17 2.97
CA GLY F 13 23.70 26.48 1.78
C GLY F 13 22.63 25.83 0.91
N GLU F 14 21.43 25.63 1.46
CA GLU F 14 20.35 24.96 0.74
C GLU F 14 19.35 25.96 0.17
N THR F 15 19.02 27.00 0.94
CA THR F 15 17.96 27.97 0.54
C THR F 15 18.27 29.40 0.89
N LYS F 16 17.69 30.33 0.13
CA LYS F 16 17.77 31.77 0.42
C LYS F 16 16.36 32.34 0.34
N ILE F 17 15.87 32.91 1.42
CA ILE F 17 14.45 33.19 1.58
C ILE F 17 14.25 34.58 2.11
N GLU F 18 13.22 35.25 1.58
CA GLU F 18 12.69 36.46 2.22
C GLU F 18 11.17 36.36 2.41
N VAL F 19 10.70 36.85 3.56
CA VAL F 19 9.29 36.92 3.91
C VAL F 19 8.98 38.31 4.46
N ARG F 20 7.84 38.83 4.02
CA ARG F 20 7.21 40.02 4.63
C ARG F 20 5.80 39.64 4.94
N LEU F 21 5.40 39.91 6.17
CA LEU F 21 4.12 39.46 6.72
C LEU F 21 3.46 40.60 7.48
N SER F 22 2.16 40.80 7.23
CA SER F 22 1.30 41.67 8.04
CA SER F 22 1.30 41.68 8.04
C SER F 22 0.15 40.83 8.57
N LEU F 23 -0.03 40.83 9.89
CA LEU F 23 -1.10 40.06 10.51
C LEU F 23 -2.47 40.69 10.29
N ASP F 24 -2.50 42.02 10.20
CA ASP F 24 -3.76 42.72 10.03
C ASP F 24 -3.89 43.17 8.60
N GLY F 25 -4.08 42.20 7.70
CA GLY F 25 -4.14 42.45 6.28
C GLY F 25 -5.52 42.25 5.68
N THR F 26 -5.52 42.12 4.37
CA THR F 26 -6.72 41.87 3.60
C THR F 26 -6.68 40.52 2.90
N GLY F 27 -5.61 39.73 3.10
CA GLY F 27 -5.48 38.40 2.45
C GLY F 27 -4.65 38.31 1.18
N VAL F 28 -3.92 39.38 0.86
CA VAL F 28 -3.16 39.48 -0.38
C VAL F 28 -1.88 38.65 -0.23
N SER F 29 -1.51 37.92 -1.27
CA SER F 29 -0.27 37.14 -1.21
C SER F 29 0.49 37.33 -2.48
N ASP F 30 1.81 37.21 -2.38
CA ASP F 30 2.69 37.19 -3.53
C ASP F 30 3.77 36.21 -3.13
N VAL F 31 3.46 34.93 -3.35
CA VAL F 31 4.29 33.85 -2.85
C VAL F 31 4.89 33.07 -4.00
N LYS F 32 6.22 32.94 -4.00
CA LYS F 32 6.93 32.13 -4.99
C LYS F 32 8.03 31.36 -4.29
N THR F 33 7.65 30.16 -3.87
CA THR F 33 8.54 29.24 -3.19
C THR F 33 9.42 28.44 -4.17
N GLY F 34 9.06 28.48 -5.47
CA GLY F 34 9.56 27.53 -6.50
C GLY F 34 8.74 26.24 -6.61
N ILE F 35 7.73 26.06 -5.74
CA ILE F 35 6.85 24.88 -5.78
C ILE F 35 5.40 25.37 -5.83
N GLY F 36 4.77 25.21 -6.98
CA GLY F 36 3.41 25.73 -7.24
C GLY F 36 2.37 25.36 -6.22
N PHE F 37 2.34 24.07 -5.84
CA PHE F 37 1.33 23.66 -4.88
C PHE F 37 1.55 24.27 -3.52
N LEU F 38 2.82 24.45 -3.12
CA LEU F 38 3.11 25.12 -1.87
C LEU F 38 2.71 26.60 -1.93
N ASP F 39 2.97 27.25 -3.07
CA ASP F 39 2.47 28.63 -3.29
C ASP F 39 0.96 28.72 -3.07
N HIS F 40 0.23 27.76 -3.60
CA HIS F 40 -1.24 27.73 -3.49
C HIS F 40 -1.67 27.53 -2.03
N MET F 41 -1.01 26.63 -1.31
CA MET F 41 -1.31 26.45 0.09
C MET F 41 -1.04 27.73 0.92
N LEU F 42 0.10 28.39 0.70
CA LEU F 42 0.39 29.60 1.48
C LEU F 42 -0.48 30.76 1.07
N SER F 43 -0.86 30.79 -0.20
CA SER F 43 -1.83 31.75 -0.72
C SER F 43 -3.20 31.61 -0.05
N ALA F 44 -3.64 30.36 0.10
CA ALA F 44 -4.88 30.09 0.81
C ALA F 44 -4.75 30.51 2.27
N LEU F 45 -3.59 30.28 2.85
CA LEU F 45 -3.37 30.61 4.25
C LEU F 45 -3.50 32.11 4.46
N ALA F 46 -2.88 32.90 3.58
CA ALA F 46 -2.98 34.34 3.64
C ALA F 46 -4.40 34.81 3.41
N LYS F 47 -5.05 34.26 2.39
CA LYS F 47 -6.39 34.73 2.01
C LYS F 47 -7.38 34.54 3.15
N HIS F 48 -7.37 33.33 3.74
CA HIS F 48 -8.37 32.98 4.77
C HIS F 48 -8.01 33.43 6.20
N GLY F 49 -6.72 33.74 6.42
CA GLY F 49 -6.24 34.32 7.63
C GLY F 49 -6.35 35.85 7.64
N ARG F 50 -6.68 36.44 6.49
CA ARG F 50 -6.59 37.88 6.26
C ARG F 50 -5.19 38.41 6.61
N PHE F 51 -4.15 37.62 6.28
CA PHE F 51 -2.78 38.05 6.39
C PHE F 51 -2.36 38.59 5.04
N ASP F 52 -1.35 39.47 5.01
CA ASP F 52 -0.69 39.83 3.75
C ASP F 52 0.69 39.18 3.80
N LEU F 53 1.05 38.50 2.73
CA LEU F 53 2.26 37.68 2.72
C LEU F 53 3.00 37.83 1.39
N TYR F 54 4.26 38.22 1.48
CA TYR F 54 5.20 38.20 0.37
C TYR F 54 6.25 37.16 0.73
N LEU F 55 6.56 36.26 -0.21
CA LEU F 55 7.59 35.26 0.02
C LEU F 55 8.36 34.99 -1.27
N ARG F 56 9.68 34.96 -1.16
CA ARG F 56 10.55 34.45 -2.21
C ARG F 56 11.52 33.43 -1.66
N CYS F 57 11.71 32.32 -2.38
CA CYS F 57 12.71 31.34 -2.03
C CYS F 57 13.48 30.92 -3.28
N ALA F 58 14.81 30.94 -3.19
CA ALA F 58 15.70 30.29 -4.16
C ALA F 58 16.27 29.10 -3.42
N GLY F 59 15.87 27.90 -3.80
CA GLY F 59 16.20 26.69 -3.03
C GLY F 59 16.81 25.61 -3.93
N ASP F 60 17.11 24.46 -3.33
CA ASP F 60 17.81 23.37 -4.01
C ASP F 60 16.86 22.29 -4.53
N LEU F 61 15.97 22.68 -5.44
CA LEU F 61 14.95 21.78 -5.98
C LEU F 61 15.50 20.63 -6.83
N HIS F 62 16.71 20.79 -7.33
CA HIS F 62 17.45 19.72 -7.95
C HIS F 62 17.77 18.53 -7.02
N VAL F 63 17.81 18.77 -5.72
CA VAL F 63 17.97 17.75 -4.68
C VAL F 63 16.57 17.14 -4.51
N ASP F 64 15.64 17.92 -3.95
CA ASP F 64 14.21 17.56 -3.87
C ASP F 64 13.48 18.80 -3.34
N ASP F 65 12.21 18.63 -3.00
CA ASP F 65 11.39 19.73 -2.50
C ASP F 65 11.53 20.01 -0.99
N HIS F 66 12.38 19.28 -0.29
CA HIS F 66 12.35 19.24 1.19
C HIS F 66 12.92 20.50 1.83
N HIS F 67 14.15 20.88 1.46
CA HIS F 67 14.79 21.99 2.14
C HIS F 67 14.04 23.29 1.85
N THR F 68 13.59 23.47 0.60
CA THR F 68 12.74 24.60 0.25
C THR F 68 11.50 24.69 1.14
N SER F 69 10.75 23.58 1.19
CA SER F 69 9.45 23.55 1.86
C SER F 69 9.64 23.80 3.36
N GLU F 70 10.58 23.07 3.97
CA GLU F 70 10.89 23.21 5.39
C GLU F 70 11.36 24.61 5.70
N ASP F 71 12.33 25.10 4.93
CA ASP F 71 12.87 26.43 5.20
C ASP F 71 11.86 27.58 4.96
N CYS F 72 10.99 27.44 3.97
CA CYS F 72 9.89 28.41 3.81
C CYS F 72 9.01 28.44 5.08
N ALA F 73 8.73 27.26 5.64
CA ALA F 73 7.91 27.17 6.84
C ALA F 73 8.61 27.82 8.03
N ILE F 74 9.92 27.56 8.17
CA ILE F 74 10.72 28.12 9.27
C ILE F 74 10.64 29.65 9.23
N VAL F 75 10.90 30.20 8.06
CA VAL F 75 10.96 31.64 7.91
C VAL F 75 9.57 32.23 8.10
N LEU F 76 8.55 31.58 7.53
CA LEU F 76 7.16 32.00 7.78
C LEU F 76 6.84 32.00 9.28
N GLY F 77 7.25 30.95 10.01
CA GLY F 77 7.03 30.85 11.44
C GLY F 77 7.73 31.96 12.21
N GLN F 78 8.99 32.20 11.89
CA GLN F 78 9.73 33.32 12.48
C GLN F 78 9.04 34.67 12.28
N ALA F 79 8.61 34.94 11.06
CA ALA F 79 7.87 36.18 10.76
C ALA F 79 6.56 36.31 11.54
N PHE F 80 5.81 35.21 11.65
CA PHE F 80 4.54 35.20 12.40
C PHE F 80 4.83 35.56 13.87
N ARG F 81 5.88 34.94 14.43
CA ARG F 81 6.26 35.16 15.83
C ARG F 81 6.59 36.61 16.06
N GLN F 82 7.39 37.16 15.17
CA GLN F 82 7.81 38.55 15.29
C GLN F 82 6.65 39.51 15.09
N ALA F 83 5.79 39.24 14.12
CA ALA F 83 4.63 40.08 13.86
C ALA F 83 3.67 40.14 15.07
N ILE F 84 3.49 39.01 15.75
CA ILE F 84 2.65 38.97 16.95
C ILE F 84 3.14 39.98 18.02
N GLY F 85 4.45 40.03 18.20
CA GLY F 85 5.06 40.98 19.13
C GLY F 85 4.83 40.45 20.53
N GLU F 86 4.74 41.34 21.50
CA GLU F 86 4.43 40.92 22.86
C GLU F 86 3.08 40.22 22.88
N ARG F 87 3.02 39.14 23.64
CA ARG F 87 1.85 38.28 23.68
C ARG F 87 0.89 38.74 24.78
N LYS F 88 0.10 39.73 24.42
CA LYS F 88 -0.79 40.37 25.33
C LYS F 88 -1.95 40.98 24.51
N GLY F 89 -3.11 41.04 25.13
CA GLY F 89 -4.29 41.61 24.55
C GLY F 89 -4.90 40.83 23.40
N ILE F 90 -4.57 39.53 23.28
CA ILE F 90 -5.09 38.70 22.21
C ILE F 90 -5.90 37.54 22.75
N LYS F 91 -6.71 36.95 21.88
CA LYS F 91 -7.52 35.80 22.27
C LYS F 91 -6.70 34.57 22.67
N ARG F 92 -5.50 34.43 22.09
CA ARG F 92 -4.55 33.33 22.31
C ARG F 92 -4.95 31.98 21.69
N TYR F 93 -6.20 31.59 21.92
CA TYR F 93 -6.77 30.34 21.40
C TYR F 93 -7.64 30.59 20.18
N GLY F 94 -7.43 29.78 19.15
CA GLY F 94 -8.27 29.79 17.97
C GLY F 94 -8.56 28.37 17.54
N SER F 95 -9.71 28.16 16.94
CA SER F 95 -10.05 26.88 16.37
C SER F 95 -11.01 27.08 15.24
N ALA F 96 -10.98 26.16 14.29
CA ALA F 96 -11.81 26.29 13.11
C ALA F 96 -11.89 24.96 12.39
N TYR F 97 -12.99 24.79 11.67
CA TYR F 97 -13.15 23.72 10.70
C TYR F 97 -13.27 24.32 9.31
N ALA F 98 -12.70 23.62 8.33
CA ALA F 98 -12.91 24.02 6.93
C ALA F 98 -13.00 22.75 6.13
N PRO F 99 -14.07 22.60 5.32
CA PRO F 99 -14.10 21.50 4.41
C PRO F 99 -13.51 21.92 3.04
N LEU F 100 -13.33 20.92 2.19
CA LEU F 100 -13.29 21.13 0.76
C LEU F 100 -13.97 19.91 0.16
N ASP F 101 -15.19 20.11 -0.34
CA ASP F 101 -16.01 19.00 -0.83
C ASP F 101 -16.11 17.88 0.20
N GLU F 102 -15.56 16.71 -0.09
CA GLU F 102 -15.76 15.56 0.80
C GLU F 102 -14.81 15.58 1.99
N SER F 103 -13.72 16.36 1.92
CA SER F 103 -12.76 16.44 3.01
C SER F 103 -13.17 17.43 4.10
N LEU F 104 -12.79 17.14 5.33
CA LEU F 104 -12.98 18.05 6.47
C LEU F 104 -11.74 18.10 7.32
N ALA F 105 -11.27 19.31 7.64
CA ALA F 105 -10.13 19.50 8.53
C ALA F 105 -10.48 20.44 9.67
N ARG F 106 -9.78 20.24 10.78
CA ARG F 106 -9.87 21.03 12.00
C ARG F 106 -8.49 21.50 12.30
N ALA F 107 -8.37 22.78 12.64
CA ALA F 107 -7.12 23.30 13.22
C ALA F 107 -7.40 23.96 14.57
N VAL F 108 -6.46 23.82 15.48
CA VAL F 108 -6.50 24.45 16.81
C VAL F 108 -5.14 25.06 17.09
N VAL F 109 -5.17 26.32 17.49
CA VAL F 109 -3.96 27.11 17.76
C VAL F 109 -3.99 27.63 19.19
N ASP F 110 -2.86 27.52 19.86
CA ASP F 110 -2.63 28.15 21.18
C ASP F 110 -1.34 28.97 21.03
N ILE F 111 -1.44 30.30 21.16
CA ILE F 111 -0.26 31.16 21.20
C ILE F 111 0.40 31.02 22.55
N SER F 112 1.17 29.95 22.70
CA SER F 112 1.57 29.42 24.01
C SER F 112 2.98 29.75 24.47
N SER F 113 3.81 30.15 23.53
CA SER F 113 5.26 30.20 23.67
C SER F 113 5.91 28.88 24.04
N ARG F 114 5.26 27.79 23.63
CA ARG F 114 5.78 26.44 23.75
C ARG F 114 5.65 25.83 22.35
N PRO F 115 6.77 25.66 21.65
CA PRO F 115 6.67 25.12 20.30
C PRO F 115 6.20 23.65 20.34
N PHE F 116 5.10 23.35 19.65
CA PHE F 116 4.58 21.97 19.63
C PHE F 116 3.58 21.83 18.51
N ALA F 117 3.59 20.71 17.81
CA ALA F 117 2.53 20.50 16.83
C ALA F 117 2.10 19.04 16.80
N VAL F 118 0.81 18.85 16.54
CA VAL F 118 0.23 17.51 16.38
C VAL F 118 -0.48 17.55 15.05
N ILE F 119 0.03 16.83 14.08
CA ILE F 119 -0.47 16.92 12.71
C ILE F 119 -0.86 15.53 12.17
N ASP F 120 -2.07 15.42 11.66
CA ASP F 120 -2.61 14.15 11.11
C ASP F 120 -3.45 14.48 9.88
N LEU F 121 -2.84 14.46 8.69
CA LEU F 121 -3.52 14.87 7.46
C LEU F 121 -4.06 13.72 6.59
N LYS F 122 -3.72 12.46 6.92
CA LYS F 122 -4.26 11.28 6.21
C LYS F 122 -4.04 11.37 4.71
N LEU F 123 -2.90 11.94 4.33
CA LEU F 123 -2.59 12.05 2.91
C LEU F 123 -2.21 10.66 2.36
N LYS F 124 -2.76 10.30 1.21
CA LYS F 124 -2.46 8.97 0.63
C LYS F 124 -1.40 8.95 -0.45
N ARG F 125 -1.29 10.01 -1.21
CA ARG F 125 -0.39 10.06 -2.34
C ARG F 125 1.05 10.34 -1.95
N GLU F 126 1.93 10.11 -2.91
CA GLU F 126 3.30 10.55 -2.79
C GLU F 126 3.53 12.06 -2.98
N LYS F 127 2.91 12.69 -3.97
CA LYS F 127 3.09 14.13 -4.20
C LYS F 127 1.76 14.73 -4.64
N ILE F 128 1.58 16.00 -4.32
CA ILE F 128 0.54 16.82 -4.95
C ILE F 128 1.29 17.87 -5.77
N GLY F 129 1.12 17.86 -7.09
CA GLY F 129 2.01 18.62 -7.96
C GLY F 129 3.45 18.24 -7.65
N GLU F 130 4.28 19.25 -7.36
CA GLU F 130 5.69 19.02 -7.05
C GLU F 130 5.99 19.04 -5.55
N LEU F 131 4.96 19.10 -4.71
CA LEU F 131 5.18 19.08 -3.26
C LEU F 131 4.96 17.67 -2.78
N SER F 132 5.96 17.07 -2.15
CA SER F 132 5.79 15.72 -1.58
C SER F 132 4.85 15.76 -0.39
N CYS F 133 3.96 14.78 -0.33
CA CYS F 133 2.96 14.77 0.73
C CYS F 133 3.58 14.69 2.11
N GLU F 134 4.69 13.96 2.24
CA GLU F 134 5.39 13.90 3.53
C GLU F 134 5.88 15.29 4.03
N MET F 135 6.09 16.23 3.11
CA MET F 135 6.55 17.58 3.48
C MET F 135 5.39 18.44 3.99
N ILE F 136 4.16 18.03 3.71
CA ILE F 136 3.01 18.86 4.11
C ILE F 136 2.85 18.94 5.66
N PRO F 137 2.81 17.80 6.38
CA PRO F 137 2.90 17.89 7.83
C PRO F 137 4.19 18.55 8.34
N HIS F 138 5.30 18.33 7.62
CA HIS F 138 6.57 18.91 8.01
C HIS F 138 6.48 20.44 7.96
N VAL F 139 5.84 20.99 6.95
CA VAL F 139 5.66 22.43 6.82
C VAL F 139 4.86 22.97 8.03
N LEU F 140 3.78 22.28 8.39
CA LEU F 140 2.94 22.77 9.52
C LEU F 140 3.68 22.63 10.84
N HIS F 141 4.45 21.56 11.00
CA HIS F 141 5.22 21.37 12.22
C HIS F 141 6.34 22.44 12.32
N SER F 142 7.05 22.65 11.22
CA SER F 142 8.14 23.60 11.20
C SER F 142 7.64 25.02 11.38
N PHE F 143 6.51 25.34 10.77
CA PHE F 143 5.86 26.63 10.98
C PHE F 143 5.53 26.84 12.46
N ALA F 144 4.83 25.86 13.06
CA ALA F 144 4.43 25.98 14.47
C ALA F 144 5.61 26.18 15.42
N THR F 145 6.66 25.41 15.23
CA THR F 145 7.79 25.50 16.15
C THR F 145 8.53 26.83 15.98
N SER F 146 8.71 27.29 14.75
CA SER F 146 9.35 28.59 14.53
C SER F 146 8.46 29.78 14.91
N ALA F 147 7.14 29.59 14.88
CA ALA F 147 6.19 30.62 15.35
C ALA F 147 6.11 30.60 16.87
N ASN F 148 6.74 29.61 17.50
CA ASN F 148 6.73 29.45 18.95
C ASN F 148 5.32 29.28 19.51
N LEU F 149 4.56 28.39 18.90
CA LEU F 149 3.15 28.23 19.29
C LEU F 149 2.79 26.77 19.20
N THR F 150 1.60 26.46 19.68
CA THR F 150 1.05 25.09 19.72
C THR F 150 -0.02 24.97 18.65
N LEU F 151 0.14 24.00 17.75
CA LEU F 151 -0.72 23.83 16.59
C LEU F 151 -1.13 22.37 16.43
N HIS F 152 -2.44 22.16 16.36
CA HIS F 152 -3.02 20.82 16.13
C HIS F 152 -3.79 20.91 14.83
N VAL F 153 -3.51 20.00 13.88
CA VAL F 153 -4.24 20.01 12.58
C VAL F 153 -4.61 18.60 12.26
N GLU F 154 -5.91 18.37 12.08
CA GLU F 154 -6.43 17.04 11.74
C GLU F 154 -7.33 17.10 10.53
N VAL F 155 -7.00 16.29 9.54
CA VAL F 155 -7.99 15.95 8.51
C VAL F 155 -8.82 14.79 9.07
N LEU F 156 -10.09 15.05 9.37
CA LEU F 156 -10.97 14.04 9.99
C LEU F 156 -11.26 12.90 9.01
N TYR F 157 -11.39 13.26 7.75
CA TYR F 157 -11.69 12.33 6.68
C TYR F 157 -11.56 13.06 5.37
N GLY F 158 -11.50 12.28 4.30
CA GLY F 158 -11.58 12.78 2.94
C GLY F 158 -11.11 11.73 1.97
N ALA F 159 -11.08 12.06 0.69
CA ALA F 159 -10.70 11.11 -0.35
C ALA F 159 -9.78 11.67 -1.41
N ASN F 160 -9.58 12.98 -1.42
CA ASN F 160 -8.72 13.63 -2.40
C ASN F 160 -7.67 14.42 -1.63
N ASP F 161 -6.41 14.13 -1.90
CA ASP F 161 -5.32 14.73 -1.14
C ASP F 161 -5.16 16.25 -1.31
N HIS F 162 -5.48 16.80 -2.50
CA HIS F 162 -5.44 18.28 -2.70
C HIS F 162 -6.55 18.84 -1.79
N HIS F 163 -7.72 18.20 -1.75
CA HIS F 163 -8.80 18.66 -0.82
C HIS F 163 -8.37 18.56 0.62
N LYS F 164 -7.71 17.46 0.99
CA LYS F 164 -7.25 17.29 2.35
C LYS F 164 -6.24 18.37 2.75
N ALA F 165 -5.21 18.54 1.93
CA ALA F 165 -4.18 19.53 2.25
C ALA F 165 -4.75 20.94 2.30
N GLU F 166 -5.59 21.25 1.31
CA GLU F 166 -6.10 22.59 1.19
C GLU F 166 -7.07 22.92 2.34
N SER F 167 -7.93 21.98 2.66
CA SER F 167 -8.82 22.16 3.78
C SER F 167 -8.04 22.36 5.10
N ALA F 168 -6.90 21.68 5.25
CA ALA F 168 -6.02 21.83 6.42
C ALA F 168 -5.40 23.24 6.49
N PHE F 169 -4.96 23.74 5.35
CA PHE F 169 -4.38 25.10 5.33
C PHE F 169 -5.47 26.15 5.59
N LYS F 170 -6.65 25.90 5.05
CA LYS F 170 -7.79 26.82 5.26
C LYS F 170 -8.18 26.86 6.73
N ALA F 171 -8.30 25.68 7.35
CA ALA F 171 -8.61 25.60 8.80
C ALA F 171 -7.53 26.24 9.65
N THR F 172 -6.27 25.96 9.31
CA THR F 172 -5.14 26.58 9.98
C THR F 172 -5.22 28.11 9.93
N ALA F 173 -5.52 28.64 8.74
CA ALA F 173 -5.61 30.09 8.52
C ALA F 173 -6.67 30.70 9.41
N LEU F 174 -7.84 30.06 9.46
CA LEU F 174 -8.97 30.57 10.26
C LEU F 174 -8.66 30.54 11.75
N ALA F 175 -8.08 29.44 12.21
CA ALA F 175 -7.69 29.30 13.61
C ALA F 175 -6.59 30.28 14.05
N LEU F 176 -5.56 30.47 13.22
CA LEU F 176 -4.53 31.48 13.47
C LEU F 176 -5.12 32.89 13.54
N ARG F 177 -6.03 33.19 12.61
CA ARG F 177 -6.70 34.50 12.59
C ARG F 177 -7.41 34.74 13.92
N GLU F 178 -8.14 33.74 14.39
CA GLU F 178 -8.85 33.89 15.65
C GLU F 178 -7.90 34.08 16.82
N ALA F 179 -6.88 33.23 16.90
CA ALA F 179 -5.91 33.27 17.97
C ALA F 179 -5.18 34.62 18.12
N VAL F 180 -4.84 35.28 17.01
CA VAL F 180 -4.11 36.54 17.12
C VAL F 180 -5.07 37.76 17.09
N THR F 181 -6.38 37.53 17.16
CA THR F 181 -7.35 38.64 17.20
C THR F 181 -7.19 39.39 18.52
N LYS F 182 -7.18 40.72 18.44
CA LYS F 182 -7.15 41.54 19.67
C LYS F 182 -8.48 41.38 20.42
N ASP F 183 -8.39 41.15 21.73
CA ASP F 183 -9.59 40.88 22.54
C ASP F 183 -9.35 41.38 23.95
N GLY F 184 -10.26 42.23 24.43
CA GLY F 184 -10.22 42.66 25.82
C GLY F 184 -9.12 43.65 26.07
N PRO F 185 -8.73 43.83 27.35
CA PRO F 185 -7.70 44.83 27.66
C PRO F 185 -6.37 44.58 26.93
N ALA F 186 -5.81 45.64 26.35
CA ALA F 186 -4.60 45.55 25.52
C ALA F 186 -3.37 45.01 26.25
N ASP F 187 -3.28 45.23 27.56
CA ASP F 187 -2.08 44.85 28.31
C ASP F 187 -2.20 43.54 29.12
N ALA F 188 -3.38 42.92 29.10
CA ALA F 188 -3.60 41.65 29.80
C ALA F 188 -2.82 40.53 29.11
N VAL F 189 -2.05 39.77 29.89
CA VAL F 189 -1.37 38.57 29.40
C VAL F 189 -2.37 37.43 29.57
N PRO F 190 -2.76 36.75 28.47
CA PRO F 190 -3.73 35.64 28.58
C PRO F 190 -3.10 34.33 29.08
N SER F 191 -2.60 34.36 30.30
CA SER F 191 -2.01 33.19 30.96
C SER F 191 -2.11 33.34 32.45
N THR F 192 -2.44 32.25 33.12
CA THR F 192 -2.44 32.23 34.58
C THR F 192 -1.05 32.45 35.20
N LYS F 193 0.03 32.14 34.47
CA LYS F 193 1.38 32.39 34.97
C LYS F 193 1.89 33.81 34.67
N GLY F 194 1.08 34.63 33.99
CA GLY F 194 1.36 36.04 33.77
C GLY F 194 2.41 36.37 32.73
N VAL F 195 2.94 35.35 32.05
CA VAL F 195 4.08 35.50 31.13
C VAL F 195 3.81 34.60 29.92
N LEU F 196 3.96 35.17 28.72
CA LEU F 196 4.07 34.39 27.47
C LEU F 196 5.23 34.98 26.66
N GLU F 197 6.39 34.36 26.81
CA GLU F 197 7.70 34.85 26.31
C GLU F 197 7.72 35.02 24.81
N LYS G 3 -31.44 22.63 -32.73
CA LYS G 3 -30.20 21.82 -32.61
C LYS G 3 -29.73 21.74 -31.16
N ARG G 4 -29.36 20.53 -30.75
CA ARG G 4 -28.92 20.28 -29.38
C ARG G 4 -27.43 20.53 -29.29
N GLU G 5 -27.09 21.75 -28.93
CA GLU G 5 -25.70 22.19 -28.90
C GLU G 5 -25.58 23.24 -27.86
N ALA G 6 -24.34 23.53 -27.46
CA ALA G 6 -24.08 24.54 -26.47
C ALA G 6 -22.66 25.06 -26.59
N GLN G 7 -22.47 26.33 -26.22
CA GLN G 7 -21.14 26.91 -26.05
C GLN G 7 -21.11 27.50 -24.66
N VAL G 8 -20.10 27.15 -23.87
CA VAL G 8 -19.98 27.63 -22.48
C VAL G 8 -18.54 28.09 -22.23
N ALA G 9 -18.41 29.25 -21.62
CA ALA G 9 -17.10 29.76 -21.25
C ALA G 9 -17.12 30.08 -19.79
N ARG G 10 -15.97 29.94 -19.14
CA ARG G 10 -15.85 30.13 -17.73
C ARG G 10 -14.41 30.52 -17.37
N GLU G 11 -14.28 31.52 -16.51
CA GLU G 11 -13.00 32.05 -16.11
C GLU G 11 -12.94 32.27 -14.60
N THR G 12 -11.88 31.78 -14.00
CA THR G 12 -11.54 32.09 -12.65
C THR G 12 -10.06 32.46 -12.65
N GLY G 13 -9.56 32.71 -11.46
CA GLY G 13 -8.13 32.90 -11.27
C GLY G 13 -7.29 31.67 -11.52
N GLU G 14 -7.91 30.49 -11.62
CA GLU G 14 -7.16 29.24 -11.81
C GLU G 14 -7.18 28.79 -13.27
N THR G 15 -8.33 28.96 -13.93
CA THR G 15 -8.57 28.44 -15.26
C THR G 15 -9.44 29.36 -16.10
N LYS G 16 -9.20 29.26 -17.41
CA LYS G 16 -10.02 29.90 -18.44
C LYS G 16 -10.35 28.82 -19.47
N ILE G 17 -11.65 28.58 -19.66
CA ILE G 17 -12.08 27.41 -20.39
C ILE G 17 -13.21 27.79 -21.34
N GLU G 18 -13.20 27.15 -22.53
CA GLU G 18 -14.33 27.20 -23.44
C GLU G 18 -14.64 25.79 -23.93
N VAL G 19 -15.93 25.45 -23.97
CA VAL G 19 -16.41 24.20 -24.50
C VAL G 19 -17.50 24.47 -25.55
N ARG G 20 -17.44 23.75 -26.66
CA ARG G 20 -18.53 23.72 -27.62
C ARG G 20 -18.89 22.27 -27.80
N LEU G 21 -20.18 21.97 -27.72
CA LEU G 21 -20.68 20.58 -27.73
C LEU G 21 -21.95 20.48 -28.59
N SER G 22 -22.03 19.42 -29.42
CA SER G 22 -23.29 18.97 -30.08
C SER G 22 -23.56 17.60 -29.57
N LEU G 23 -24.79 17.37 -29.12
CA LEU G 23 -25.22 16.04 -28.72
C LEU G 23 -25.42 15.13 -29.89
N ASP G 24 -25.86 15.68 -31.03
CA ASP G 24 -26.21 14.83 -32.18
C ASP G 24 -25.11 14.94 -33.19
N GLY G 25 -23.96 14.37 -32.83
CA GLY G 25 -22.74 14.54 -33.61
C GLY G 25 -22.33 13.26 -34.29
N THR G 26 -21.07 13.22 -34.71
CA THR G 26 -20.47 12.02 -35.30
C THR G 26 -19.30 11.46 -34.50
N GLY G 27 -18.95 12.08 -33.36
CA GLY G 27 -17.85 11.59 -32.54
C GLY G 27 -16.56 12.38 -32.66
N VAL G 28 -16.64 13.56 -33.29
CA VAL G 28 -15.44 14.36 -33.55
C VAL G 28 -15.07 15.16 -32.30
N SER G 29 -13.78 15.23 -32.00
CA SER G 29 -13.28 15.95 -30.84
C SER G 29 -12.07 16.78 -31.19
N ASP G 30 -11.96 17.93 -30.53
CA ASP G 30 -10.81 18.80 -30.64
C ASP G 30 -10.60 19.31 -29.22
N VAL G 31 -10.01 18.45 -28.40
CA VAL G 31 -9.91 18.68 -26.96
C VAL G 31 -8.47 18.89 -26.57
N LYS G 32 -8.22 20.04 -25.95
CA LYS G 32 -6.89 20.40 -25.44
C LYS G 32 -7.06 21.01 -24.04
N THR G 33 -6.92 20.15 -23.04
CA THR G 33 -7.07 20.52 -21.64
C THR G 33 -5.75 20.97 -21.05
N GLY G 34 -4.63 20.61 -21.70
CA GLY G 34 -3.30 20.76 -21.13
C GLY G 34 -2.77 19.46 -20.54
N ILE G 35 -3.63 18.43 -20.47
CA ILE G 35 -3.28 17.11 -19.88
C ILE G 35 -3.63 16.03 -20.92
N GLY G 36 -2.62 15.42 -21.52
CA GLY G 36 -2.84 14.50 -22.59
C GLY G 36 -3.77 13.35 -22.28
N PHE G 37 -3.62 12.75 -21.09
CA PHE G 37 -4.46 11.62 -20.77
C PHE G 37 -5.93 12.03 -20.62
N LEU G 38 -6.17 13.21 -20.06
CA LEU G 38 -7.52 13.73 -19.97
C LEU G 38 -8.10 13.97 -21.38
N ASP G 39 -7.28 14.56 -22.26
CA ASP G 39 -7.67 14.76 -23.64
C ASP G 39 -8.09 13.43 -24.26
N HIS G 40 -7.33 12.38 -24.01
CA HIS G 40 -7.65 11.05 -24.54
C HIS G 40 -8.98 10.53 -23.98
N MET G 41 -9.21 10.69 -22.67
CA MET G 41 -10.49 10.26 -22.08
C MET G 41 -11.66 11.03 -22.67
N LEU G 42 -11.52 12.32 -22.83
CA LEU G 42 -12.62 13.14 -23.37
C LEU G 42 -12.85 12.90 -24.85
N SER G 43 -11.77 12.61 -25.58
CA SER G 43 -11.87 12.19 -26.99
C SER G 43 -12.65 10.86 -27.11
N ALA G 44 -12.34 9.91 -26.24
CA ALA G 44 -13.07 8.67 -26.14
C ALA G 44 -14.55 8.87 -25.82
N LEU G 45 -14.83 9.78 -24.90
CA LEU G 45 -16.20 10.08 -24.50
C LEU G 45 -16.97 10.59 -25.71
N ALA G 46 -16.39 11.53 -26.45
CA ALA G 46 -17.03 12.09 -27.64
C ALA G 46 -17.24 11.01 -28.69
N LYS G 47 -16.20 10.20 -28.94
CA LYS G 47 -16.24 9.21 -30.01
C LYS G 47 -17.38 8.20 -29.79
N HIS G 48 -17.45 7.64 -28.59
CA HIS G 48 -18.35 6.52 -28.34
C HIS G 48 -19.76 6.97 -27.93
N GLY G 49 -19.86 8.25 -27.57
CA GLY G 49 -21.13 8.94 -27.33
C GLY G 49 -21.73 9.56 -28.60
N ARG G 50 -20.96 9.60 -29.68
CA ARG G 50 -21.32 10.33 -30.91
C ARG G 50 -21.64 11.80 -30.66
N PHE G 51 -20.86 12.40 -29.76
CA PHE G 51 -20.90 13.82 -29.49
C PHE G 51 -19.82 14.49 -30.31
N ASP G 52 -20.02 15.75 -30.62
CA ASP G 52 -18.95 16.59 -31.18
C ASP G 52 -18.51 17.55 -30.08
N LEU G 53 -17.22 17.55 -29.75
CA LEU G 53 -16.73 18.29 -28.60
C LEU G 53 -15.45 19.09 -28.93
N TYR G 54 -15.47 20.36 -28.62
CA TYR G 54 -14.31 21.26 -28.68
C TYR G 54 -14.09 21.76 -27.29
N LEU G 55 -12.82 21.76 -26.88
CA LEU G 55 -12.48 22.21 -25.53
C LEU G 55 -11.08 22.80 -25.55
N ARG G 56 -10.97 23.94 -24.89
CA ARG G 56 -9.71 24.60 -24.62
C ARG G 56 -9.66 25.02 -23.17
N CYS G 57 -8.54 24.77 -22.52
CA CYS G 57 -8.31 25.18 -21.14
C CYS G 57 -6.91 25.78 -21.05
N ALA G 58 -6.83 26.97 -20.46
CA ALA G 58 -5.59 27.58 -20.05
C ALA G 58 -5.68 27.52 -18.53
N GLY G 59 -4.88 26.65 -17.91
CA GLY G 59 -5.00 26.37 -16.47
C GLY G 59 -3.71 26.47 -15.71
N ASP G 60 -3.77 26.21 -14.39
CA ASP G 60 -2.61 26.41 -13.51
C ASP G 60 -1.88 25.10 -13.22
N LEU G 61 -1.35 24.50 -14.30
CA LEU G 61 -0.68 23.20 -14.22
C LEU G 61 0.62 23.22 -13.40
N HIS G 62 1.21 24.41 -13.22
CA HIS G 62 2.34 24.64 -12.28
C HIS G 62 2.02 24.35 -10.79
N VAL G 63 0.75 24.42 -10.42
CA VAL G 63 0.24 24.06 -9.12
C VAL G 63 0.10 22.54 -9.09
N ASP G 64 -0.83 22.03 -9.89
CA ASP G 64 -1.04 20.59 -10.14
C ASP G 64 -2.14 20.48 -11.23
N ASP G 65 -2.63 19.27 -11.45
CA ASP G 65 -3.61 19.00 -12.50
C ASP G 65 -5.06 19.18 -12.03
N HIS G 66 -5.26 19.59 -10.80
CA HIS G 66 -6.56 19.47 -10.16
C HIS G 66 -7.52 20.51 -10.70
N HIS G 67 -7.15 21.79 -10.67
CA HIS G 67 -8.11 22.85 -11.04
C HIS G 67 -8.47 22.73 -12.51
N THR G 68 -7.48 22.42 -13.34
CA THR G 68 -7.70 22.18 -14.77
C THR G 68 -8.72 21.08 -15.00
N SER G 69 -8.45 19.90 -14.42
CA SER G 69 -9.32 18.73 -14.61
C SER G 69 -10.74 18.97 -14.10
N GLU G 70 -10.85 19.46 -12.88
CA GLU G 70 -12.15 19.75 -12.26
C GLU G 70 -12.93 20.77 -13.11
N ASP G 71 -12.30 21.88 -13.43
CA ASP G 71 -12.99 22.95 -14.16
C ASP G 71 -13.36 22.56 -15.61
N CYS G 72 -12.54 21.73 -16.26
CA CYS G 72 -12.90 21.13 -17.56
C CYS G 72 -14.18 20.29 -17.42
N ALA G 73 -14.25 19.47 -16.37
CA ALA G 73 -15.46 18.69 -16.09
C ALA G 73 -16.68 19.58 -15.79
N ILE G 74 -16.47 20.66 -15.04
CA ILE G 74 -17.57 21.57 -14.69
C ILE G 74 -18.14 22.19 -15.95
N VAL G 75 -17.28 22.72 -16.81
CA VAL G 75 -17.74 23.38 -18.01
C VAL G 75 -18.39 22.40 -18.99
N LEU G 76 -17.82 21.19 -19.11
CA LEU G 76 -18.36 20.13 -19.94
C LEU G 76 -19.74 19.74 -19.47
N GLY G 77 -19.91 19.61 -18.16
CA GLY G 77 -21.22 19.32 -17.59
C GLY G 77 -22.22 20.40 -17.86
N GLN G 78 -21.82 21.66 -17.68
CA GLN G 78 -22.71 22.78 -18.00
C GLN G 78 -23.12 22.77 -19.45
N ALA G 79 -22.19 22.46 -20.37
CA ALA G 79 -22.49 22.44 -21.78
C ALA G 79 -23.48 21.32 -22.07
N PHE G 80 -23.30 20.17 -21.42
CA PHE G 80 -24.20 19.04 -21.57
C PHE G 80 -25.63 19.41 -21.15
N ARG G 81 -25.75 20.00 -19.97
CA ARG G 81 -27.02 20.47 -19.43
C ARG G 81 -27.70 21.38 -20.42
N GLN G 82 -26.96 22.36 -20.93
CA GLN G 82 -27.53 23.31 -21.90
C GLN G 82 -27.92 22.67 -23.20
N ALA G 83 -27.07 21.78 -23.72
CA ALA G 83 -27.33 21.12 -24.99
C ALA G 83 -28.60 20.25 -24.94
N ILE G 84 -28.84 19.61 -23.80
CA ILE G 84 -30.04 18.74 -23.67
C ILE G 84 -31.28 19.63 -23.81
N GLY G 85 -31.20 20.82 -23.23
CA GLY G 85 -32.28 21.80 -23.26
C GLY G 85 -33.44 21.30 -22.41
N GLU G 86 -34.68 21.57 -22.84
CA GLU G 86 -35.84 21.11 -22.07
C GLU G 86 -35.84 19.59 -22.04
N ARG G 87 -36.09 19.04 -20.87
CA ARG G 87 -35.99 17.59 -20.64
C ARG G 87 -37.33 16.90 -20.94
N LYS G 88 -37.51 16.63 -22.24
CA LYS G 88 -38.71 16.00 -22.78
C LYS G 88 -38.38 15.19 -24.02
N GLY G 89 -39.17 14.16 -24.29
CA GLY G 89 -39.02 13.37 -25.48
C GLY G 89 -37.76 12.55 -25.59
N ILE G 90 -37.12 12.24 -24.45
CA ILE G 90 -35.87 11.51 -24.41
C ILE G 90 -36.03 10.29 -23.53
N LYS G 91 -35.15 9.32 -23.72
CA LYS G 91 -35.18 8.09 -22.95
C LYS G 91 -34.99 8.28 -21.47
N ARG G 92 -34.21 9.30 -21.09
CA ARG G 92 -33.89 9.68 -19.69
C ARG G 92 -32.87 8.75 -19.03
N TYR G 93 -33.11 7.45 -19.15
CA TYR G 93 -32.23 6.41 -18.59
C TYR G 93 -31.33 5.83 -19.62
N GLY G 94 -30.06 5.63 -19.25
CA GLY G 94 -29.09 4.96 -20.09
C GLY G 94 -28.19 4.09 -19.24
N SER G 95 -27.79 2.94 -19.79
CA SER G 95 -26.80 2.11 -19.15
C SER G 95 -26.01 1.37 -20.20
N ALA G 96 -24.77 1.03 -19.86
CA ALA G 96 -23.84 0.41 -20.77
C ALA G 96 -22.70 -0.20 -19.99
N TYR G 97 -22.16 -1.28 -20.55
CA TYR G 97 -20.88 -1.87 -20.16
C TYR G 97 -19.85 -1.69 -21.26
N ALA G 98 -18.61 -1.36 -20.89
CA ALA G 98 -17.52 -1.39 -21.83
C ALA G 98 -16.30 -2.03 -21.17
N PRO G 99 -15.67 -2.99 -21.85
CA PRO G 99 -14.42 -3.49 -21.37
C PRO G 99 -13.25 -2.78 -22.07
N LEU G 100 -12.05 -2.99 -21.55
CA LEU G 100 -10.84 -2.82 -22.33
C LEU G 100 -9.91 -3.94 -21.84
N ASP G 101 -9.75 -4.98 -22.67
CA ASP G 101 -9.02 -6.18 -22.34
C ASP G 101 -9.55 -6.78 -21.01
N GLU G 102 -8.75 -6.81 -19.95
CA GLU G 102 -9.16 -7.44 -18.72
C GLU G 102 -10.10 -6.61 -17.83
N SER G 103 -10.18 -5.30 -18.07
CA SER G 103 -11.02 -4.39 -17.29
C SER G 103 -12.44 -4.35 -17.82
N LEU G 104 -13.40 -4.18 -16.92
CA LEU G 104 -14.79 -4.00 -17.29
C LEU G 104 -15.42 -2.90 -16.46
N ALA G 105 -16.09 -1.96 -17.15
CA ALA G 105 -16.81 -0.87 -16.50
C ALA G 105 -18.30 -0.82 -16.89
N ARG G 106 -19.10 -0.35 -15.97
CA ARG G 106 -20.52 -0.11 -16.18
C ARG G 106 -20.80 1.36 -15.86
N ALA G 107 -21.59 2.01 -16.70
CA ALA G 107 -22.11 3.35 -16.38
C ALA G 107 -23.62 3.39 -16.49
N VAL G 108 -24.24 4.12 -15.57
CA VAL G 108 -25.71 4.30 -15.56
C VAL G 108 -25.98 5.78 -15.42
N VAL G 109 -26.82 6.29 -16.32
CA VAL G 109 -27.21 7.69 -16.36
C VAL G 109 -28.74 7.82 -16.14
N ASP G 110 -29.12 8.84 -15.40
CA ASP G 110 -30.51 9.25 -15.24
C ASP G 110 -30.48 10.75 -15.43
N ILE G 111 -31.09 11.24 -16.52
CA ILE G 111 -31.32 12.69 -16.71
C ILE G 111 -32.44 13.16 -15.78
N SER G 112 -32.03 13.43 -14.54
CA SER G 112 -32.96 13.50 -13.40
C SER G 112 -33.28 14.88 -12.87
N SER G 113 -32.46 15.86 -13.28
CA SER G 113 -32.40 17.19 -12.64
C SER G 113 -32.10 17.16 -11.14
N ARG G 114 -31.43 16.09 -10.71
CA ARG G 114 -30.95 15.96 -9.35
C ARG G 114 -29.44 15.61 -9.46
N PRO G 115 -28.57 16.56 -9.13
CA PRO G 115 -27.14 16.27 -9.29
C PRO G 115 -26.65 15.24 -8.27
N PHE G 116 -26.09 14.13 -8.77
CA PHE G 116 -25.55 13.09 -7.87
C PHE G 116 -24.62 12.18 -8.65
N ALA G 117 -23.54 11.74 -8.03
CA ALA G 117 -22.74 10.72 -8.68
C ALA G 117 -22.25 9.69 -7.68
N VAL G 118 -22.15 8.46 -8.17
CA VAL G 118 -21.58 7.36 -7.40
C VAL G 118 -20.51 6.77 -8.30
N ILE G 119 -19.26 6.90 -7.88
CA ILE G 119 -18.10 6.55 -8.74
C ILE G 119 -17.15 5.64 -7.99
N ASP G 120 -16.77 4.53 -8.62
CA ASP G 120 -15.91 3.50 -8.01
C ASP G 120 -15.05 2.90 -9.11
N LEU G 121 -13.89 3.50 -9.36
CA LEU G 121 -13.03 3.10 -10.49
C LEU G 121 -11.90 2.13 -10.12
N LYS G 122 -11.69 1.91 -8.84
CA LYS G 122 -10.66 0.99 -8.35
C LYS G 122 -9.27 1.24 -8.91
N LEU G 123 -8.90 2.50 -9.10
CA LEU G 123 -7.59 2.81 -9.66
C LEU G 123 -6.53 2.58 -8.58
N LYS G 124 -5.39 2.01 -8.97
CA LYS G 124 -4.30 1.73 -8.04
C LYS G 124 -3.11 2.70 -8.10
N ARG G 125 -2.91 3.36 -9.22
CA ARG G 125 -1.75 4.20 -9.40
C ARG G 125 -2.00 5.58 -8.85
N GLU G 126 -0.90 6.31 -8.71
CA GLU G 126 -0.99 7.73 -8.44
C GLU G 126 -1.36 8.60 -9.63
N LYS G 127 -0.78 8.34 -10.80
CA LYS G 127 -1.09 9.08 -12.01
C LYS G 127 -1.13 8.14 -13.20
N ILE G 128 -1.87 8.58 -14.22
CA ILE G 128 -1.81 7.96 -15.53
C ILE G 128 -1.38 9.11 -16.42
N GLY G 129 -0.20 9.00 -17.00
CA GLY G 129 0.37 10.14 -17.71
C GLY G 129 0.46 11.27 -16.70
N GLU G 130 -0.04 12.44 -17.06
CA GLU G 130 -0.02 13.59 -16.14
C GLU G 130 -1.37 13.80 -15.42
N LEU G 131 -2.31 12.88 -15.57
CA LEU G 131 -3.58 13.00 -14.86
C LEU G 131 -3.49 12.19 -13.58
N SER G 132 -3.65 12.87 -12.44
CA SER G 132 -3.66 12.17 -11.15
C SER G 132 -4.89 11.24 -11.11
N CYS G 133 -4.70 10.00 -10.67
CA CYS G 133 -5.85 9.10 -10.57
C CYS G 133 -6.96 9.62 -9.67
N GLU G 134 -6.63 10.33 -8.57
CA GLU G 134 -7.70 10.87 -7.73
C GLU G 134 -8.58 11.89 -8.46
N MET G 135 -8.05 12.54 -9.48
CA MET G 135 -8.88 13.49 -10.25
C MET G 135 -9.85 12.77 -11.21
N ILE G 136 -9.67 11.48 -11.47
CA ILE G 136 -10.55 10.83 -12.47
C ILE G 136 -11.99 10.68 -11.94
N PRO G 137 -12.20 10.12 -10.74
CA PRO G 137 -13.53 10.18 -10.12
C PRO G 137 -14.04 11.63 -9.92
N HIS G 138 -13.14 12.55 -9.60
CA HIS G 138 -13.53 13.90 -9.36
C HIS G 138 -14.08 14.51 -10.68
N VAL G 139 -13.46 14.18 -11.82
CA VAL G 139 -13.94 14.60 -13.11
C VAL G 139 -15.35 14.09 -13.36
N LEU G 140 -15.59 12.81 -13.13
CA LEU G 140 -16.94 12.23 -13.38
C LEU G 140 -17.99 12.83 -12.46
N HIS G 141 -17.62 13.02 -11.20
CA HIS G 141 -18.53 13.61 -10.22
C HIS G 141 -18.88 15.08 -10.58
N SER G 142 -17.85 15.85 -10.92
CA SER G 142 -18.05 17.27 -11.28
C SER G 142 -18.86 17.40 -12.57
N PHE G 143 -18.61 16.51 -13.53
CA PHE G 143 -19.37 16.51 -14.77
C PHE G 143 -20.86 16.28 -14.45
N ALA G 144 -21.13 15.29 -13.60
CA ALA G 144 -22.51 14.89 -13.34
C ALA G 144 -23.28 16.00 -12.64
N THR G 145 -22.68 16.58 -11.60
CA THR G 145 -23.34 17.63 -10.85
C THR G 145 -23.59 18.86 -11.75
N SER G 146 -22.60 19.27 -12.56
CA SER G 146 -22.79 20.38 -13.52
C SER G 146 -23.77 20.10 -14.63
N ALA G 147 -23.87 18.83 -15.04
CA ALA G 147 -24.86 18.42 -16.04
C ALA G 147 -26.24 18.25 -15.41
N ASN G 148 -26.35 18.36 -14.08
CA ASN G 148 -27.59 18.27 -13.34
C ASN G 148 -28.26 16.92 -13.60
N LEU G 149 -27.46 15.86 -13.44
CA LEU G 149 -27.93 14.52 -13.71
C LEU G 149 -27.31 13.54 -12.69
N THR G 150 -27.80 12.30 -12.71
CA THR G 150 -27.39 11.23 -11.80
C THR G 150 -26.55 10.26 -12.61
N LEU G 151 -25.31 10.04 -12.15
CA LEU G 151 -24.34 9.22 -12.85
C LEU G 151 -23.74 8.21 -11.89
N HIS G 152 -23.78 6.94 -12.26
CA HIS G 152 -23.16 5.88 -11.48
C HIS G 152 -22.15 5.23 -12.40
N VAL G 153 -20.88 5.17 -12.00
CA VAL G 153 -19.85 4.51 -12.81
C VAL G 153 -19.06 3.59 -11.92
N GLU G 154 -18.97 2.33 -12.33
CA GLU G 154 -18.23 1.31 -11.58
C GLU G 154 -17.29 0.56 -12.53
N VAL G 155 -16.02 0.52 -12.15
CA VAL G 155 -15.09 -0.43 -12.70
C VAL G 155 -15.27 -1.71 -11.87
N LEU G 156 -15.76 -2.75 -12.52
CA LEU G 156 -16.10 -3.98 -11.80
C LEU G 156 -14.84 -4.72 -11.36
N TYR G 157 -13.85 -4.70 -12.24
CA TYR G 157 -12.56 -5.33 -12.03
C TYR G 157 -11.63 -4.89 -13.13
N GLY G 158 -10.36 -5.19 -12.92
CA GLY G 158 -9.32 -4.86 -13.88
C GLY G 158 -7.95 -4.92 -13.25
N ALA G 159 -6.94 -4.79 -14.09
CA ALA G 159 -5.53 -4.83 -13.63
C ALA G 159 -4.65 -3.68 -14.12
N ASN G 160 -5.14 -2.86 -15.04
CA ASN G 160 -4.36 -1.80 -15.67
C ASN G 160 -5.19 -0.51 -15.56
N ASP G 161 -4.66 0.51 -14.91
CA ASP G 161 -5.43 1.73 -14.65
C ASP G 161 -5.83 2.48 -15.92
N HIS G 162 -4.99 2.48 -16.95
CA HIS G 162 -5.38 3.13 -18.21
C HIS G 162 -6.60 2.35 -18.77
N HIS G 163 -6.56 1.03 -18.74
CA HIS G 163 -7.73 0.23 -19.16
C HIS G 163 -8.97 0.49 -18.29
N LYS G 164 -8.76 0.58 -16.98
CA LYS G 164 -9.85 0.88 -16.07
C LYS G 164 -10.48 2.24 -16.36
N ALA G 165 -9.67 3.29 -16.41
CA ALA G 165 -10.20 4.64 -16.64
C ALA G 165 -10.87 4.75 -18.02
N GLU G 166 -10.23 4.17 -19.03
CA GLU G 166 -10.73 4.29 -20.40
C GLU G 166 -12.03 3.50 -20.59
N SER G 167 -12.11 2.33 -19.96
CA SER G 167 -13.33 1.55 -20.00
C SER G 167 -14.48 2.33 -19.32
N ALA G 168 -14.15 3.06 -18.25
CA ALA G 168 -15.15 3.88 -17.55
C ALA G 168 -15.64 5.04 -18.42
N PHE G 169 -14.76 5.72 -19.11
CA PHE G 169 -15.20 6.79 -20.01
C PHE G 169 -15.99 6.26 -21.20
N LYS G 170 -15.57 5.10 -21.73
CA LYS G 170 -16.28 4.45 -22.82
C LYS G 170 -17.71 4.07 -22.39
N ALA G 171 -17.84 3.40 -21.25
CA ALA G 171 -19.17 3.05 -20.72
C ALA G 171 -20.00 4.29 -20.45
N THR G 172 -19.38 5.32 -19.88
CA THR G 172 -20.10 6.58 -19.63
C THR G 172 -20.63 7.19 -20.92
N ALA G 173 -19.78 7.20 -21.94
CA ALA G 173 -20.19 7.69 -23.28
C ALA G 173 -21.42 6.99 -23.80
N LEU G 174 -21.38 5.67 -23.77
CA LEU G 174 -22.49 4.88 -24.30
C LEU G 174 -23.78 5.10 -23.51
N ALA G 175 -23.66 5.19 -22.19
CA ALA G 175 -24.81 5.37 -21.34
C ALA G 175 -25.42 6.76 -21.53
N LEU G 176 -24.57 7.78 -21.62
CA LEU G 176 -25.05 9.14 -21.89
C LEU G 176 -25.76 9.23 -23.27
N ARG G 177 -25.16 8.58 -24.27
CA ARG G 177 -25.76 8.57 -25.62
C ARG G 177 -27.18 7.98 -25.57
N GLU G 178 -27.34 6.88 -24.86
CA GLU G 178 -28.65 6.24 -24.70
C GLU G 178 -29.65 7.15 -23.94
N ALA G 179 -29.23 7.70 -22.81
CA ALA G 179 -30.06 8.57 -22.01
C ALA G 179 -30.61 9.79 -22.78
N VAL G 180 -29.83 10.37 -23.67
CA VAL G 180 -30.29 11.59 -24.39
C VAL G 180 -30.89 11.31 -25.77
N THR G 181 -31.08 10.04 -26.08
CA THR G 181 -31.67 9.64 -27.36
C THR G 181 -33.15 10.02 -27.33
N LYS G 182 -33.62 10.64 -28.42
CA LYS G 182 -35.03 10.98 -28.56
C LYS G 182 -35.83 9.69 -28.72
N ASP G 183 -36.96 9.62 -28.01
CA ASP G 183 -37.74 8.39 -27.93
C ASP G 183 -39.17 8.74 -27.57
N GLY G 184 -40.10 8.36 -28.45
CA GLY G 184 -41.53 8.54 -28.19
C GLY G 184 -42.00 9.97 -28.45
N PRO G 185 -43.22 10.32 -27.97
CA PRO G 185 -43.76 11.68 -28.14
C PRO G 185 -42.82 12.82 -27.69
N ALA G 186 -42.60 13.79 -28.59
CA ALA G 186 -41.59 14.87 -28.44
C ALA G 186 -41.77 15.72 -27.20
N ASP G 187 -43.02 15.93 -26.76
CA ASP G 187 -43.31 16.80 -25.62
C ASP G 187 -43.54 16.06 -24.28
N ALA G 188 -43.45 14.72 -24.28
CA ALA G 188 -43.68 13.95 -23.05
C ALA G 188 -42.49 14.19 -22.13
N VAL G 189 -42.79 14.52 -20.87
CA VAL G 189 -41.80 14.60 -19.80
C VAL G 189 -41.66 13.18 -19.20
N PRO G 190 -40.44 12.61 -19.21
CA PRO G 190 -40.25 11.24 -18.70
C PRO G 190 -40.12 11.20 -17.17
N SER G 191 -41.19 11.59 -16.49
CA SER G 191 -41.26 11.63 -15.03
C SER G 191 -42.69 11.57 -14.54
N THR G 192 -42.93 10.77 -13.50
CA THR G 192 -44.27 10.74 -12.89
C THR G 192 -44.68 12.04 -12.23
N LYS G 193 -43.73 12.91 -11.86
CA LYS G 193 -44.07 14.21 -11.28
C LYS G 193 -44.25 15.33 -12.34
N GLY G 194 -44.08 14.99 -13.61
CA GLY G 194 -44.45 15.88 -14.72
C GLY G 194 -43.47 17.01 -15.04
N VAL G 195 -42.33 17.06 -14.35
CA VAL G 195 -41.36 18.17 -14.42
C VAL G 195 -39.95 17.58 -14.28
N LEU G 196 -39.03 17.97 -15.17
CA LEU G 196 -37.59 17.79 -14.95
C LEU G 196 -36.91 19.12 -15.25
N GLU G 197 -36.61 19.89 -14.20
CA GLU G 197 -36.19 21.31 -14.32
C GLU G 197 -34.89 21.48 -15.09
N LYS H 3 -31.66 44.17 3.60
CA LYS H 3 -31.96 42.78 4.07
C LYS H 3 -31.82 41.78 2.93
N ARG H 4 -31.18 40.65 3.24
CA ARG H 4 -30.98 39.60 2.25
C ARG H 4 -32.15 38.64 2.41
N GLU H 5 -33.03 38.66 1.41
CA GLU H 5 -34.29 37.91 1.45
C GLU H 5 -34.51 37.27 0.12
N ALA H 6 -35.39 36.27 0.10
CA ALA H 6 -35.82 35.65 -1.12
C ALA H 6 -37.19 35.01 -0.92
N GLN H 7 -37.92 34.95 -2.01
CA GLN H 7 -39.19 34.25 -2.09
C GLN H 7 -39.10 33.32 -3.27
N VAL H 8 -39.47 32.06 -3.07
CA VAL H 8 -39.44 31.05 -4.09
C VAL H 8 -40.75 30.27 -4.08
N ALA H 9 -41.30 30.03 -5.26
CA ALA H 9 -42.48 29.18 -5.43
C ALA H 9 -42.11 28.09 -6.37
N ARG H 10 -42.45 26.84 -6.03
CA ARG H 10 -42.15 25.70 -6.87
C ARG H 10 -43.30 24.69 -6.81
N GLU H 11 -43.69 24.19 -7.98
CA GLU H 11 -44.72 23.16 -8.09
C GLU H 11 -44.31 22.06 -9.04
N THR H 12 -44.57 20.83 -8.62
CA THR H 12 -44.50 19.65 -9.46
C THR H 12 -45.81 18.89 -9.24
N GLY H 13 -45.94 17.76 -9.91
CA GLY H 13 -47.04 16.85 -9.68
C GLY H 13 -47.12 16.30 -8.25
N GLU H 14 -46.01 16.32 -7.50
CA GLU H 14 -45.98 15.82 -6.12
C GLU H 14 -46.28 16.86 -5.03
N THR H 15 -45.75 18.09 -5.18
CA THR H 15 -45.77 19.11 -4.16
C THR H 15 -45.96 20.51 -4.77
N LYS H 16 -46.55 21.38 -3.95
CA LYS H 16 -46.68 22.82 -4.26
C LYS H 16 -46.21 23.56 -3.06
N ILE H 17 -45.13 24.34 -3.21
CA ILE H 17 -44.44 24.90 -2.09
C ILE H 17 -44.18 26.39 -2.34
N GLU H 18 -44.32 27.18 -1.28
CA GLU H 18 -43.90 28.58 -1.23
C GLU H 18 -43.01 28.79 -0.01
N VAL H 19 -41.90 29.50 -0.19
CA VAL H 19 -41.03 29.91 0.91
C VAL H 19 -40.68 31.39 0.79
N ARG H 20 -40.57 32.05 1.94
CA ARG H 20 -39.97 33.36 2.06
C ARG H 20 -38.96 33.30 3.19
N LEU H 21 -37.73 33.71 2.88
CA LEU H 21 -36.62 33.59 3.81
C LEU H 21 -35.89 34.92 3.90
N SER H 22 -35.60 35.34 5.11
CA SER H 22 -34.65 36.41 5.36
C SER H 22 -33.47 35.89 6.16
N LEU H 23 -32.25 36.15 5.69
CA LEU H 23 -31.05 35.80 6.46
C LEU H 23 -30.78 36.73 7.64
N ASP H 24 -31.22 37.97 7.52
CA ASP H 24 -30.95 38.94 8.57
C ASP H 24 -32.26 39.11 9.31
N GLY H 25 -32.65 38.07 10.04
CA GLY H 25 -33.93 38.06 10.75
C GLY H 25 -33.75 38.08 12.25
N THR H 26 -34.81 37.72 12.97
CA THR H 26 -34.79 37.61 14.43
C THR H 26 -35.03 36.17 14.89
N GLY H 27 -35.22 35.24 13.97
CA GLY H 27 -35.49 33.85 14.34
C GLY H 27 -36.96 33.44 14.29
N VAL H 28 -37.81 34.27 13.70
CA VAL H 28 -39.25 33.96 13.60
C VAL H 28 -39.54 32.96 12.49
N SER H 29 -40.39 31.97 12.78
CA SER H 29 -40.83 31.07 11.73
C SER H 29 -42.34 30.85 11.69
N ASP H 30 -42.84 30.65 10.49
CA ASP H 30 -44.21 30.32 10.24
C ASP H 30 -44.16 29.20 9.20
N VAL H 31 -43.95 27.99 9.71
CA VAL H 31 -43.63 26.85 8.86
C VAL H 31 -44.69 25.78 9.06
N LYS H 32 -45.29 25.37 7.96
CA LYS H 32 -46.21 24.26 7.94
C LYS H 32 -46.02 23.43 6.66
N THR H 33 -45.24 22.37 6.83
CA THR H 33 -44.88 21.47 5.77
C THR H 33 -45.87 20.32 5.59
N GLY H 34 -46.81 20.15 6.52
CA GLY H 34 -47.62 18.93 6.55
C GLY H 34 -47.10 17.86 7.51
N ILE H 35 -45.88 18.04 8.01
CA ILE H 35 -45.18 17.07 8.90
C ILE H 35 -44.65 17.81 10.12
N GLY H 36 -45.31 17.62 11.25
CA GLY H 36 -44.98 18.31 12.49
C GLY H 36 -43.52 18.29 12.93
N PHE H 37 -42.85 17.13 12.84
CA PHE H 37 -41.46 17.08 13.28
C PHE H 37 -40.53 17.84 12.33
N LEU H 38 -40.84 17.82 11.03
CA LEU H 38 -40.10 18.65 10.06
C LEU H 38 -40.34 20.12 10.36
N ASP H 39 -41.60 20.49 10.62
CA ASP H 39 -41.86 21.86 11.13
C ASP H 39 -41.00 22.29 12.29
N HIS H 40 -40.88 21.44 13.31
CA HIS H 40 -40.12 21.73 14.51
C HIS H 40 -38.64 21.91 14.18
N MET H 41 -38.10 21.02 13.34
CA MET H 41 -36.70 21.15 12.91
C MET H 41 -36.47 22.46 12.14
N LEU H 42 -37.41 22.86 11.29
CA LEU H 42 -37.19 24.09 10.50
C LEU H 42 -37.38 25.31 11.39
N SER H 43 -38.29 25.22 12.36
CA SER H 43 -38.45 26.27 13.36
C SER H 43 -37.16 26.44 14.21
N ALA H 44 -36.54 25.33 14.62
CA ALA H 44 -35.23 25.41 15.31
C ALA H 44 -34.11 25.98 14.40
N LEU H 45 -34.15 25.63 13.12
CA LEU H 45 -33.21 26.16 12.13
C LEU H 45 -33.29 27.68 12.07
N ALA H 46 -34.50 28.21 11.96
CA ALA H 46 -34.69 29.67 11.83
C ALA H 46 -34.33 30.38 13.13
N LYS H 47 -34.74 29.80 14.25
CA LYS H 47 -34.54 30.40 15.56
C LYS H 47 -33.08 30.57 15.91
N HIS H 48 -32.30 29.51 15.74
CA HIS H 48 -30.90 29.57 16.12
C HIS H 48 -30.00 30.13 15.00
N GLY H 49 -30.52 30.17 13.78
CA GLY H 49 -29.87 30.83 12.65
C GLY H 49 -30.11 32.34 12.63
N ARG H 50 -31.11 32.80 13.40
CA ARG H 50 -31.64 34.17 13.34
C ARG H 50 -32.12 34.47 11.93
N PHE H 51 -32.77 33.48 11.33
CA PHE H 51 -33.41 33.63 10.05
C PHE H 51 -34.91 33.86 10.32
N ASP H 52 -35.60 34.46 9.35
CA ASP H 52 -37.07 34.52 9.32
C ASP H 52 -37.53 33.68 8.17
N LEU H 53 -38.45 32.76 8.47
CA LEU H 53 -38.83 31.73 7.52
C LEU H 53 -40.33 31.51 7.50
N TYR H 54 -40.93 31.69 6.33
CA TYR H 54 -42.29 31.29 5.99
C TYR H 54 -42.22 30.15 5.02
N LEU H 55 -42.99 29.10 5.30
CA LEU H 55 -43.08 27.97 4.43
C LEU H 55 -44.45 27.31 4.48
N ARG H 56 -44.96 27.04 3.31
CA ARG H 56 -46.14 26.21 3.09
C ARG H 56 -45.88 25.15 2.05
N CYS H 57 -46.34 23.95 2.33
CA CYS H 57 -46.25 22.85 1.39
C CYS H 57 -47.59 22.14 1.33
N ALA H 58 -48.07 21.94 0.11
CA ALA H 58 -49.22 21.09 -0.15
C ALA H 58 -48.64 19.91 -0.90
N GLY H 59 -48.54 18.77 -0.24
CA GLY H 59 -47.75 17.65 -0.78
C GLY H 59 -48.56 16.39 -0.92
N ASP H 60 -47.88 15.27 -1.06
CA ASP H 60 -48.51 14.00 -1.35
C ASP H 60 -48.27 13.03 -0.22
N LEU H 61 -48.68 13.46 0.97
CA LEU H 61 -48.43 12.67 2.18
C LEU H 61 -49.11 11.31 2.18
N HIS H 62 -50.13 11.14 1.34
CA HIS H 62 -50.79 9.85 1.14
C HIS H 62 -49.85 8.78 0.53
N VAL H 63 -48.80 9.23 -0.15
CA VAL H 63 -47.78 8.35 -0.70
C VAL H 63 -46.82 7.98 0.43
N ASP H 64 -46.09 9.00 0.91
CA ASP H 64 -45.28 8.94 2.12
C ASP H 64 -44.74 10.37 2.41
N ASP H 65 -43.81 10.51 3.35
CA ASP H 65 -43.25 11.82 3.73
C ASP H 65 -42.11 12.34 2.81
N HIS H 66 -41.75 11.57 1.77
CA HIS H 66 -40.48 11.74 1.06
C HIS H 66 -40.54 12.98 0.17
N HIS H 67 -41.51 13.02 -0.75
CA HIS H 67 -41.53 14.12 -1.73
C HIS H 67 -41.74 15.44 -1.02
N THR H 68 -42.58 15.46 0.01
CA THR H 68 -42.78 16.64 0.82
C THR H 68 -41.47 17.14 1.46
N SER H 69 -40.79 16.27 2.18
CA SER H 69 -39.59 16.63 2.88
C SER H 69 -38.48 17.06 1.94
N GLU H 70 -38.28 16.29 0.90
CA GLU H 70 -37.23 16.60 -0.09
C GLU H 70 -37.50 17.92 -0.79
N ASP H 71 -38.74 18.15 -1.22
CA ASP H 71 -39.06 19.35 -1.98
C ASP H 71 -39.01 20.58 -1.09
N CYS H 72 -39.39 20.43 0.19
CA CYS H 72 -39.26 21.53 1.15
C CYS H 72 -37.80 21.92 1.30
N ALA H 73 -36.91 20.92 1.36
CA ALA H 73 -35.45 21.19 1.41
C ALA H 73 -34.90 21.86 0.15
N ILE H 74 -35.36 21.42 -1.02
CA ILE H 74 -34.98 21.99 -2.33
C ILE H 74 -35.34 23.46 -2.35
N VAL H 75 -36.59 23.76 -2.04
CA VAL H 75 -37.06 25.17 -2.11
C VAL H 75 -36.37 26.03 -1.05
N LEU H 76 -36.18 25.49 0.15
CA LEU H 76 -35.47 26.21 1.21
C LEU H 76 -34.04 26.52 0.77
N GLY H 77 -33.40 25.53 0.15
CA GLY H 77 -32.04 25.70 -0.37
C GLY H 77 -31.96 26.78 -1.43
N GLN H 78 -32.86 26.72 -2.41
CA GLN H 78 -32.94 27.76 -3.44
C GLN H 78 -33.10 29.17 -2.85
N ALA H 79 -33.96 29.29 -1.84
CA ALA H 79 -34.19 30.56 -1.15
C ALA H 79 -32.92 31.06 -0.49
N PHE H 80 -32.20 30.14 0.16
CA PHE H 80 -30.99 30.47 0.86
C PHE H 80 -29.97 30.99 -0.13
N ARG H 81 -29.79 30.26 -1.23
CA ARG H 81 -28.87 30.62 -2.32
C ARG H 81 -29.21 32.02 -2.83
N GLN H 82 -30.47 32.23 -3.14
CA GLN H 82 -30.92 33.52 -3.68
C GLN H 82 -30.74 34.64 -2.67
N ALA H 83 -31.06 34.39 -1.41
CA ALA H 83 -30.90 35.42 -0.37
C ALA H 83 -29.45 35.85 -0.14
N ILE H 84 -28.52 34.91 -0.19
CA ILE H 84 -27.09 35.22 -0.04
C ILE H 84 -26.69 36.22 -1.13
N GLY H 85 -27.21 36.04 -2.34
CA GLY H 85 -26.90 36.93 -3.45
C GLY H 85 -25.43 36.80 -3.83
N GLU H 86 -24.81 37.88 -4.26
CA GLU H 86 -23.39 37.80 -4.63
C GLU H 86 -22.53 37.36 -3.44
N ARG H 87 -21.66 36.38 -3.69
CA ARG H 87 -20.89 35.78 -2.62
C ARG H 87 -19.61 36.58 -2.42
N LYS H 88 -19.78 37.66 -1.67
CA LYS H 88 -18.72 38.59 -1.35
C LYS H 88 -19.03 39.22 0.01
N GLY H 89 -17.97 39.62 0.70
CA GLY H 89 -18.05 40.32 1.94
C GLY H 89 -18.53 39.50 3.13
N ILE H 90 -18.47 38.18 3.03
CA ILE H 90 -19.00 37.29 4.06
C ILE H 90 -17.89 36.40 4.55
N LYS H 91 -18.13 35.81 5.71
CA LYS H 91 -17.15 34.92 6.32
C LYS H 91 -16.91 33.62 5.53
N ARG H 92 -17.93 33.14 4.83
CA ARG H 92 -17.90 31.95 3.94
C ARG H 92 -17.84 30.62 4.70
N TYR H 93 -16.98 30.55 5.73
CA TYR H 93 -16.85 29.35 6.55
C TYR H 93 -17.57 29.57 7.87
N GLY H 94 -18.34 28.58 8.27
CA GLY H 94 -18.86 28.56 9.65
C GLY H 94 -18.81 27.15 10.21
N SER H 95 -18.70 27.06 11.54
CA SER H 95 -18.82 25.76 12.23
C SER H 95 -19.40 25.96 13.60
N ALA H 96 -20.07 24.94 14.11
CA ALA H 96 -20.71 25.02 15.40
C ALA H 96 -20.95 23.65 15.93
N TYR H 97 -20.96 23.58 17.27
CA TYR H 97 -21.44 22.42 18.01
C TYR H 97 -22.69 22.82 18.77
N ALA H 98 -23.63 21.89 18.80
CA ALA H 98 -24.82 22.03 19.63
C ALA H 98 -25.18 20.66 20.21
N PRO H 99 -25.39 20.60 21.53
CA PRO H 99 -25.89 19.39 22.13
C PRO H 99 -27.39 19.48 22.33
N LEU H 100 -27.98 18.35 22.67
CA LEU H 100 -29.28 18.34 23.32
C LEU H 100 -29.19 17.18 24.28
N ASP H 101 -29.01 17.51 25.57
CA ASP H 101 -28.80 16.54 26.64
C ASP H 101 -27.59 15.63 26.31
N GLU H 102 -27.80 14.33 26.12
CA GLU H 102 -26.74 13.39 25.87
C GLU H 102 -26.19 13.40 24.44
N SER H 103 -26.92 13.99 23.51
CA SER H 103 -26.51 14.05 22.12
C SER H 103 -25.62 15.28 21.84
N LEU H 104 -24.70 15.11 20.90
CA LEU H 104 -23.84 16.22 20.43
C LEU H 104 -23.70 16.17 18.94
N ALA H 105 -23.89 17.32 18.28
CA ALA H 105 -23.76 17.43 16.85
C ALA H 105 -22.79 18.55 16.49
N ARG H 106 -22.14 18.37 15.34
CA ARG H 106 -21.26 19.37 14.75
C ARG H 106 -21.75 19.62 13.35
N ALA H 107 -21.83 20.88 12.96
CA ALA H 107 -22.03 21.26 11.56
C ALA H 107 -20.94 22.17 11.06
N VAL H 108 -20.55 21.96 9.80
CA VAL H 108 -19.56 22.81 9.14
C VAL H 108 -20.11 23.23 7.79
N VAL H 109 -20.02 24.53 7.52
CA VAL H 109 -20.55 25.14 6.30
C VAL H 109 -19.45 25.82 5.53
N ASP H 110 -19.45 25.65 4.21
CA ASP H 110 -18.60 26.37 3.29
C ASP H 110 -19.48 26.88 2.15
N ILE H 111 -19.64 28.20 2.10
CA ILE H 111 -20.37 28.85 1.01
C ILE H 111 -19.42 28.84 -0.22
N SER H 112 -19.41 27.70 -0.90
CA SER H 112 -18.36 27.34 -1.86
C SER H 112 -18.72 27.44 -3.32
N SER H 113 -20.02 27.55 -3.57
CA SER H 113 -20.58 27.34 -4.91
C SER H 113 -20.24 25.97 -5.50
N ARG H 114 -20.01 24.98 -4.61
CA ARG H 114 -19.85 23.59 -5.01
C ARG H 114 -20.83 22.77 -4.21
N PRO H 115 -21.86 22.23 -4.86
CA PRO H 115 -22.86 21.55 -4.04
C PRO H 115 -22.32 20.22 -3.50
N PHE H 116 -22.32 20.06 -2.18
CA PHE H 116 -21.81 18.80 -1.58
C PHE H 116 -22.26 18.70 -0.15
N ALA H 117 -22.62 17.50 0.27
CA ALA H 117 -22.96 17.29 1.67
C ALA H 117 -22.39 15.97 2.15
N VAL H 118 -21.93 15.98 3.39
CA VAL H 118 -21.50 14.76 4.10
C VAL H 118 -22.29 14.75 5.41
N ILE H 119 -23.15 13.75 5.56
CA ILE H 119 -24.14 13.76 6.66
C ILE H 119 -24.07 12.43 7.37
N ASP H 120 -23.96 12.48 8.70
CA ASP H 120 -23.84 11.29 9.52
C ASP H 120 -24.52 11.54 10.87
N LEU H 121 -25.82 11.21 10.93
CA LEU H 121 -26.70 11.56 12.05
C LEU H 121 -26.91 10.43 13.04
N LYS H 122 -26.53 9.20 12.67
CA LYS H 122 -26.59 8.05 13.60
C LYS H 122 -27.99 7.78 14.17
N LEU H 123 -29.01 8.05 13.38
CA LEU H 123 -30.37 7.83 13.81
C LEU H 123 -30.69 6.34 13.83
N LYS H 124 -31.32 5.88 14.91
CA LYS H 124 -31.66 4.47 15.07
C LYS H 124 -33.10 4.09 14.74
N ARG H 125 -34.02 5.03 14.84
CA ARG H 125 -35.43 4.75 14.56
C ARG H 125 -35.81 4.76 13.11
N GLU H 126 -37.02 4.26 12.85
CA GLU H 126 -37.66 4.43 11.56
C GLU H 126 -38.26 5.81 11.31
N LYS H 127 -38.98 6.33 12.30
CA LYS H 127 -39.54 7.71 12.19
C LYS H 127 -39.42 8.44 13.50
N ILE H 128 -39.41 9.77 13.43
CA ILE H 128 -39.59 10.62 14.60
C ILE H 128 -40.89 11.36 14.29
N GLY H 129 -41.93 11.10 15.09
CA GLY H 129 -43.28 11.53 14.74
C GLY H 129 -43.63 10.98 13.38
N GLU H 130 -44.02 11.85 12.44
CA GLU H 130 -44.33 11.41 11.05
C GLU H 130 -43.20 11.63 10.03
N LEU H 131 -42.02 12.00 10.50
CA LEU H 131 -40.88 12.21 9.61
C LEU H 131 -40.02 10.96 9.65
N SER H 132 -39.82 10.35 8.50
CA SER H 132 -38.95 9.15 8.44
C SER H 132 -37.52 9.57 8.71
N CYS H 133 -36.82 8.80 9.54
CA CYS H 133 -35.43 9.11 9.83
C CYS H 133 -34.55 9.15 8.61
N GLU H 134 -34.82 8.31 7.61
CA GLU H 134 -34.02 8.35 6.40
C GLU H 134 -34.15 9.66 5.61
N MET H 135 -35.27 10.37 5.79
CA MET H 135 -35.43 11.67 5.17
C MET H 135 -34.66 12.77 5.85
N ILE H 136 -34.16 12.57 7.06
CA ILE H 136 -33.52 13.68 7.76
C ILE H 136 -32.16 14.02 7.11
N PRO H 137 -31.29 13.01 6.88
CA PRO H 137 -30.11 13.30 6.07
C PRO H 137 -30.40 13.76 4.61
N HIS H 138 -31.49 13.27 4.02
CA HIS H 138 -31.89 13.64 2.68
C HIS H 138 -32.25 15.15 2.67
N VAL H 139 -32.94 15.61 3.72
CA VAL H 139 -33.28 17.05 3.83
C VAL H 139 -32.01 17.89 3.88
N LEU H 140 -31.04 17.48 4.69
CA LEU H 140 -29.79 18.25 4.81
C LEU H 140 -28.99 18.25 3.50
N HIS H 141 -28.97 17.11 2.83
CA HIS H 141 -28.24 16.97 1.55
C HIS H 141 -28.92 17.79 0.44
N SER H 142 -30.23 17.68 0.37
CA SER H 142 -31.01 18.41 -0.65
C SER H 142 -30.95 19.94 -0.43
N PHE H 143 -30.97 20.36 0.82
CA PHE H 143 -30.83 21.77 1.17
C PHE H 143 -29.46 22.24 0.66
N ALA H 144 -28.41 21.53 1.08
CA ALA H 144 -27.04 21.93 0.74
C ALA H 144 -26.84 22.07 -0.75
N THR H 145 -27.31 21.07 -1.49
CA THR H 145 -27.10 21.08 -2.93
C THR H 145 -27.90 22.20 -3.61
N SER H 146 -29.14 22.43 -3.20
CA SER H 146 -29.95 23.55 -3.76
C SER H 146 -29.44 24.92 -3.33
N ALA H 147 -28.84 25.01 -2.15
CA ALA H 147 -28.20 26.22 -1.66
C ALA H 147 -26.83 26.46 -2.27
N ASN H 148 -26.33 25.48 -3.02
CA ASN H 148 -25.05 25.55 -3.74
C ASN H 148 -23.89 25.74 -2.78
N LEU H 149 -23.89 24.94 -1.71
CA LEU H 149 -22.87 25.06 -0.69
C LEU H 149 -22.40 23.67 -0.24
N THR H 150 -21.34 23.69 0.56
CA THR H 150 -20.76 22.49 1.13
C THR H 150 -21.18 22.39 2.59
N LEU H 151 -21.82 21.28 2.96
CA LEU H 151 -22.35 21.08 4.32
C LEU H 151 -21.91 19.72 4.89
N HIS H 152 -21.29 19.77 6.06
CA HIS H 152 -20.90 18.57 6.78
C HIS H 152 -21.62 18.60 8.09
N VAL H 153 -22.40 17.55 8.37
CA VAL H 153 -23.13 17.45 9.65
C VAL H 153 -22.93 16.07 10.25
N GLU H 154 -22.47 16.03 11.49
CA GLU H 154 -22.21 14.79 12.20
C GLU H 154 -22.81 14.82 13.59
N VAL H 155 -23.61 13.82 13.92
CA VAL H 155 -23.96 13.52 15.30
C VAL H 155 -22.82 12.66 15.84
N LEU H 156 -22.03 13.23 16.76
CA LEU H 156 -20.88 12.54 17.31
C LEU H 156 -21.29 11.33 18.13
N TYR H 157 -22.38 11.49 18.88
CA TYR H 157 -22.92 10.44 19.73
C TYR H 157 -24.26 10.91 20.26
N GLY H 158 -25.01 9.96 20.74
CA GLY H 158 -26.21 10.24 21.49
C GLY H 158 -27.06 8.99 21.61
N ALA H 159 -28.21 9.14 22.22
CA ALA H 159 -29.10 8.02 22.47
C ALA H 159 -30.56 8.23 22.19
N ASN H 160 -30.97 9.45 21.83
CA ASN H 160 -32.37 9.75 21.56
C ASN H 160 -32.42 10.42 20.20
N ASP H 161 -33.19 9.85 19.29
CA ASP H 161 -33.18 10.32 17.90
C ASP H 161 -33.75 11.74 17.73
N HIS H 162 -34.73 12.12 18.54
CA HIS H 162 -35.23 13.54 18.56
C HIS H 162 -34.06 14.42 18.99
N HIS H 163 -33.30 14.02 20.03
CA HIS H 163 -32.15 14.85 20.46
C HIS H 163 -31.10 14.94 19.35
N LYS H 164 -30.82 13.81 18.71
CA LYS H 164 -29.83 13.75 17.63
C LYS H 164 -30.23 14.66 16.45
N ALA H 165 -31.45 14.46 15.97
CA ALA H 165 -31.92 15.28 14.83
C ALA H 165 -31.98 16.77 15.18
N GLU H 166 -32.50 17.10 16.35
CA GLU H 166 -32.62 18.49 16.70
C GLU H 166 -31.25 19.14 16.98
N SER H 167 -30.34 18.41 17.62
CA SER H 167 -29.00 18.95 17.83
C SER H 167 -28.31 19.22 16.48
N ALA H 168 -28.55 18.33 15.52
CA ALA H 168 -28.04 18.50 14.16
C ALA H 168 -28.56 19.78 13.49
N PHE H 169 -29.87 19.99 13.54
CA PHE H 169 -30.45 21.24 12.98
C PHE H 169 -30.00 22.50 13.71
N LYS H 170 -29.89 22.43 15.04
CA LYS H 170 -29.37 23.57 15.79
C LYS H 170 -27.93 23.91 15.39
N ALA H 171 -27.08 22.91 15.33
CA ALA H 171 -25.70 23.12 14.93
C ALA H 171 -25.61 23.67 13.51
N THR H 172 -26.40 23.09 12.62
CA THR H 172 -26.48 23.55 11.23
C THR H 172 -26.86 25.03 11.16
N ALA H 173 -27.84 25.40 11.95
CA ALA H 173 -28.30 26.79 12.02
C ALA H 173 -27.20 27.72 12.43
N LEU H 174 -26.49 27.35 13.49
CA LEU H 174 -25.43 28.19 14.03
C LEU H 174 -24.27 28.31 13.04
N ALA H 175 -23.91 27.21 12.37
CA ALA H 175 -22.87 27.26 11.32
C ALA H 175 -23.27 28.11 10.10
N LEU H 176 -24.50 27.96 9.62
CA LEU H 176 -25.00 28.78 8.49
C LEU H 176 -25.00 30.26 8.87
N ARG H 177 -25.40 30.55 10.11
CA ARG H 177 -25.44 31.92 10.59
C ARG H 177 -24.02 32.51 10.57
N GLU H 178 -23.03 31.75 11.03
CA GLU H 178 -21.65 32.24 11.00
C GLU H 178 -21.15 32.45 9.56
N ALA H 179 -21.39 31.46 8.70
CA ALA H 179 -20.88 31.48 7.33
C ALA H 179 -21.40 32.67 6.52
N VAL H 180 -22.64 33.08 6.77
CA VAL H 180 -23.27 34.19 6.02
C VAL H 180 -23.16 35.56 6.70
N THR H 181 -22.44 35.61 7.82
CA THR H 181 -22.19 36.86 8.54
C THR H 181 -21.29 37.77 7.70
N LYS H 182 -21.67 39.03 7.59
CA LYS H 182 -20.85 40.03 6.91
C LYS H 182 -19.57 40.24 7.68
N ASP H 183 -18.45 40.31 6.95
CA ASP H 183 -17.16 40.39 7.60
C ASP H 183 -16.07 40.92 6.66
N GLY H 184 -15.36 41.96 7.12
CA GLY H 184 -14.28 42.58 6.33
C GLY H 184 -14.84 43.39 5.18
N PRO H 185 -13.99 43.79 4.21
CA PRO H 185 -14.45 44.63 3.08
C PRO H 185 -15.61 44.01 2.31
N ALA H 186 -16.59 44.85 1.98
CA ALA H 186 -17.88 44.43 1.44
C ALA H 186 -17.79 43.77 0.07
N ASP H 187 -16.79 44.17 -0.73
CA ASP H 187 -16.66 43.70 -2.10
C ASP H 187 -15.63 42.56 -2.27
N ALA H 188 -15.01 42.12 -1.17
CA ALA H 188 -13.99 41.06 -1.22
C ALA H 188 -14.68 39.72 -1.48
N VAL H 189 -14.15 38.97 -2.44
CA VAL H 189 -14.59 37.60 -2.72
C VAL H 189 -13.67 36.66 -1.89
N PRO H 190 -14.24 35.91 -0.93
CA PRO H 190 -13.42 35.05 -0.05
C PRO H 190 -13.01 33.73 -0.72
N SER H 191 -12.20 33.84 -1.77
CA SER H 191 -11.65 32.70 -2.49
C SER H 191 -10.35 33.11 -3.17
N THR H 192 -9.36 32.24 -3.12
CA THR H 192 -8.10 32.49 -3.84
C THR H 192 -8.33 32.55 -5.36
N LYS H 193 -9.40 31.94 -5.87
CA LYS H 193 -9.63 31.95 -7.32
C LYS H 193 -10.45 33.17 -7.76
N GLY H 194 -10.91 33.98 -6.81
CA GLY H 194 -11.54 35.26 -7.10
C GLY H 194 -12.99 35.23 -7.53
N VAL H 195 -13.59 34.04 -7.49
CA VAL H 195 -14.93 33.79 -8.01
C VAL H 195 -15.63 32.79 -7.10
N LEU H 196 -16.85 33.10 -6.70
CA LEU H 196 -17.78 32.13 -6.09
C LEU H 196 -19.12 32.39 -6.75
N GLU H 197 -19.47 31.54 -7.73
CA GLU H 197 -20.59 31.77 -8.67
C GLU H 197 -21.93 31.71 -7.96
N ARG I 4 -52.42 -4.73 -28.08
CA ARG I 4 -52.01 -5.59 -26.92
C ARG I 4 -52.54 -5.02 -25.60
N GLU I 5 -53.81 -5.27 -25.36
CA GLU I 5 -54.48 -4.75 -24.18
C GLU I 5 -55.24 -5.91 -23.56
N ALA I 6 -55.43 -5.85 -22.26
CA ALA I 6 -56.27 -6.84 -21.56
C ALA I 6 -56.97 -6.18 -20.42
N GLN I 7 -58.12 -6.76 -20.05
CA GLN I 7 -58.91 -6.33 -18.89
C GLN I 7 -59.15 -7.55 -18.05
N VAL I 8 -58.89 -7.43 -16.74
CA VAL I 8 -59.09 -8.53 -15.79
C VAL I 8 -59.81 -8.01 -14.54
N ALA I 9 -60.79 -8.77 -14.06
CA ALA I 9 -61.51 -8.47 -12.82
C ALA I 9 -61.40 -9.71 -11.98
N ARG I 10 -61.08 -9.54 -10.69
CA ARG I 10 -60.90 -10.67 -9.75
C ARG I 10 -61.42 -10.25 -8.41
N GLU I 11 -62.26 -11.10 -7.81
CA GLU I 11 -62.80 -10.84 -6.48
C GLU I 11 -62.66 -12.05 -5.58
N THR I 12 -62.22 -11.79 -4.35
CA THR I 12 -62.21 -12.79 -3.32
C THR I 12 -62.87 -12.16 -2.12
N GLY I 13 -62.91 -12.92 -1.02
CA GLY I 13 -63.33 -12.35 0.23
C GLY I 13 -62.40 -11.29 0.79
N GLU I 14 -61.18 -11.19 0.25
CA GLU I 14 -60.22 -10.18 0.74
C GLU I 14 -60.21 -8.89 -0.10
N THR I 15 -60.35 -9.04 -1.41
CA THR I 15 -60.10 -7.95 -2.35
C THR I 15 -60.98 -8.05 -3.58
N LYS I 16 -61.27 -6.89 -4.17
CA LYS I 16 -62.03 -6.79 -5.41
C LYS I 16 -61.29 -5.79 -6.30
N ILE I 17 -60.79 -6.31 -7.43
CA ILE I 17 -59.86 -5.61 -8.28
C ILE I 17 -60.28 -5.64 -9.74
N GLU I 18 -60.08 -4.52 -10.41
CA GLU I 18 -60.19 -4.42 -11.86
C GLU I 18 -58.90 -3.79 -12.38
N VAL I 19 -58.37 -4.36 -13.47
CA VAL I 19 -57.21 -3.84 -14.15
C VAL I 19 -57.49 -3.78 -15.65
N ARG I 20 -57.05 -2.70 -16.27
CA ARG I 20 -56.91 -2.66 -17.71
C ARG I 20 -55.50 -2.20 -18.01
N LEU I 21 -54.84 -2.96 -18.86
CA LEU I 21 -53.45 -2.70 -19.19
C LEU I 21 -53.26 -2.75 -20.68
N SER I 22 -52.54 -1.76 -21.21
CA SER I 22 -52.14 -1.77 -22.62
C SER I 22 -50.62 -1.74 -22.68
N LEU I 23 -50.02 -2.62 -23.47
CA LEU I 23 -48.57 -2.69 -23.58
C LEU I 23 -48.00 -1.59 -24.44
N ASP I 24 -48.79 -1.15 -25.43
CA ASP I 24 -48.29 -0.22 -26.43
C ASP I 24 -48.88 1.14 -26.16
N GLY I 25 -48.50 1.69 -25.01
CA GLY I 25 -49.12 2.89 -24.47
C GLY I 25 -48.17 4.07 -24.56
N THR I 26 -48.51 5.09 -23.79
CA THR I 26 -47.73 6.30 -23.59
C THR I 26 -47.32 6.50 -22.14
N GLY I 27 -47.60 5.54 -21.27
CA GLY I 27 -47.19 5.67 -19.87
C GLY I 27 -48.18 6.27 -18.89
N VAL I 28 -49.44 6.41 -19.32
CA VAL I 28 -50.45 7.06 -18.46
C VAL I 28 -51.05 6.01 -17.53
N SER I 29 -51.45 6.42 -16.34
CA SER I 29 -51.98 5.49 -15.39
C SER I 29 -53.01 6.14 -14.51
N ASP I 30 -53.92 5.30 -14.02
CA ASP I 30 -54.91 5.70 -13.01
C ASP I 30 -54.98 4.51 -12.05
N VAL I 31 -54.11 4.55 -11.02
CA VAL I 31 -53.91 3.43 -10.11
C VAL I 31 -54.36 3.85 -8.73
N LYS I 32 -55.38 3.16 -8.23
CA LYS I 32 -55.90 3.39 -6.89
C LYS I 32 -56.03 2.07 -6.18
N THR I 33 -54.94 1.62 -5.55
CA THR I 33 -54.93 0.36 -4.83
C THR I 33 -55.45 0.49 -3.39
N GLY I 34 -55.62 1.72 -2.90
CA GLY I 34 -55.79 2.05 -1.48
C GLY I 34 -54.53 2.33 -0.68
N ILE I 35 -53.37 2.08 -1.29
CA ILE I 35 -52.07 2.30 -0.65
C ILE I 35 -51.27 3.25 -1.57
N GLY I 36 -51.00 4.45 -1.08
CA GLY I 36 -50.42 5.50 -1.91
C GLY I 36 -49.06 5.15 -2.43
N PHE I 37 -48.20 4.53 -1.61
CA PHE I 37 -46.85 4.24 -2.13
C PHE I 37 -46.83 3.15 -3.20
N LEU I 38 -47.72 2.19 -3.05
CA LEU I 38 -47.93 1.20 -4.08
C LEU I 38 -48.48 1.86 -5.36
N ASP I 39 -49.43 2.79 -5.22
CA ASP I 39 -49.90 3.55 -6.42
C ASP I 39 -48.71 4.22 -7.16
N HIS I 40 -47.85 4.88 -6.37
CA HIS I 40 -46.67 5.58 -6.89
C HIS I 40 -45.74 4.59 -7.62
N MET I 41 -45.49 3.41 -7.03
CA MET I 41 -44.66 2.40 -7.69
C MET I 41 -45.27 1.92 -8.98
N LEU I 42 -46.59 1.62 -8.97
CA LEU I 42 -47.22 1.11 -10.21
C LEU I 42 -47.36 2.21 -11.29
N SER I 43 -47.52 3.48 -10.86
CA SER I 43 -47.48 4.64 -11.77
C SER I 43 -46.11 4.77 -12.42
N ALA I 44 -45.06 4.51 -11.66
CA ALA I 44 -43.70 4.62 -12.18
C ALA I 44 -43.51 3.51 -13.18
N LEU I 45 -44.04 2.34 -12.84
CA LEU I 45 -43.94 1.17 -13.70
C LEU I 45 -44.59 1.43 -15.07
N ALA I 46 -45.80 1.99 -15.05
CA ALA I 46 -46.51 2.37 -16.29
C ALA I 46 -45.76 3.44 -17.08
N LYS I 47 -45.34 4.49 -16.36
CA LYS I 47 -44.68 5.63 -16.96
C LYS I 47 -43.43 5.23 -17.71
N HIS I 48 -42.57 4.46 -17.04
CA HIS I 48 -41.29 4.13 -17.60
C HIS I 48 -41.35 2.89 -18.52
N GLY I 49 -42.39 2.09 -18.39
CA GLY I 49 -42.62 1.02 -19.33
C GLY I 49 -43.36 1.44 -20.59
N ARG I 50 -43.82 2.70 -20.64
CA ARG I 50 -44.74 3.16 -21.70
C ARG I 50 -45.97 2.23 -21.83
N PHE I 51 -46.47 1.78 -20.69
CA PHE I 51 -47.72 1.03 -20.59
C PHE I 51 -48.83 1.96 -20.15
N ASP I 52 -50.07 1.67 -20.51
CA ASP I 52 -51.20 2.43 -19.96
C ASP I 52 -51.85 1.50 -18.95
N LEU I 53 -51.98 1.97 -17.71
CA LEU I 53 -52.50 1.14 -16.62
C LEU I 53 -53.61 1.79 -15.88
N TYR I 54 -54.74 1.07 -15.85
CA TYR I 54 -55.85 1.36 -14.97
C TYR I 54 -55.97 0.23 -13.94
N LEU I 55 -56.11 0.63 -12.68
CA LEU I 55 -56.31 -0.31 -11.58
C LEU I 55 -57.13 0.28 -10.45
N ARG I 56 -58.12 -0.49 -9.99
CA ARG I 56 -58.86 -0.18 -8.78
C ARG I 56 -58.88 -1.41 -7.90
N CYS I 57 -58.74 -1.19 -6.60
CA CYS I 57 -58.82 -2.24 -5.59
C CYS I 57 -59.58 -1.77 -4.37
N ALA I 58 -60.59 -2.55 -3.96
CA ALA I 58 -61.29 -2.38 -2.69
C ALA I 58 -60.84 -3.59 -1.90
N GLY I 59 -60.07 -3.35 -0.87
CA GLY I 59 -59.40 -4.44 -0.17
C GLY I 59 -59.55 -4.30 1.33
N ASP I 60 -58.96 -5.26 2.03
CA ASP I 60 -59.12 -5.37 3.48
C ASP I 60 -57.98 -4.70 4.23
N LEU I 61 -57.86 -3.38 4.07
CA LEU I 61 -56.78 -2.63 4.67
C LEU I 61 -56.84 -2.54 6.20
N HIS I 62 -58.03 -2.78 6.79
CA HIS I 62 -58.16 -2.92 8.24
C HIS I 62 -57.39 -4.14 8.82
N VAL I 63 -57.07 -5.11 7.97
CA VAL I 63 -56.27 -6.28 8.37
C VAL I 63 -54.82 -5.83 8.32
N ASP I 64 -54.33 -5.64 7.10
CA ASP I 64 -53.06 -4.99 6.84
C ASP I 64 -52.96 -4.73 5.34
N ASP I 65 -51.78 -4.35 4.85
CA ASP I 65 -51.58 -4.04 3.43
C ASP I 65 -51.34 -5.25 2.52
N HIS I 66 -51.27 -6.43 3.11
CA HIS I 66 -50.72 -7.59 2.44
C HIS I 66 -51.64 -8.09 1.30
N HIS I 67 -52.89 -8.42 1.61
CA HIS I 67 -53.77 -9.05 0.62
C HIS I 67 -54.01 -8.08 -0.59
N THR I 68 -54.21 -6.80 -0.29
CA THR I 68 -54.32 -5.75 -1.31
C THR I 68 -53.12 -5.77 -2.25
N SER I 69 -51.93 -5.70 -1.66
CA SER I 69 -50.72 -5.54 -2.44
C SER I 69 -50.48 -6.77 -3.29
N GLU I 70 -50.64 -7.94 -2.67
CA GLU I 70 -50.42 -9.19 -3.36
C GLU I 70 -51.41 -9.37 -4.52
N ASP I 71 -52.70 -9.20 -4.22
CA ASP I 71 -53.74 -9.39 -5.25
C ASP I 71 -53.67 -8.38 -6.39
N CYS I 72 -53.28 -7.15 -6.08
CA CYS I 72 -53.02 -6.18 -7.15
C CYS I 72 -51.92 -6.69 -8.06
N ALA I 73 -50.89 -7.30 -7.48
CA ALA I 73 -49.77 -7.81 -8.30
C ALA I 73 -50.19 -9.03 -9.12
N ILE I 74 -51.02 -9.85 -8.51
CA ILE I 74 -51.58 -11.04 -9.15
C ILE I 74 -52.39 -10.61 -10.41
N VAL I 75 -53.30 -9.69 -10.20
CA VAL I 75 -54.18 -9.25 -11.31
C VAL I 75 -53.37 -8.52 -12.40
N LEU I 76 -52.45 -7.64 -11.98
CA LEU I 76 -51.57 -6.97 -12.92
C LEU I 76 -50.79 -7.96 -13.76
N GLY I 77 -50.26 -9.00 -13.12
CA GLY I 77 -49.50 -10.03 -13.85
C GLY I 77 -50.38 -10.80 -14.84
N GLN I 78 -51.57 -11.17 -14.40
CA GLN I 78 -52.52 -11.87 -15.28
C GLN I 78 -52.84 -11.00 -16.49
N ALA I 79 -53.05 -9.71 -16.25
CA ALA I 79 -53.32 -8.78 -17.34
C ALA I 79 -52.15 -8.71 -18.32
N PHE I 80 -50.94 -8.72 -17.75
CA PHE I 80 -49.71 -8.59 -18.55
C PHE I 80 -49.57 -9.82 -19.44
N ARG I 81 -49.79 -11.00 -18.86
CA ARG I 81 -49.73 -12.25 -19.60
C ARG I 81 -50.73 -12.23 -20.79
N GLN I 82 -51.95 -11.80 -20.48
CA GLN I 82 -53.01 -11.78 -21.49
C GLN I 82 -52.74 -10.78 -22.57
N ALA I 83 -52.25 -9.61 -22.19
CA ALA I 83 -51.91 -8.53 -23.13
C ALA I 83 -50.80 -8.91 -24.08
N ILE I 84 -49.79 -9.64 -23.59
CA ILE I 84 -48.76 -10.16 -24.50
C ILE I 84 -49.35 -11.05 -25.58
N GLY I 85 -50.32 -11.87 -25.20
CA GLY I 85 -50.97 -12.79 -26.15
C GLY I 85 -50.00 -13.86 -26.58
N GLU I 86 -50.04 -14.26 -27.85
CA GLU I 86 -49.16 -15.33 -28.32
C GLU I 86 -47.71 -14.87 -28.26
N ARG I 87 -46.85 -15.73 -27.74
CA ARG I 87 -45.48 -15.30 -27.44
C ARG I 87 -44.60 -15.50 -28.67
N LYS I 88 -44.68 -14.52 -29.59
CA LYS I 88 -43.98 -14.56 -30.87
C LYS I 88 -43.71 -13.11 -31.32
N GLY I 89 -42.64 -12.95 -32.11
CA GLY I 89 -42.29 -11.68 -32.70
C GLY I 89 -41.79 -10.65 -31.74
N ILE I 90 -41.33 -11.08 -30.54
CA ILE I 90 -40.86 -10.17 -29.50
C ILE I 90 -39.41 -10.41 -29.16
N LYS I 91 -38.81 -9.42 -28.54
CA LYS I 91 -37.43 -9.56 -28.05
C LYS I 91 -37.24 -10.68 -27.02
N ARG I 92 -38.23 -10.88 -26.18
CA ARG I 92 -38.26 -11.94 -25.12
C ARG I 92 -37.41 -11.56 -23.92
N TYR I 93 -36.18 -11.10 -24.15
CA TYR I 93 -35.24 -10.71 -23.07
C TYR I 93 -35.15 -9.23 -22.95
N GLY I 94 -35.19 -8.74 -21.74
CA GLY I 94 -34.99 -7.33 -21.45
C GLY I 94 -34.13 -7.15 -20.23
N SER I 95 -33.33 -6.08 -20.23
CA SER I 95 -32.61 -5.70 -19.01
C SER I 95 -32.39 -4.22 -18.97
N ALA I 96 -32.24 -3.71 -17.76
CA ALA I 96 -32.02 -2.30 -17.54
C ALA I 96 -31.50 -2.03 -16.16
N TYR I 97 -30.83 -0.88 -16.03
CA TYR I 97 -30.50 -0.27 -14.77
C TYR I 97 -31.23 1.03 -14.62
N ALA I 98 -31.66 1.32 -13.41
CA ALA I 98 -32.12 2.66 -13.10
C ALA I 98 -31.65 3.04 -11.72
N PRO I 99 -31.09 4.26 -11.58
CA PRO I 99 -30.78 4.74 -10.26
C PRO I 99 -31.89 5.63 -9.75
N LEU I 100 -31.80 5.97 -8.49
CA LEU I 100 -32.48 7.16 -7.97
C LEU I 100 -31.50 7.72 -6.93
N ASP I 101 -30.80 8.78 -7.30
CA ASP I 101 -29.78 9.42 -6.49
C ASP I 101 -28.72 8.35 -6.13
N GLU I 102 -28.59 7.99 -4.86
CA GLU I 102 -27.51 7.10 -4.40
C GLU I 102 -27.80 5.62 -4.62
N SER I 103 -29.07 5.29 -4.88
CA SER I 103 -29.46 3.92 -5.10
C SER I 103 -29.35 3.51 -6.58
N LEU I 104 -29.06 2.23 -6.80
CA LEU I 104 -28.97 1.66 -8.12
C LEU I 104 -29.62 0.27 -8.16
N ALA I 105 -30.51 0.08 -9.14
CA ALA I 105 -31.20 -1.19 -9.36
C ALA I 105 -31.02 -1.70 -10.79
N ARG I 106 -31.14 -3.02 -10.89
CA ARG I 106 -31.07 -3.73 -12.15
C ARG I 106 -32.28 -4.65 -12.20
N ALA I 107 -32.94 -4.72 -13.34
CA ALA I 107 -33.96 -5.73 -13.59
C ALA I 107 -33.64 -6.47 -14.89
N VAL I 108 -33.95 -7.76 -14.89
CA VAL I 108 -33.77 -8.62 -16.05
C VAL I 108 -35.05 -9.44 -16.20
N VAL I 109 -35.59 -9.44 -17.42
CA VAL I 109 -36.85 -10.08 -17.77
C VAL I 109 -36.60 -11.11 -18.85
N ASP I 110 -37.27 -12.26 -18.70
CA ASP I 110 -37.30 -13.32 -19.73
C ASP I 110 -38.77 -13.72 -19.84
N ILE I 111 -39.43 -13.38 -20.97
CA ILE I 111 -40.81 -13.86 -21.25
C ILE I 111 -40.67 -15.36 -21.59
N SER I 112 -40.61 -16.17 -20.55
CA SER I 112 -40.14 -17.55 -20.64
C SER I 112 -41.27 -18.63 -20.64
N SER I 113 -42.44 -18.24 -20.17
CA SER I 113 -43.54 -19.14 -19.79
C SER I 113 -43.15 -20.10 -18.67
N ARG I 114 -42.18 -19.67 -17.85
CA ARG I 114 -41.80 -20.35 -16.63
C ARG I 114 -41.84 -19.32 -15.54
N PRO I 115 -42.83 -19.41 -14.65
CA PRO I 115 -42.93 -18.39 -13.60
C PRO I 115 -41.79 -18.50 -12.59
N PHE I 116 -40.99 -17.45 -12.48
CA PHE I 116 -39.85 -17.47 -11.54
C PHE I 116 -39.42 -16.05 -11.23
N ALA I 117 -39.05 -15.79 -9.99
CA ALA I 117 -38.50 -14.49 -9.65
C ALA I 117 -37.38 -14.65 -8.67
N VAL I 118 -36.37 -13.77 -8.82
CA VAL I 118 -35.27 -13.64 -7.88
C VAL I 118 -35.22 -12.17 -7.53
N ILE I 119 -35.52 -11.84 -6.28
CA ILE I 119 -35.70 -10.47 -5.86
C ILE I 119 -34.82 -10.16 -4.68
N ASP I 120 -34.02 -9.09 -4.78
CA ASP I 120 -33.12 -8.69 -3.68
C ASP I 120 -33.03 -7.16 -3.64
N LEU I 121 -33.90 -6.53 -2.85
CA LEU I 121 -34.07 -5.06 -2.82
C LEU I 121 -33.33 -4.34 -1.65
N LYS I 122 -32.80 -5.11 -0.70
CA LYS I 122 -31.99 -4.57 0.41
C LYS I 122 -32.70 -3.51 1.21
N LEU I 123 -34.01 -3.67 1.35
CA LEU I 123 -34.79 -2.69 2.06
C LEU I 123 -34.51 -2.82 3.56
N LYS I 124 -34.30 -1.72 4.27
CA LYS I 124 -34.01 -1.72 5.71
C LYS I 124 -35.18 -1.41 6.64
N ARG I 125 -36.16 -0.65 6.17
CA ARG I 125 -37.25 -0.16 6.98
C ARG I 125 -38.36 -1.18 7.07
N GLU I 126 -39.31 -0.89 7.96
CA GLU I 126 -40.51 -1.70 8.08
C GLU I 126 -41.59 -1.33 7.03
N LYS I 127 -41.82 -0.04 6.83
CA LYS I 127 -42.80 0.43 5.82
C LYS I 127 -42.26 1.64 5.06
N ILE I 128 -42.76 1.82 3.85
CA ILE I 128 -42.63 3.07 3.11
C ILE I 128 -44.07 3.55 2.90
N GLY I 129 -44.41 4.66 3.55
CA GLY I 129 -45.79 5.11 3.66
C GLY I 129 -46.57 3.99 4.34
N GLU I 130 -47.63 3.53 3.71
CA GLU I 130 -48.44 2.43 4.23
C GLU I 130 -48.16 1.10 3.59
N LEU I 131 -47.12 1.04 2.76
CA LEU I 131 -46.73 -0.23 2.12
C LEU I 131 -45.62 -0.87 2.95
N SER I 132 -45.86 -2.07 3.46
CA SER I 132 -44.82 -2.78 4.23
C SER I 132 -43.66 -3.15 3.29
N CYS I 133 -42.45 -2.98 3.77
CA CYS I 133 -41.27 -3.29 2.93
C CYS I 133 -41.25 -4.73 2.51
N GLU I 134 -41.63 -5.66 3.40
CA GLU I 134 -41.67 -7.06 3.03
C GLU I 134 -42.66 -7.33 1.87
N MET I 135 -43.68 -6.49 1.68
CA MET I 135 -44.59 -6.67 0.54
C MET I 135 -44.00 -6.28 -0.81
N ILE I 136 -42.89 -5.54 -0.81
CA ILE I 136 -42.36 -5.00 -2.05
C ILE I 136 -41.77 -6.11 -2.94
N PRO I 137 -40.92 -6.97 -2.36
CA PRO I 137 -40.48 -8.12 -3.14
C PRO I 137 -41.63 -9.08 -3.46
N HIS I 138 -42.58 -9.19 -2.53
CA HIS I 138 -43.73 -10.07 -2.74
C HIS I 138 -44.55 -9.58 -3.97
N VAL I 139 -44.68 -8.26 -4.11
CA VAL I 139 -45.37 -7.68 -5.31
C VAL I 139 -44.68 -8.09 -6.59
N LEU I 140 -43.36 -7.92 -6.62
CA LEU I 140 -42.62 -8.27 -7.83
C LEU I 140 -42.69 -9.74 -8.14
N HIS I 141 -42.63 -10.58 -7.10
CA HIS I 141 -42.65 -12.03 -7.27
C HIS I 141 -44.04 -12.53 -7.78
N SER I 142 -45.10 -12.01 -7.15
CA SER I 142 -46.47 -12.36 -7.48
C SER I 142 -46.80 -11.88 -8.90
N PHE I 143 -46.32 -10.69 -9.24
CA PHE I 143 -46.42 -10.17 -10.63
C PHE I 143 -45.78 -11.11 -11.64
N ALA I 144 -44.52 -11.46 -11.40
CA ALA I 144 -43.81 -12.35 -12.31
C ALA I 144 -44.49 -13.68 -12.44
N THR I 145 -44.89 -14.31 -11.32
CA THR I 145 -45.51 -15.63 -11.44
C THR I 145 -46.84 -15.59 -12.20
N SER I 146 -47.69 -14.63 -11.89
CA SER I 146 -48.97 -14.46 -12.63
C SER I 146 -48.77 -14.04 -14.10
N ALA I 147 -47.72 -13.27 -14.39
CA ALA I 147 -47.38 -12.92 -15.77
C ALA I 147 -46.72 -14.05 -16.52
N ASN I 148 -46.36 -15.12 -15.80
CA ASN I 148 -45.78 -16.34 -16.40
C ASN I 148 -44.41 -16.04 -17.04
N LEU I 149 -43.59 -15.30 -16.31
CA LEU I 149 -42.27 -14.92 -16.82
C LEU I 149 -41.25 -15.01 -15.69
N THR I 150 -39.99 -14.83 -16.09
CA THR I 150 -38.85 -14.89 -15.23
C THR I 150 -38.39 -13.47 -15.00
N LEU I 151 -38.28 -13.06 -13.73
CA LEU I 151 -37.91 -11.70 -13.36
C LEU I 151 -36.79 -11.74 -12.32
N HIS I 152 -35.73 -10.98 -12.56
CA HIS I 152 -34.67 -10.80 -11.56
C HIS I 152 -34.55 -9.32 -11.30
N VAL I 153 -34.61 -8.92 -10.03
CA VAL I 153 -34.49 -7.50 -9.66
C VAL I 153 -33.55 -7.41 -8.50
N GLU I 154 -32.48 -6.64 -8.66
CA GLU I 154 -31.57 -6.39 -7.60
C GLU I 154 -31.32 -4.91 -7.40
N VAL I 155 -31.43 -4.48 -6.14
CA VAL I 155 -30.90 -3.19 -5.71
C VAL I 155 -29.45 -3.47 -5.36
N LEU I 156 -28.53 -2.94 -6.15
CA LEU I 156 -27.10 -3.21 -5.97
C LEU I 156 -26.62 -2.56 -4.67
N TYR I 157 -27.11 -1.35 -4.43
CA TYR I 157 -26.74 -0.61 -3.23
C TYR I 157 -27.67 0.59 -3.12
N GLY I 158 -27.66 1.18 -1.95
CA GLY I 158 -28.39 2.40 -1.70
C GLY I 158 -28.52 2.67 -0.22
N ALA I 159 -29.15 3.78 0.13
CA ALA I 159 -29.30 4.22 1.52
C ALA I 159 -30.68 4.70 1.89
N ASN I 160 -31.57 4.83 0.94
CA ASN I 160 -32.93 5.33 1.21
C ASN I 160 -33.91 4.33 0.58
N ASP I 161 -34.80 3.76 1.39
CA ASP I 161 -35.67 2.69 0.94
C ASP I 161 -36.69 3.09 -0.17
N HIS I 162 -37.20 4.30 -0.09
CA HIS I 162 -38.02 4.88 -1.21
C HIS I 162 -37.20 4.92 -2.50
N HIS I 163 -35.95 5.39 -2.42
CA HIS I 163 -35.07 5.34 -3.59
C HIS I 163 -34.81 3.91 -4.06
N LYS I 164 -34.56 2.98 -3.13
CA LYS I 164 -34.33 1.60 -3.53
C LYS I 164 -35.54 1.00 -4.24
N ALA I 165 -36.70 1.11 -3.59
CA ALA I 165 -37.93 0.53 -4.17
C ALA I 165 -38.26 1.17 -5.53
N GLU I 166 -38.20 2.48 -5.58
CA GLU I 166 -38.55 3.24 -6.79
C GLU I 166 -37.60 2.94 -7.94
N SER I 167 -36.30 2.90 -7.62
CA SER I 167 -35.30 2.51 -8.63
C SER I 167 -35.61 1.11 -9.14
N ALA I 168 -36.02 0.21 -8.24
CA ALA I 168 -36.32 -1.17 -8.63
C ALA I 168 -37.53 -1.22 -9.61
N PHE I 169 -38.59 -0.48 -9.28
CA PHE I 169 -39.75 -0.44 -10.17
C PHE I 169 -39.43 0.23 -11.52
N LYS I 170 -38.63 1.29 -11.49
CA LYS I 170 -38.18 1.92 -12.75
C LYS I 170 -37.38 0.96 -13.63
N ALA I 171 -36.44 0.24 -13.03
CA ALA I 171 -35.63 -0.71 -13.79
C ALA I 171 -36.49 -1.85 -14.33
N THR I 172 -37.41 -2.32 -13.51
CA THR I 172 -38.34 -3.37 -13.94
C THR I 172 -39.17 -2.91 -15.16
N ALA I 173 -39.71 -1.71 -15.07
CA ALA I 173 -40.45 -1.10 -16.18
C ALA I 173 -39.64 -1.09 -17.46
N LEU I 174 -38.39 -0.62 -17.39
CA LEU I 174 -37.56 -0.53 -18.59
C LEU I 174 -37.25 -1.90 -19.19
N ALA I 175 -37.00 -2.88 -18.33
CA ALA I 175 -36.71 -4.21 -18.78
C ALA I 175 -37.94 -4.89 -19.41
N LEU I 176 -39.09 -4.73 -18.76
CA LEU I 176 -40.37 -5.26 -19.32
C LEU I 176 -40.68 -4.62 -20.66
N ARG I 177 -40.45 -3.32 -20.77
CA ARG I 177 -40.67 -2.65 -22.05
C ARG I 177 -39.81 -3.25 -23.16
N GLU I 178 -38.53 -3.44 -22.87
CA GLU I 178 -37.64 -4.02 -23.87
C GLU I 178 -38.08 -5.46 -24.24
N ALA I 179 -38.38 -6.27 -23.22
CA ALA I 179 -38.73 -7.68 -23.42
C ALA I 179 -39.96 -7.91 -24.30
N VAL I 180 -40.94 -7.00 -24.22
CA VAL I 180 -42.17 -7.17 -24.98
C VAL I 180 -42.16 -6.36 -26.28
N THR I 181 -41.04 -5.72 -26.60
CA THR I 181 -40.93 -4.94 -27.84
C THR I 181 -40.97 -5.92 -29.03
N LYS I 182 -41.75 -5.55 -30.05
CA LYS I 182 -41.78 -6.33 -31.29
C LYS I 182 -40.43 -6.15 -32.01
N ASP I 183 -39.90 -7.27 -32.51
CA ASP I 183 -38.57 -7.32 -33.10
C ASP I 183 -38.47 -8.56 -33.98
N GLY I 184 -38.11 -8.35 -35.25
CA GLY I 184 -37.89 -9.45 -36.19
C GLY I 184 -39.20 -9.96 -36.76
N PRO I 185 -39.15 -11.10 -37.47
CA PRO I 185 -40.37 -11.69 -38.08
C PRO I 185 -41.49 -11.88 -37.05
N ALA I 186 -42.72 -11.49 -37.41
CA ALA I 186 -43.83 -11.48 -36.44
C ALA I 186 -44.29 -12.87 -35.98
N ASP I 187 -44.06 -13.90 -36.80
CA ASP I 187 -44.45 -15.28 -36.46
C ASP I 187 -43.36 -16.08 -35.75
N ALA I 188 -42.14 -15.55 -35.64
CA ALA I 188 -41.05 -16.32 -35.04
C ALA I 188 -41.28 -16.48 -33.53
N VAL I 189 -41.14 -17.71 -33.04
CA VAL I 189 -41.18 -17.99 -31.60
C VAL I 189 -39.72 -17.87 -31.09
N PRO I 190 -39.47 -16.98 -30.11
CA PRO I 190 -38.06 -16.78 -29.64
C PRO I 190 -37.57 -17.87 -28.66
N SER I 191 -37.51 -19.11 -29.13
CA SER I 191 -37.12 -20.26 -28.32
C SER I 191 -36.62 -21.40 -29.20
N THR I 192 -35.54 -22.05 -28.79
CA THR I 192 -34.99 -23.19 -29.52
C THR I 192 -35.94 -24.41 -29.47
N LYS I 193 -36.87 -24.44 -28.52
CA LYS I 193 -37.85 -25.52 -28.42
C LYS I 193 -39.13 -25.23 -29.20
N GLY I 194 -39.23 -24.01 -29.77
CA GLY I 194 -40.30 -23.65 -30.72
C GLY I 194 -41.67 -23.35 -30.12
N VAL I 195 -41.74 -23.29 -28.78
CA VAL I 195 -42.97 -23.12 -28.02
C VAL I 195 -42.67 -22.19 -26.83
N LEU I 196 -43.52 -21.18 -26.64
CA LEU I 196 -43.59 -20.45 -25.38
C LEU I 196 -45.07 -20.36 -25.06
N GLU I 197 -45.50 -21.21 -24.14
CA GLU I 197 -46.94 -21.39 -23.84
C GLU I 197 -47.63 -20.18 -23.24
N ARG J 4 -23.93 41.18 36.40
CA ARG J 4 -24.06 39.69 36.42
C ARG J 4 -23.04 39.09 37.37
N GLU J 5 -23.37 39.18 38.65
CA GLU J 5 -22.51 38.72 39.73
C GLU J 5 -23.39 38.02 40.73
N ALA J 6 -22.82 37.08 41.46
CA ALA J 6 -23.56 36.37 42.48
C ALA J 6 -22.64 35.98 43.58
N GLN J 7 -23.20 35.86 44.79
CA GLN J 7 -22.45 35.40 45.96
C GLN J 7 -23.24 34.29 46.59
N VAL J 8 -22.59 33.17 46.86
CA VAL J 8 -23.26 32.00 47.46
C VAL J 8 -22.39 31.48 48.59
N ALA J 9 -23.04 31.15 49.70
CA ALA J 9 -22.41 30.55 50.88
C ALA J 9 -23.19 29.29 51.16
N ARG J 10 -22.47 28.24 51.52
CA ARG J 10 -23.07 26.91 51.69
C ARG J 10 -22.24 26.14 52.69
N GLU J 11 -22.92 25.61 53.70
CA GLU J 11 -22.25 24.83 54.72
C GLU J 11 -22.97 23.52 55.03
N THR J 12 -22.20 22.45 55.06
CA THR J 12 -22.69 21.16 55.52
C THR J 12 -21.77 20.69 56.63
N GLY J 13 -22.00 19.49 57.13
CA GLY J 13 -21.08 18.86 58.04
C GLY J 13 -19.70 18.50 57.44
N GLU J 14 -19.61 18.49 56.11
CA GLU J 14 -18.36 18.20 55.43
C GLU J 14 -17.55 19.45 55.02
N THR J 15 -18.25 20.51 54.61
CA THR J 15 -17.61 21.66 53.94
C THR J 15 -18.30 22.96 54.25
N LYS J 16 -17.51 24.03 54.25
CA LYS J 16 -18.02 25.38 54.47
C LYS J 16 -17.42 26.21 53.36
N ILE J 17 -18.26 26.74 52.50
CA ILE J 17 -17.81 27.33 51.25
C ILE J 17 -18.49 28.68 51.00
N GLU J 18 -17.68 29.64 50.54
CA GLU J 18 -18.15 30.94 50.00
C GLU J 18 -17.60 31.14 48.58
N VAL J 19 -18.44 31.62 47.68
CA VAL J 19 -18.06 31.93 46.32
C VAL J 19 -18.64 33.29 45.95
N ARG J 20 -17.84 34.11 45.27
CA ARG J 20 -18.38 35.28 44.57
C ARG J 20 -17.91 35.16 43.14
N LEU J 21 -18.84 35.29 42.21
CA LEU J 21 -18.58 35.10 40.78
C LEU J 21 -19.17 36.26 40.01
N SER J 22 -18.35 36.90 39.18
CA SER J 22 -18.81 37.86 38.19
C SER J 22 -18.60 37.28 36.79
N LEU J 23 -19.64 37.26 35.95
CA LEU J 23 -19.50 36.78 34.54
C LEU J 23 -18.77 37.76 33.64
N ASP J 24 -18.86 39.05 33.93
CA ASP J 24 -18.30 40.07 33.07
C ASP J 24 -17.07 40.67 33.69
N GLY J 25 -16.04 39.84 33.87
CA GLY J 25 -14.83 40.23 34.54
C GLY J 25 -13.63 40.39 33.63
N THR J 26 -12.47 40.25 34.24
CA THR J 26 -11.20 40.30 33.55
C THR J 26 -10.36 39.07 33.76
N GLY J 27 -10.92 38.01 34.37
CA GLY J 27 -10.13 36.79 34.60
C GLY J 27 -9.41 36.64 35.92
N VAL J 28 -9.63 37.57 36.85
CA VAL J 28 -8.95 37.49 38.12
C VAL J 28 -9.63 36.49 39.05
N SER J 29 -8.83 35.82 39.86
CA SER J 29 -9.34 34.85 40.80
C SER J 29 -8.56 34.84 42.07
N ASP J 30 -9.26 34.44 43.13
CA ASP J 30 -8.68 34.21 44.42
C ASP J 30 -9.35 32.93 44.89
N VAL J 31 -8.73 31.79 44.58
CA VAL J 31 -9.40 30.49 44.81
C VAL J 31 -8.57 29.71 45.80
N LYS J 32 -9.18 29.34 46.94
CA LYS J 32 -8.49 28.57 47.96
C LYS J 32 -9.42 27.44 48.41
N THR J 33 -9.37 26.32 47.68
CA THR J 33 -10.20 25.16 47.98
C THR J 33 -9.61 24.28 49.06
N GLY J 34 -8.33 24.44 49.37
CA GLY J 34 -7.53 23.48 50.12
C GLY J 34 -6.72 22.51 49.28
N ILE J 35 -7.00 22.46 47.98
CA ILE J 35 -6.34 21.54 47.06
C ILE J 35 -5.75 22.39 45.92
N GLY J 36 -4.43 22.41 45.90
CA GLY J 36 -3.68 23.24 44.98
C GLY J 36 -3.99 23.04 43.51
N PHE J 37 -4.11 21.78 43.06
CA PHE J 37 -4.36 21.56 41.65
C PHE J 37 -5.76 22.00 41.24
N LEU J 38 -6.72 21.82 42.15
CA LEU J 38 -8.04 22.31 41.92
C LEU J 38 -8.06 23.84 41.83
N ASP J 39 -7.35 24.51 42.75
CA ASP J 39 -7.14 25.97 42.66
C ASP J 39 -6.67 26.40 41.28
N HIS J 40 -5.65 25.69 40.78
CA HIS J 40 -5.06 25.95 39.46
C HIS J 40 -6.09 25.76 38.37
N MET J 41 -6.88 24.67 38.43
CA MET J 41 -7.96 24.49 37.42
C MET J 41 -9.03 25.59 37.44
N LEU J 42 -9.52 25.95 38.63
CA LEU J 42 -10.52 27.03 38.72
C LEU J 42 -9.94 28.43 38.39
N SER J 43 -8.65 28.62 38.64
CA SER J 43 -7.95 29.84 38.24
C SER J 43 -7.90 29.96 36.73
N ALA J 44 -7.60 28.85 36.07
CA ALA J 44 -7.62 28.79 34.61
C ALA J 44 -9.01 29.01 34.04
N LEU J 45 -10.03 28.46 34.72
CA LEU J 45 -11.39 28.64 34.29
C LEU J 45 -11.75 30.13 34.30
N ALA J 46 -11.41 30.81 35.40
CA ALA J 46 -11.69 32.22 35.53
C ALA J 46 -10.93 33.02 34.50
N LYS J 47 -9.64 32.71 34.35
CA LYS J 47 -8.76 33.47 33.45
C LYS J 47 -9.26 33.40 32.03
N HIS J 48 -9.57 32.21 31.54
CA HIS J 48 -9.89 32.06 30.13
C HIS J 48 -11.38 32.27 29.83
N GLY J 49 -12.21 32.27 30.86
CA GLY J 49 -13.61 32.64 30.77
C GLY J 49 -13.83 34.15 30.90
N ARG J 50 -12.79 34.89 31.27
CA ARG J 50 -12.91 36.30 31.68
C ARG J 50 -13.98 36.45 32.77
N PHE J 51 -13.99 35.51 33.72
CA PHE J 51 -14.80 35.58 34.92
C PHE J 51 -13.93 36.13 36.04
N ASP J 52 -14.55 36.75 37.04
CA ASP J 52 -13.83 37.06 38.28
C ASP J 52 -14.35 36.11 39.32
N LEU J 53 -13.47 35.36 39.99
CA LEU J 53 -13.91 34.31 40.90
C LEU J 53 -13.17 34.33 42.22
N TYR J 54 -13.95 34.46 43.28
CA TYR J 54 -13.51 34.29 44.64
C TYR J 54 -14.10 32.99 45.19
N LEU J 55 -13.25 32.19 45.82
CA LEU J 55 -13.72 30.94 46.42
C LEU J 55 -12.89 30.59 47.63
N ARG J 56 -13.57 30.24 48.72
CA ARG J 56 -12.94 29.71 49.93
C ARG J 56 -13.69 28.46 50.35
N CYS J 57 -12.93 27.42 50.71
CA CYS J 57 -13.48 26.18 51.26
C CYS J 57 -12.71 25.70 52.46
N ALA J 58 -13.41 25.49 53.57
CA ALA J 58 -12.88 24.76 54.75
C ALA J 58 -13.59 23.42 54.71
N GLY J 59 -12.82 22.37 54.42
CA GLY J 59 -13.37 21.06 54.08
C GLY J 59 -12.74 19.93 54.88
N ASP J 60 -13.25 18.71 54.68
CA ASP J 60 -12.78 17.54 55.43
C ASP J 60 -11.72 16.79 54.64
N LEU J 61 -10.58 17.42 54.39
CA LEU J 61 -9.47 16.81 53.62
C LEU J 61 -8.81 15.63 54.33
N HIS J 62 -8.97 15.57 55.66
CA HIS J 62 -8.53 14.40 56.44
C HIS J 62 -9.27 13.09 56.06
N VAL J 63 -10.44 13.22 55.45
CA VAL J 63 -11.20 12.08 54.89
C VAL J 63 -10.60 11.75 53.54
N ASP J 64 -10.83 12.66 52.59
CA ASP J 64 -10.17 12.67 51.27
C ASP J 64 -10.49 14.00 50.58
N ASP J 65 -10.14 14.09 49.30
CA ASP J 65 -10.42 15.29 48.50
C ASP J 65 -11.83 15.43 47.93
N HIS J 66 -12.71 14.45 48.15
CA HIS J 66 -13.96 14.30 47.42
C HIS J 66 -15.00 15.36 47.80
N HIS J 67 -15.37 15.42 49.08
CA HIS J 67 -16.42 16.34 49.48
C HIS J 67 -16.03 17.81 49.18
N THR J 68 -14.75 18.15 49.41
CA THR J 68 -14.24 19.48 49.07
C THR J 68 -14.47 19.78 47.57
N SER J 69 -13.96 18.91 46.71
CA SER J 69 -13.99 19.20 45.27
C SER J 69 -15.41 19.26 44.74
N GLU J 70 -16.23 18.29 45.13
CA GLU J 70 -17.63 18.27 44.70
C GLU J 70 -18.40 19.50 45.17
N ASP J 71 -18.29 19.81 46.46
CA ASP J 71 -19.03 20.97 47.00
C ASP J 71 -18.59 22.30 46.40
N CYS J 72 -17.28 22.45 46.15
CA CYS J 72 -16.78 23.63 45.45
C CYS J 72 -17.45 23.74 44.08
N ALA J 73 -17.54 22.61 43.39
CA ALA J 73 -18.26 22.55 42.10
C ALA J 73 -19.74 22.88 42.22
N ILE J 74 -20.38 22.32 43.24
CA ILE J 74 -21.80 22.60 43.48
C ILE J 74 -22.00 24.13 43.67
N VAL J 75 -21.23 24.71 44.56
CA VAL J 75 -21.42 26.15 44.89
C VAL J 75 -21.07 27.06 43.69
N LEU J 76 -19.99 26.72 42.99
CA LEU J 76 -19.62 27.42 41.77
C LEU J 76 -20.73 27.37 40.77
N GLY J 77 -21.32 26.19 40.56
CA GLY J 77 -22.44 26.04 39.65
C GLY J 77 -23.63 26.88 40.06
N GLN J 78 -23.96 26.86 41.37
CA GLN J 78 -25.08 27.69 41.86
C GLN J 78 -24.83 29.17 41.59
N ALA J 79 -23.59 29.59 41.81
CA ALA J 79 -23.23 30.98 41.56
C ALA J 79 -23.32 31.30 40.09
N PHE J 80 -22.91 30.36 39.24
CA PHE J 80 -23.00 30.58 37.79
C PHE J 80 -24.46 30.76 37.35
N ARG J 81 -25.32 29.87 37.82
CA ARG J 81 -26.75 29.95 37.54
C ARG J 81 -27.31 31.29 37.97
N GLN J 82 -26.98 31.69 39.18
CA GLN J 82 -27.49 32.97 39.72
C GLN J 82 -26.99 34.16 38.94
N ALA J 83 -25.70 34.17 38.61
CA ALA J 83 -25.08 35.30 37.89
C ALA J 83 -25.66 35.51 36.48
N ILE J 84 -26.04 34.43 35.81
CA ILE J 84 -26.66 34.53 34.49
C ILE J 84 -27.98 35.26 34.59
N GLY J 85 -28.71 35.02 35.68
CA GLY J 85 -30.04 35.58 35.88
C GLY J 85 -31.01 35.06 34.84
N GLU J 86 -31.89 35.92 34.35
CA GLU J 86 -32.88 35.48 33.36
C GLU J 86 -32.17 35.08 32.08
N ARG J 87 -32.61 33.97 31.52
CA ARG J 87 -31.96 33.39 30.37
C ARG J 87 -32.55 33.99 29.11
N LYS J 88 -32.10 35.21 28.82
CA LYS J 88 -32.49 35.95 27.66
C LYS J 88 -31.35 36.85 27.17
N GLY J 89 -31.36 37.13 25.87
CA GLY J 89 -30.42 38.00 25.25
C GLY J 89 -29.02 37.45 25.13
N ILE J 90 -28.83 36.12 25.24
CA ILE J 90 -27.49 35.51 25.26
C ILE J 90 -27.36 34.54 24.10
N LYS J 91 -26.12 34.21 23.78
CA LYS J 91 -25.84 33.26 22.70
C LYS J 91 -26.38 31.87 22.98
N ARG J 92 -26.36 31.46 24.25
CA ARG J 92 -26.90 30.18 24.75
C ARG J 92 -25.94 29.00 24.46
N TYR J 93 -25.51 28.91 23.21
CA TYR J 93 -24.52 27.86 22.81
C TYR J 93 -23.11 28.40 22.73
N GLY J 94 -22.17 27.64 23.28
CA GLY J 94 -20.77 27.91 23.05
C GLY J 94 -19.97 26.64 22.87
N SER J 95 -18.86 26.76 22.15
CA SER J 95 -17.95 25.63 21.95
C SER J 95 -16.55 26.15 21.72
N ALA J 96 -15.57 25.34 22.06
CA ALA J 96 -14.18 25.73 21.97
C ALA J 96 -13.30 24.52 22.04
N TYR J 97 -12.11 24.66 21.44
CA TYR J 97 -11.00 23.72 21.63
C TYR J 97 -9.86 24.47 22.33
N ALA J 98 -9.18 23.78 23.22
CA ALA J 98 -7.95 24.26 23.76
C ALA J 98 -6.98 23.10 23.87
N PRO J 99 -5.77 23.28 23.35
CA PRO J 99 -4.73 22.31 23.62
C PRO J 99 -3.92 22.73 24.82
N LEU J 100 -3.12 21.79 25.28
CA LEU J 100 -1.93 22.08 26.03
C LEU J 100 -0.86 21.10 25.56
N ASP J 101 0.06 21.59 24.75
CA ASP J 101 1.14 20.80 24.16
C ASP J 101 0.48 19.65 23.37
N GLU J 102 0.70 18.41 23.77
CA GLU J 102 0.24 17.24 22.99
C GLU J 102 -1.26 16.92 23.23
N SER J 103 -1.85 17.47 24.30
CA SER J 103 -3.24 17.20 24.62
C SER J 103 -4.18 18.20 23.93
N LEU J 104 -5.38 17.75 23.57
CA LEU J 104 -6.42 18.57 22.95
C LEU J 104 -7.77 18.28 23.58
N ALA J 105 -8.49 19.35 23.97
CA ALA J 105 -9.83 19.21 24.57
C ALA J 105 -10.83 20.06 23.84
N ARG J 106 -12.07 19.57 23.80
CA ARG J 106 -13.21 20.31 23.35
C ARG J 106 -14.23 20.41 24.46
N ALA J 107 -14.85 21.58 24.59
CA ALA J 107 -15.99 21.75 25.45
C ALA J 107 -17.15 22.37 24.67
N VAL J 108 -18.37 21.88 24.95
CA VAL J 108 -19.59 22.41 24.37
C VAL J 108 -20.58 22.67 25.50
N VAL J 109 -21.15 23.87 25.45
CA VAL J 109 -22.07 24.38 26.45
C VAL J 109 -23.40 24.77 25.82
N ASP J 110 -24.50 24.38 26.48
CA ASP J 110 -25.85 24.83 26.10
C ASP J 110 -26.50 25.31 27.41
N ILE J 111 -26.78 26.63 27.50
CA ILE J 111 -27.52 27.17 28.65
C ILE J 111 -28.99 26.78 28.48
N SER J 112 -29.31 25.56 28.90
CA SER J 112 -30.50 24.84 28.51
C SER J 112 -31.62 24.79 29.56
N SER J 113 -31.24 25.02 30.81
CA SER J 113 -32.11 24.77 31.96
C SER J 113 -32.44 23.27 32.08
N ARG J 114 -31.55 22.43 31.54
CA ARG J 114 -31.64 20.98 31.69
C ARG J 114 -30.29 20.52 32.16
N PRO J 115 -30.16 20.16 33.44
CA PRO J 115 -28.84 19.79 33.96
C PRO J 115 -28.38 18.46 33.37
N PHE J 116 -27.21 18.47 32.71
CA PHE J 116 -26.69 17.25 32.07
C PHE J 116 -25.24 17.46 31.74
N ALA J 117 -24.43 16.43 31.95
CA ALA J 117 -23.04 16.48 31.50
C ALA J 117 -22.59 15.17 30.88
N VAL J 118 -21.77 15.29 29.84
CA VAL J 118 -21.09 14.15 29.20
C VAL J 118 -19.62 14.50 29.25
N ILE J 119 -18.87 13.74 30.05
CA ILE J 119 -17.47 14.07 30.31
C ILE J 119 -16.59 12.87 30.01
N ASP J 120 -15.53 13.09 29.24
CA ASP J 120 -14.59 12.02 28.87
C ASP J 120 -13.17 12.62 28.82
N LEU J 121 -12.43 12.53 29.93
CA LEU J 121 -11.10 13.21 30.03
C LEU J 121 -9.90 12.30 29.77
N LYS J 122 -10.12 10.99 29.70
CA LYS J 122 -9.03 10.02 29.41
C LYS J 122 -7.85 10.13 30.38
N LEU J 123 -8.13 10.48 31.64
CA LEU J 123 -7.07 10.61 32.61
C LEU J 123 -6.58 9.20 32.99
N LYS J 124 -5.26 9.03 33.06
CA LYS J 124 -4.66 7.74 33.36
C LYS J 124 -4.20 7.60 34.82
N ARG J 125 -3.85 8.70 35.48
CA ARG J 125 -3.29 8.64 36.82
C ARG J 125 -4.34 8.55 37.89
N GLU J 126 -3.88 8.27 39.10
CA GLU J 126 -4.74 8.28 40.26
C GLU J 126 -4.99 9.69 40.80
N LYS J 127 -3.94 10.52 40.84
CA LYS J 127 -4.06 11.90 41.32
C LYS J 127 -3.15 12.78 40.49
N ILE J 128 -3.49 14.06 40.44
CA ILE J 128 -2.60 15.11 39.98
C ILE J 128 -2.49 16.01 41.18
N GLY J 129 -1.27 16.12 41.72
CA GLY J 129 -1.06 16.75 43.01
C GLY J 129 -1.93 16.07 44.03
N GLU J 130 -2.76 16.85 44.73
CA GLU J 130 -3.68 16.27 45.73
C GLU J 130 -5.13 16.11 45.27
N LEU J 131 -5.41 16.38 43.99
CA LEU J 131 -6.75 16.18 43.42
C LEU J 131 -6.81 14.79 42.79
N SER J 132 -7.71 13.93 43.25
CA SER J 132 -7.91 12.63 42.60
C SER J 132 -8.45 12.80 41.18
N CYS J 133 -7.88 12.05 40.24
CA CYS J 133 -8.35 12.14 38.87
C CYS J 133 -9.83 11.84 38.75
N GLU J 134 -10.34 10.89 39.53
CA GLU J 134 -11.78 10.61 39.46
C GLU J 134 -12.66 11.80 39.88
N MET J 135 -12.11 12.71 40.70
CA MET J 135 -12.87 13.90 41.06
C MET J 135 -12.94 14.94 39.95
N ILE J 136 -12.09 14.84 38.95
CA ILE J 136 -12.07 15.87 37.91
C ILE J 136 -13.34 15.85 37.04
N PRO J 137 -13.75 14.68 36.48
CA PRO J 137 -15.05 14.66 35.83
C PRO J 137 -16.23 14.94 36.77
N HIS J 138 -16.09 14.55 38.04
CA HIS J 138 -17.14 14.80 39.03
C HIS J 138 -17.31 16.32 39.24
N VAL J 139 -16.21 17.06 39.31
CA VAL J 139 -16.27 18.53 39.37
C VAL J 139 -17.05 19.12 38.19
N LEU J 140 -16.71 18.70 36.98
CA LEU J 140 -17.39 19.20 35.81
C LEU J 140 -18.87 18.84 35.78
N HIS J 141 -19.21 17.60 36.15
CA HIS J 141 -20.61 17.17 36.17
C HIS J 141 -21.42 17.97 37.22
N SER J 142 -20.84 18.07 38.43
CA SER J 142 -21.49 18.75 39.55
C SER J 142 -21.65 20.22 39.23
N PHE J 143 -20.63 20.83 38.63
CA PHE J 143 -20.74 22.19 38.14
C PHE J 143 -21.90 22.35 37.16
N ALA J 144 -21.97 21.48 36.15
CA ALA J 144 -22.98 21.57 35.12
C ALA J 144 -24.38 21.45 35.69
N THR J 145 -24.57 20.48 36.58
CA THR J 145 -25.90 20.22 37.13
C THR J 145 -26.35 21.37 38.05
N SER J 146 -25.46 21.88 38.90
CA SER J 146 -25.82 23.03 39.74
C SER J 146 -26.00 24.35 38.97
N ALA J 147 -25.28 24.50 37.87
CA ALA J 147 -25.45 25.62 36.95
C ALA J 147 -26.69 25.51 36.05
N ASN J 148 -27.30 24.32 36.03
CA ASN J 148 -28.57 24.07 35.34
C ASN J 148 -28.36 24.19 33.81
N LEU J 149 -27.30 23.56 33.34
CA LEU J 149 -26.92 23.65 31.95
C LEU J 149 -26.39 22.30 31.49
N THR J 150 -26.23 22.23 30.17
CA THR J 150 -25.72 21.07 29.47
C THR J 150 -24.27 21.33 29.09
N LEU J 151 -23.39 20.41 29.51
CA LEU J 151 -21.96 20.53 29.33
C LEU J 151 -21.38 19.23 28.80
N HIS J 152 -20.67 19.33 27.68
CA HIS J 152 -19.89 18.21 27.10
C HIS J 152 -18.43 18.57 27.06
N VAL J 153 -17.58 17.73 27.65
CA VAL J 153 -16.13 17.98 27.68
C VAL J 153 -15.46 16.68 27.29
N GLU J 154 -14.67 16.73 26.22
CA GLU J 154 -13.86 15.59 25.78
C GLU J 154 -12.39 15.98 25.64
N VAL J 155 -11.51 15.19 26.23
CA VAL J 155 -10.11 15.23 25.87
C VAL J 155 -9.97 14.27 24.69
N LEU J 156 -9.67 14.79 23.51
CA LEU J 156 -9.63 13.92 22.32
C LEU J 156 -8.45 12.95 22.38
N TYR J 157 -7.34 13.44 22.88
CA TYR J 157 -6.12 12.66 23.05
C TYR J 157 -5.15 13.46 23.90
N GLY J 158 -4.13 12.78 24.38
CA GLY J 158 -3.03 13.43 25.09
C GLY J 158 -2.24 12.36 25.78
N ALA J 159 -1.19 12.79 26.47
CA ALA J 159 -0.28 11.87 27.18
C ALA J 159 0.09 12.29 28.60
N ASN J 160 -0.35 13.46 29.02
CA ASN J 160 0.04 14.01 30.32
C ASN J 160 -1.27 14.49 30.99
N ASP J 161 -1.59 13.91 32.16
CA ASP J 161 -2.87 14.17 32.83
C ASP J 161 -3.03 15.64 33.27
N HIS J 162 -1.95 16.30 33.68
CA HIS J 162 -2.02 17.76 33.98
C HIS J 162 -2.42 18.51 32.71
N HIS J 163 -1.77 18.17 31.59
CA HIS J 163 -2.14 18.78 30.29
C HIS J 163 -3.60 18.45 29.93
N LYS J 164 -4.01 17.22 30.13
CA LYS J 164 -5.40 16.84 29.79
C LYS J 164 -6.42 17.61 30.60
N ALA J 165 -6.23 17.58 31.91
CA ALA J 165 -7.16 18.27 32.81
C ALA J 165 -7.18 19.77 32.52
N GLU J 166 -6.00 20.36 32.43
CA GLU J 166 -5.94 21.81 32.23
C GLU J 166 -6.52 22.23 30.87
N SER J 167 -6.21 21.47 29.79
CA SER J 167 -6.81 21.77 28.46
C SER J 167 -8.32 21.69 28.59
N ALA J 168 -8.83 20.72 29.35
CA ALA J 168 -10.27 20.59 29.53
C ALA J 168 -10.87 21.82 30.23
N PHE J 169 -10.22 22.28 31.29
CA PHE J 169 -10.77 23.49 31.99
C PHE J 169 -10.66 24.75 31.11
N LYS J 170 -9.57 24.87 30.34
CA LYS J 170 -9.45 25.98 29.40
C LYS J 170 -10.54 25.97 28.34
N ALA J 171 -10.80 24.81 27.75
CA ALA J 171 -11.84 24.70 26.73
C ALA J 171 -13.21 25.00 27.31
N THR J 172 -13.43 24.54 28.53
CA THR J 172 -14.71 24.74 29.22
C THR J 172 -14.93 26.23 29.47
N ALA J 173 -13.88 26.90 29.94
CA ALA J 173 -13.89 28.36 30.12
C ALA J 173 -14.28 29.12 28.87
N LEU J 174 -13.65 28.76 27.76
CA LEU J 174 -13.91 29.41 26.49
C LEU J 174 -15.33 29.20 26.02
N ALA J 175 -15.86 28.00 26.18
CA ALA J 175 -17.19 27.69 25.73
C ALA J 175 -18.24 28.39 26.61
N LEU J 176 -17.97 28.41 27.92
CA LEU J 176 -18.88 29.10 28.87
C LEU J 176 -18.95 30.58 28.57
N ARG J 177 -17.78 31.18 28.31
CA ARG J 177 -17.69 32.61 27.98
C ARG J 177 -18.53 32.91 26.75
N GLU J 178 -18.40 32.08 25.73
CA GLU J 178 -19.18 32.28 24.53
C GLU J 178 -20.68 32.14 24.80
N ALA J 179 -21.06 31.10 25.54
CA ALA J 179 -22.48 30.79 25.77
C ALA J 179 -23.20 31.89 26.55
N VAL J 180 -22.51 32.54 27.49
CA VAL J 180 -23.12 33.61 28.28
C VAL J 180 -22.90 35.02 27.70
N THR J 181 -22.25 35.13 26.55
CA THR J 181 -22.08 36.40 25.84
C THR J 181 -23.43 36.99 25.40
N LYS J 182 -23.67 38.26 25.73
CA LYS J 182 -24.90 38.90 25.26
C LYS J 182 -24.86 39.08 23.75
N ASP J 183 -25.95 38.74 23.09
CA ASP J 183 -26.03 38.81 21.64
C ASP J 183 -27.47 39.04 21.17
N GLY J 184 -27.66 40.02 20.29
CA GLY J 184 -28.99 40.31 19.73
C GLY J 184 -29.92 41.00 20.73
N PRO J 185 -31.24 41.01 20.46
CA PRO J 185 -32.20 41.69 21.35
C PRO J 185 -32.16 41.17 22.79
N ALA J 186 -32.10 42.11 23.74
CA ALA J 186 -31.94 41.83 25.17
C ALA J 186 -33.03 40.92 25.76
N ASP J 187 -34.23 41.02 25.19
CA ASP J 187 -35.42 40.34 25.71
C ASP J 187 -35.75 39.00 25.00
N ALA J 188 -34.99 38.65 23.95
CA ALA J 188 -35.21 37.37 23.25
C ALA J 188 -34.81 36.18 24.11
N VAL J 189 -35.72 35.22 24.28
CA VAL J 189 -35.42 33.93 24.88
C VAL J 189 -34.91 33.03 23.76
N PRO J 190 -33.66 32.52 23.87
CA PRO J 190 -33.12 31.73 22.75
C PRO J 190 -33.58 30.27 22.81
N SER J 191 -34.89 30.07 22.58
CA SER J 191 -35.53 28.74 22.63
C SER J 191 -36.82 28.79 21.84
N THR J 192 -37.05 27.77 21.00
CA THR J 192 -38.32 27.65 20.26
C THR J 192 -39.53 27.41 21.19
N LYS J 193 -39.30 26.99 22.44
CA LYS J 193 -40.41 26.83 23.39
C LYS J 193 -40.69 28.11 24.19
N GLY J 194 -39.92 29.16 23.96
CA GLY J 194 -40.12 30.48 24.60
C GLY J 194 -39.74 30.63 26.07
N VAL J 195 -39.12 29.61 26.66
CA VAL J 195 -38.89 29.53 28.09
C VAL J 195 -37.55 28.82 28.31
N LEU J 196 -36.68 29.43 29.12
CA LEU J 196 -35.53 28.77 29.74
C LEU J 196 -35.54 29.10 31.24
N GLU J 197 -36.03 28.15 32.05
CA GLU J 197 -36.32 28.37 33.48
C GLU J 197 -35.08 28.70 34.30
N LYS K 3 44.15 -23.15 -21.53
CA LYS K 3 43.44 -24.10 -20.61
C LYS K 3 42.73 -23.32 -19.51
N ARG K 4 41.51 -23.74 -19.15
CA ARG K 4 40.73 -23.10 -18.09
C ARG K 4 40.96 -23.82 -16.78
N GLU K 5 42.01 -23.40 -16.09
CA GLU K 5 42.44 -24.04 -14.86
C GLU K 5 43.04 -23.04 -13.91
N ALA K 6 43.23 -23.46 -12.65
CA ALA K 6 43.83 -22.60 -11.64
C ALA K 6 44.34 -23.37 -10.44
N GLN K 7 45.43 -22.88 -9.89
CA GLN K 7 45.97 -23.36 -8.63
C GLN K 7 45.92 -22.18 -7.69
N VAL K 8 45.31 -22.37 -6.52
CA VAL K 8 45.25 -21.34 -5.50
C VAL K 8 45.65 -21.95 -4.15
N ALA K 9 46.51 -21.23 -3.42
CA ALA K 9 46.90 -21.60 -2.08
C ALA K 9 46.70 -20.39 -1.17
N ARG K 10 46.14 -20.63 0.01
CA ARG K 10 45.84 -19.56 0.96
C ARG K 10 46.05 -20.07 2.37
N GLU K 11 46.70 -19.25 3.18
CA GLU K 11 46.93 -19.56 4.58
C GLU K 11 46.67 -18.38 5.50
N THR K 12 45.90 -18.65 6.55
CA THR K 12 45.69 -17.76 7.68
C THR K 12 46.09 -18.50 8.95
N GLY K 13 45.87 -17.88 10.10
CA GLY K 13 46.06 -18.54 11.38
C GLY K 13 45.10 -19.70 11.62
N GLU K 14 44.00 -19.76 10.87
CA GLU K 14 42.99 -20.80 11.06
C GLU K 14 43.17 -21.97 10.13
N THR K 15 43.52 -21.72 8.87
CA THR K 15 43.50 -22.77 7.86
C THR K 15 44.65 -22.60 6.87
N LYS K 16 45.03 -23.70 6.24
CA LYS K 16 46.07 -23.71 5.21
C LYS K 16 45.57 -24.59 4.09
N ILE K 17 45.36 -23.99 2.92
CA ILE K 17 44.60 -24.63 1.87
C ILE K 17 45.32 -24.58 0.54
N GLU K 18 45.19 -25.67 -0.23
CA GLU K 18 45.50 -25.67 -1.64
C GLU K 18 44.40 -26.31 -2.48
N VAL K 19 44.07 -25.66 -3.60
CA VAL K 19 43.12 -26.12 -4.60
C VAL K 19 43.80 -26.08 -5.97
N ARG K 20 43.57 -27.13 -6.75
CA ARG K 20 43.81 -27.12 -8.20
C ARG K 20 42.50 -27.50 -8.85
N LEU K 21 42.08 -26.70 -9.81
CA LEU K 21 40.81 -26.87 -10.52
C LEU K 21 41.02 -26.80 -12.03
N SER K 22 40.38 -27.71 -12.77
CA SER K 22 40.17 -27.58 -14.23
C SER K 22 38.70 -27.50 -14.49
N LEU K 23 38.25 -26.46 -15.19
CA LEU K 23 36.83 -26.37 -15.58
C LEU K 23 36.44 -27.37 -16.63
N ASP K 24 37.36 -27.72 -17.51
CA ASP K 24 37.03 -28.62 -18.62
C ASP K 24 37.61 -29.97 -18.34
N GLY K 25 37.11 -30.59 -17.29
CA GLY K 25 37.64 -31.86 -16.81
C GLY K 25 36.75 -33.02 -17.16
N THR K 26 36.96 -34.13 -16.47
CA THR K 26 36.10 -35.30 -16.61
C THR K 26 35.30 -35.63 -15.35
N GLY K 27 35.45 -34.84 -14.29
CA GLY K 27 34.73 -35.15 -13.02
C GLY K 27 35.56 -35.79 -11.94
N VAL K 28 36.88 -35.85 -12.13
CA VAL K 28 37.79 -36.48 -11.20
C VAL K 28 37.97 -35.58 -9.99
N SER K 29 37.97 -36.15 -8.79
CA SER K 29 38.25 -35.34 -7.64
C SER K 29 39.16 -36.05 -6.65
N ASP K 30 39.94 -35.24 -5.95
CA ASP K 30 40.82 -35.69 -4.88
C ASP K 30 40.75 -34.63 -3.79
N VAL K 31 39.74 -34.76 -2.92
CA VAL K 31 39.37 -33.76 -1.95
C VAL K 31 39.47 -34.29 -0.53
N LYS K 32 40.26 -33.58 0.27
CA LYS K 32 40.41 -33.84 1.70
C LYS K 32 40.43 -32.51 2.45
N THR K 33 39.24 -32.10 2.86
CA THR K 33 39.05 -30.88 3.64
C THR K 33 39.30 -31.09 5.13
N GLY K 34 39.35 -32.37 5.53
CA GLY K 34 39.29 -32.77 6.93
C GLY K 34 37.88 -33.10 7.40
N ILE K 35 36.86 -32.78 6.59
CA ILE K 35 35.44 -33.04 6.89
C ILE K 35 34.87 -33.93 5.79
N GLY K 36 34.59 -35.17 6.15
CA GLY K 36 34.11 -36.18 5.21
C GLY K 36 32.91 -35.80 4.38
N PHE K 37 31.91 -35.23 5.03
CA PHE K 37 30.71 -34.90 4.32
C PHE K 37 30.96 -33.75 3.35
N LEU K 38 31.80 -32.80 3.74
CA LEU K 38 32.18 -31.71 2.85
C LEU K 38 32.94 -32.29 1.63
N ASP K 39 33.83 -33.24 1.87
CA ASP K 39 34.54 -33.95 0.77
C ASP K 39 33.59 -34.55 -0.21
N HIS K 40 32.57 -35.23 0.32
CA HIS K 40 31.54 -35.87 -0.50
C HIS K 40 30.76 -34.83 -1.34
N MET K 41 30.36 -33.72 -0.72
CA MET K 41 29.70 -32.64 -1.47
C MET K 41 30.58 -32.05 -2.59
N LEU K 42 31.84 -31.75 -2.30
CA LEU K 42 32.74 -31.19 -3.32
C LEU K 42 33.08 -32.23 -4.37
N SER K 43 33.16 -33.50 -3.98
CA SER K 43 33.30 -34.60 -4.93
C SER K 43 32.09 -34.70 -5.88
N ALA K 44 30.88 -34.57 -5.34
CA ALA K 44 29.68 -34.57 -6.18
C ALA K 44 29.64 -33.34 -7.12
N LEU K 45 30.11 -32.19 -6.60
CA LEU K 45 30.22 -30.96 -7.39
C LEU K 45 31.16 -31.17 -8.60
N ALA K 46 32.32 -31.77 -8.36
CA ALA K 46 33.26 -32.03 -9.46
C ALA K 46 32.69 -33.00 -10.46
N LYS K 47 32.14 -34.11 -9.97
CA LYS K 47 31.61 -35.18 -10.83
C LYS K 47 30.55 -34.69 -11.79
N HIS K 48 29.57 -33.95 -11.26
CA HIS K 48 28.40 -33.60 -12.05
C HIS K 48 28.60 -32.30 -12.82
N GLY K 49 29.61 -31.53 -12.43
CA GLY K 49 30.05 -30.37 -13.18
C GLY K 49 31.08 -30.70 -14.24
N ARG K 50 31.63 -31.91 -14.22
CA ARG K 50 32.75 -32.30 -15.09
C ARG K 50 33.97 -31.36 -14.89
N PHE K 51 34.22 -31.01 -13.63
CA PHE K 51 35.40 -30.32 -13.21
C PHE K 51 36.38 -31.37 -12.66
N ASP K 52 37.66 -31.06 -12.71
CA ASP K 52 38.64 -31.84 -11.96
C ASP K 52 39.09 -31.00 -10.82
N LEU K 53 39.07 -31.59 -9.62
CA LEU K 53 39.31 -30.82 -8.40
C LEU K 53 40.23 -31.56 -7.44
N TYR K 54 41.35 -30.93 -7.13
CA TYR K 54 42.22 -31.36 -6.04
C TYR K 54 42.11 -30.30 -4.97
N LEU K 55 41.99 -30.75 -3.72
CA LEU K 55 41.91 -29.90 -2.57
C LEU K 55 42.48 -30.56 -1.30
N ARG K 56 43.27 -29.79 -0.57
CA ARG K 56 43.78 -30.13 0.76
C ARG K 56 43.56 -28.97 1.72
N CYS K 57 43.10 -29.26 2.93
CA CYS K 57 42.98 -28.24 3.97
C CYS K 57 43.52 -28.80 5.26
N ALA K 58 44.43 -28.06 5.88
CA ALA K 58 44.85 -28.34 7.25
C ALA K 58 44.24 -27.22 8.05
N GLY K 59 43.26 -27.57 8.90
CA GLY K 59 42.39 -26.58 9.54
C GLY K 59 42.26 -26.75 11.03
N ASP K 60 41.57 -25.81 11.65
CA ASP K 60 41.41 -25.79 13.10
C ASP K 60 40.16 -26.52 13.55
N LEU K 61 40.07 -27.81 13.23
CA LEU K 61 38.87 -28.60 13.55
C LEU K 61 38.62 -28.77 15.03
N HIS K 62 39.65 -28.58 15.84
CA HIS K 62 39.48 -28.55 17.29
C HIS K 62 38.62 -27.39 17.80
N VAL K 63 38.49 -26.32 17.01
CA VAL K 63 37.62 -25.19 17.33
C VAL K 63 36.21 -25.65 16.93
N ASP K 64 36.00 -25.76 15.61
CA ASP K 64 34.80 -26.35 15.03
C ASP K 64 35.05 -26.50 13.51
N ASP K 65 34.02 -26.84 12.76
CA ASP K 65 34.09 -27.06 11.33
C ASP K 65 34.00 -25.76 10.49
N HIS K 66 33.85 -24.61 11.14
CA HIS K 66 33.46 -23.36 10.46
C HIS K 66 34.59 -22.78 9.58
N HIS K 67 35.75 -22.51 10.18
CA HIS K 67 36.82 -21.87 9.44
C HIS K 67 37.26 -22.78 8.32
N THR K 68 37.38 -24.08 8.58
CA THR K 68 37.68 -25.04 7.51
C THR K 68 36.72 -24.95 6.33
N SER K 69 35.43 -25.07 6.62
CA SER K 69 34.43 -25.13 5.55
C SER K 69 34.34 -23.83 4.79
N GLU K 70 34.34 -22.72 5.52
CA GLU K 70 34.28 -21.41 4.90
C GLU K 70 35.50 -21.15 4.01
N ASP K 71 36.68 -21.40 4.54
CA ASP K 71 37.92 -21.09 3.81
C ASP K 71 38.12 -22.00 2.58
N CYS K 72 37.67 -23.26 2.65
CA CYS K 72 37.62 -24.13 1.45
C CYS K 72 36.72 -23.55 0.34
N ALA K 73 35.56 -23.07 0.75
CA ALA K 73 34.67 -22.38 -0.18
C ALA K 73 35.31 -21.12 -0.78
N ILE K 74 35.97 -20.30 0.04
CA ILE K 74 36.66 -19.10 -0.42
C ILE K 74 37.68 -19.49 -1.49
N VAL K 75 38.53 -20.43 -1.14
CA VAL K 75 39.61 -20.84 -2.06
C VAL K 75 39.06 -21.48 -3.33
N LEU K 76 38.03 -22.31 -3.23
CA LEU K 76 37.39 -22.93 -4.40
C LEU K 76 36.76 -21.88 -5.31
N GLY K 77 36.15 -20.86 -4.71
CA GLY K 77 35.60 -19.75 -5.50
C GLY K 77 36.64 -18.93 -6.23
N GLN K 78 37.73 -18.61 -5.53
CA GLN K 78 38.85 -17.91 -6.14
C GLN K 78 39.39 -18.70 -7.30
N ALA K 79 39.52 -20.01 -7.14
CA ALA K 79 39.99 -20.88 -8.21
C ALA K 79 39.03 -20.87 -9.39
N PHE K 80 37.74 -20.90 -9.09
CA PHE K 80 36.72 -20.88 -10.11
C PHE K 80 36.77 -19.57 -10.91
N ARG K 81 36.86 -18.46 -10.20
CA ARG K 81 36.96 -17.14 -10.82
C ARG K 81 38.18 -17.06 -11.76
N GLN K 82 39.34 -17.50 -11.26
CA GLN K 82 40.55 -17.50 -12.11
C GLN K 82 40.45 -18.44 -13.30
N ALA K 83 39.95 -19.64 -13.06
CA ALA K 83 39.80 -20.62 -14.14
C ALA K 83 38.89 -20.13 -15.27
N ILE K 84 37.84 -19.40 -14.94
CA ILE K 84 36.98 -18.85 -15.98
C ILE K 84 37.75 -17.84 -16.84
N GLY K 85 38.56 -17.02 -16.19
CA GLY K 85 39.38 -16.06 -16.88
C GLY K 85 38.50 -14.95 -17.43
N GLU K 86 38.87 -14.43 -18.59
CA GLU K 86 38.04 -13.41 -19.26
C GLU K 86 36.61 -13.90 -19.51
N ARG K 87 35.65 -13.05 -19.14
CA ARG K 87 34.24 -13.41 -19.20
C ARG K 87 33.66 -13.02 -20.56
N LYS K 88 33.97 -13.88 -21.52
CA LYS K 88 33.57 -13.71 -22.90
C LYS K 88 33.38 -15.09 -23.51
N GLY K 89 32.48 -15.18 -24.47
CA GLY K 89 32.29 -16.40 -25.22
C GLY K 89 31.63 -17.53 -24.49
N ILE K 90 31.00 -17.24 -23.35
CA ILE K 90 30.37 -18.27 -22.52
C ILE K 90 28.88 -18.04 -22.45
N LYS K 91 28.15 -19.07 -22.02
CA LYS K 91 26.70 -18.95 -21.90
C LYS K 91 26.27 -17.96 -20.81
N ARG K 92 27.08 -17.77 -19.78
CA ARG K 92 26.82 -16.84 -18.65
C ARG K 92 25.74 -17.32 -17.67
N TYR K 93 24.60 -17.75 -18.20
CA TYR K 93 23.46 -18.21 -17.37
C TYR K 93 23.38 -19.70 -17.43
N GLY K 94 23.23 -20.35 -16.28
CA GLY K 94 22.91 -21.76 -16.22
C GLY K 94 21.86 -22.04 -15.17
N SER K 95 21.05 -23.06 -15.39
CA SER K 95 20.08 -23.49 -14.38
C SER K 95 19.93 -24.98 -14.48
N ALA K 96 19.56 -25.61 -13.38
CA ALA K 96 19.40 -27.05 -13.33
C ALA K 96 18.55 -27.46 -12.15
N TYR K 97 17.86 -28.57 -12.31
CA TYR K 97 17.24 -29.30 -11.19
C TYR K 97 17.95 -30.63 -10.99
N ALA K 98 18.08 -31.03 -9.73
CA ALA K 98 18.55 -32.37 -9.40
C ALA K 98 17.78 -32.85 -8.20
N PRO K 99 17.16 -34.03 -8.29
CA PRO K 99 16.59 -34.64 -7.11
C PRO K 99 17.60 -35.55 -6.43
N LEU K 100 17.28 -35.97 -5.21
CA LEU K 100 17.83 -37.20 -4.66
C LEU K 100 16.67 -37.84 -3.87
N ASP K 101 16.08 -38.87 -4.48
CA ASP K 101 14.89 -39.55 -3.96
C ASP K 101 13.76 -38.52 -3.75
N GLU K 102 13.36 -38.27 -2.51
CA GLU K 102 12.21 -37.41 -2.23
C GLU K 102 12.56 -35.90 -2.31
N SER K 103 13.86 -35.56 -2.22
CA SER K 103 14.34 -34.17 -2.27
C SER K 103 14.47 -33.65 -3.71
N LEU K 104 14.23 -32.36 -3.91
CA LEU K 104 14.41 -31.70 -5.19
C LEU K 104 15.09 -30.37 -4.94
N ALA K 105 16.15 -30.10 -5.68
CA ALA K 105 16.85 -28.80 -5.59
C ALA K 105 16.98 -28.13 -6.97
N ARG K 106 16.99 -26.80 -6.96
CA ARG K 106 17.23 -26.00 -8.16
C ARG K 106 18.41 -25.11 -7.88
N ALA K 107 19.29 -24.99 -8.86
CA ALA K 107 20.35 -24.02 -8.82
C ALA K 107 20.30 -23.15 -10.08
N VAL K 108 20.55 -21.87 -9.90
CA VAL K 108 20.65 -20.90 -10.98
C VAL K 108 21.93 -20.09 -10.79
N VAL K 109 22.71 -20.00 -11.88
CA VAL K 109 24.03 -19.33 -11.91
C VAL K 109 23.99 -18.21 -12.94
N ASP K 110 24.56 -17.06 -12.59
CA ASP K 110 24.78 -15.95 -13.53
C ASP K 110 26.22 -15.52 -13.33
N ILE K 111 27.08 -15.70 -14.35
CA ILE K 111 28.46 -15.24 -14.27
C ILE K 111 28.43 -13.71 -14.50
N SER K 112 28.13 -12.98 -13.44
CA SER K 112 27.68 -11.59 -13.50
C SER K 112 28.75 -10.57 -13.13
N SER K 113 29.80 -11.02 -12.44
CA SER K 113 30.79 -10.15 -11.81
C SER K 113 30.16 -9.27 -10.72
N ARG K 114 29.05 -9.76 -10.17
CA ARG K 114 28.38 -9.16 -9.00
C ARG K 114 28.25 -10.30 -7.99
N PRO K 115 29.04 -10.25 -6.92
CA PRO K 115 29.01 -11.35 -5.96
C PRO K 115 27.70 -11.32 -5.16
N PHE K 116 26.92 -12.41 -5.25
CA PHE K 116 25.60 -12.43 -4.58
C PHE K 116 25.10 -13.85 -4.54
N ALA K 117 24.48 -14.22 -3.44
CA ALA K 117 23.85 -15.54 -3.37
C ALA K 117 22.56 -15.48 -2.58
N VAL K 118 21.60 -16.29 -3.01
CA VAL K 118 20.35 -16.51 -2.35
C VAL K 118 20.25 -17.99 -2.14
N ILE K 119 20.28 -18.43 -0.89
CA ILE K 119 20.38 -19.85 -0.57
C ILE K 119 19.25 -20.24 0.38
N ASP K 120 18.53 -21.30 0.05
CA ASP K 120 17.40 -21.77 0.89
C ASP K 120 17.36 -23.29 0.85
N LEU K 121 18.06 -23.98 1.78
CA LEU K 121 18.21 -25.45 1.71
C LEU K 121 17.28 -26.23 2.62
N LYS K 122 16.56 -25.54 3.50
CA LYS K 122 15.55 -26.17 4.37
C LYS K 122 16.11 -27.34 5.17
N LEU K 123 17.36 -27.22 5.58
CA LEU K 123 17.98 -28.26 6.39
C LEU K 123 17.41 -28.26 7.80
N LYS K 124 17.10 -29.43 8.34
CA LYS K 124 16.47 -29.52 9.66
C LYS K 124 17.41 -29.93 10.77
N ARG K 125 18.43 -30.69 10.45
CA ARG K 125 19.42 -31.14 11.44
C ARG K 125 20.45 -30.09 11.83
N GLU K 126 21.18 -30.42 12.88
CA GLU K 126 22.32 -29.64 13.30
C GLU K 126 23.59 -29.97 12.51
N LYS K 127 23.82 -31.24 12.25
CA LYS K 127 25.02 -31.66 11.50
C LYS K 127 24.67 -32.79 10.56
N ILE K 128 25.42 -32.91 9.47
CA ILE K 128 25.38 -34.10 8.64
C ILE K 128 26.81 -34.61 8.69
N GLY K 129 27.04 -35.80 9.26
CA GLY K 129 28.41 -36.21 9.59
C GLY K 129 29.04 -35.18 10.52
N GLU K 130 30.23 -34.72 10.17
CA GLU K 130 30.92 -33.66 10.95
C GLU K 130 30.76 -32.26 10.36
N LEU K 131 29.90 -32.09 9.35
CA LEU K 131 29.64 -30.77 8.76
C LEU K 131 28.35 -30.19 9.35
N SER K 132 28.47 -29.08 10.05
CA SER K 132 27.32 -28.37 10.56
C SER K 132 26.39 -27.87 9.43
N CYS K 133 25.08 -28.03 9.64
CA CYS K 133 24.11 -27.69 8.61
C CYS K 133 24.14 -26.22 8.34
N GLU K 134 24.36 -25.39 9.37
CA GLU K 134 24.49 -23.96 9.15
C GLU K 134 25.69 -23.58 8.24
N MET K 135 26.72 -24.44 8.17
CA MET K 135 27.84 -24.18 7.30
C MET K 135 27.54 -24.46 5.83
N ILE K 136 26.47 -25.18 5.51
CA ILE K 136 26.23 -25.57 4.13
C ILE K 136 25.79 -24.39 3.26
N PRO K 137 24.78 -23.60 3.70
CA PRO K 137 24.53 -22.35 2.97
C PRO K 137 25.73 -21.40 2.99
N HIS K 138 26.49 -21.41 4.09
CA HIS K 138 27.65 -20.50 4.21
C HIS K 138 28.70 -20.90 3.16
N VAL K 139 28.89 -22.19 2.91
CA VAL K 139 29.82 -22.64 1.84
C VAL K 139 29.37 -22.13 0.47
N LEU K 140 28.10 -22.29 0.18
CA LEU K 140 27.58 -21.83 -1.11
C LEU K 140 27.67 -20.32 -1.28
N HIS K 141 27.38 -19.58 -0.21
CA HIS K 141 27.48 -18.10 -0.26
C HIS K 141 28.95 -17.65 -0.42
N SER K 142 29.86 -18.28 0.33
CA SER K 142 31.25 -17.87 0.30
C SER K 142 31.85 -18.25 -1.05
N PHE K 143 31.48 -19.43 -1.55
CA PHE K 143 31.84 -19.84 -2.89
C PHE K 143 31.42 -18.82 -3.95
N ALA K 144 30.15 -18.41 -3.93
CA ALA K 144 29.64 -17.51 -4.96
C ALA K 144 30.34 -16.15 -4.89
N THR K 145 30.49 -15.65 -3.67
CA THR K 145 31.12 -14.36 -3.44
C THR K 145 32.58 -14.33 -3.94
N SER K 146 33.36 -15.31 -3.56
CA SER K 146 34.74 -15.45 -4.07
C SER K 146 34.84 -15.76 -5.57
N ALA K 147 33.89 -16.52 -6.13
CA ALA K 147 33.83 -16.73 -7.59
C ALA K 147 33.37 -15.51 -8.38
N ASN K 148 32.92 -14.48 -7.67
CA ASN K 148 32.43 -13.24 -8.27
C ASN K 148 31.24 -13.48 -9.21
N LEU K 149 30.27 -14.22 -8.70
CA LEU K 149 29.07 -14.55 -9.46
C LEU K 149 27.83 -14.53 -8.60
N THR K 150 26.70 -14.69 -9.29
CA THR K 150 25.39 -14.69 -8.69
C THR K 150 24.90 -16.14 -8.68
N LEU K 151 24.58 -16.63 -7.49
CA LEU K 151 24.15 -18.01 -7.28
C LEU K 151 22.85 -18.09 -6.50
N HIS K 152 21.84 -18.72 -7.09
CA HIS K 152 20.59 -19.01 -6.35
C HIS K 152 20.43 -20.53 -6.20
N VAL K 153 20.30 -21.02 -4.97
CA VAL K 153 20.11 -22.44 -4.70
C VAL K 153 18.92 -22.63 -3.77
N GLU K 154 17.98 -23.44 -4.23
CA GLU K 154 16.77 -23.70 -3.44
C GLU K 154 16.52 -25.19 -3.40
N VAL K 155 16.36 -25.72 -2.19
CA VAL K 155 15.75 -27.04 -1.99
C VAL K 155 14.27 -26.79 -1.95
N LEU K 156 13.54 -27.28 -2.95
CA LEU K 156 12.09 -27.03 -3.02
C LEU K 156 11.34 -27.76 -1.93
N TYR K 157 11.78 -28.99 -1.65
CA TYR K 157 11.18 -29.77 -0.61
C TYR K 157 12.12 -30.96 -0.41
N GLY K 158 11.88 -31.68 0.67
CA GLY K 158 12.57 -32.94 0.94
C GLY K 158 12.37 -33.32 2.38
N ALA K 159 12.87 -34.50 2.74
CA ALA K 159 12.75 -35.01 4.11
C ALA K 159 14.03 -35.53 4.75
N ASN K 160 15.10 -35.63 3.98
CA ASN K 160 16.38 -36.12 4.48
C ASN K 160 17.44 -35.06 4.15
N ASP K 161 18.14 -34.57 5.18
CA ASP K 161 19.11 -33.50 5.00
C ASP K 161 20.31 -33.87 4.13
N HIS K 162 20.81 -35.10 4.22
CA HIS K 162 21.86 -35.56 3.26
C HIS K 162 21.32 -35.48 1.80
N HIS K 163 20.09 -35.95 1.56
CA HIS K 163 19.47 -35.80 0.26
C HIS K 163 19.32 -34.34 -0.15
N LYS K 164 18.89 -33.47 0.79
CA LYS K 164 18.76 -32.04 0.49
C LYS K 164 20.08 -31.39 0.06
N ALA K 165 21.09 -31.57 0.89
CA ALA K 165 22.40 -30.97 0.67
C ALA K 165 23.01 -31.51 -0.61
N GLU K 166 22.91 -32.82 -0.83
CA GLU K 166 23.54 -33.44 -1.99
C GLU K 166 22.85 -33.02 -3.27
N SER K 167 21.52 -32.99 -3.25
CA SER K 167 20.77 -32.51 -4.41
C SER K 167 21.13 -31.07 -4.74
N ALA K 168 21.33 -30.24 -3.71
CA ALA K 168 21.72 -28.85 -3.93
C ALA K 168 23.11 -28.73 -4.58
N PHE K 169 24.06 -29.53 -4.10
CA PHE K 169 25.39 -29.54 -4.74
C PHE K 169 25.35 -30.11 -6.15
N LYS K 170 24.55 -31.15 -6.40
CA LYS K 170 24.37 -31.67 -7.76
C LYS K 170 23.77 -30.63 -8.70
N ALA K 171 22.72 -29.96 -8.25
CA ALA K 171 22.07 -28.93 -9.09
C ALA K 171 23.03 -27.76 -9.35
N THR K 172 23.75 -27.35 -8.32
CA THR K 172 24.78 -26.30 -8.45
C THR K 172 25.84 -26.65 -9.50
N ALA K 173 26.32 -27.89 -9.43
CA ALA K 173 27.31 -28.41 -10.37
C ALA K 173 26.83 -28.28 -11.80
N LEU K 174 25.60 -28.75 -12.02
CA LEU K 174 25.01 -28.77 -13.34
C LEU K 174 24.82 -27.36 -13.88
N ALA K 175 24.37 -26.43 -13.03
CA ALA K 175 24.13 -25.04 -13.44
C ALA K 175 25.42 -24.32 -13.71
N LEU K 176 26.44 -24.62 -12.89
CA LEU K 176 27.78 -24.03 -13.10
C LEU K 176 28.37 -24.51 -14.42
N ARG K 177 28.22 -25.81 -14.70
CA ARG K 177 28.68 -26.39 -15.96
C ARG K 177 28.07 -25.67 -17.17
N GLU K 178 26.76 -25.48 -17.13
CA GLU K 178 26.04 -24.80 -18.20
C GLU K 178 26.53 -23.36 -18.35
N ALA K 179 26.58 -22.62 -17.23
CA ALA K 179 26.95 -21.19 -17.28
C ALA K 179 28.36 -20.96 -17.90
N VAL K 180 29.32 -21.84 -17.61
CA VAL K 180 30.69 -21.67 -18.14
C VAL K 180 30.93 -22.40 -19.48
N THR K 181 29.91 -23.00 -20.07
CA THR K 181 30.05 -23.65 -21.37
C THR K 181 30.29 -22.62 -22.45
N LYS K 182 31.29 -22.87 -23.30
CA LYS K 182 31.55 -21.94 -24.41
C LYS K 182 30.42 -21.98 -25.41
N ASP K 183 30.03 -20.81 -25.90
CA ASP K 183 28.86 -20.73 -26.76
C ASP K 183 28.83 -19.42 -27.55
N GLY K 184 28.72 -19.55 -28.87
CA GLY K 184 28.71 -18.39 -29.77
C GLY K 184 30.10 -17.82 -30.01
N PRO K 185 30.19 -16.64 -30.66
CA PRO K 185 31.48 -16.02 -30.94
C PRO K 185 32.36 -15.92 -29.68
N ALA K 186 33.62 -16.32 -29.80
CA ALA K 186 34.54 -16.40 -28.66
C ALA K 186 34.80 -15.07 -27.98
N ASP K 187 34.70 -13.97 -28.72
CA ASP K 187 35.06 -12.66 -28.21
C ASP K 187 33.88 -11.87 -27.65
N ALA K 188 32.67 -12.39 -27.86
CA ALA K 188 31.43 -11.69 -27.43
C ALA K 188 31.39 -11.63 -25.90
N VAL K 189 31.16 -10.43 -25.35
CA VAL K 189 30.85 -10.26 -23.92
C VAL K 189 29.32 -10.39 -23.78
N PRO K 190 28.86 -11.36 -22.96
CA PRO K 190 27.43 -11.60 -22.81
C PRO K 190 26.77 -10.63 -21.83
N SER K 191 26.79 -9.33 -22.17
CA SER K 191 26.21 -8.27 -21.33
C SER K 191 25.88 -7.07 -22.20
N THR K 192 24.73 -6.44 -21.96
CA THR K 192 24.36 -5.21 -22.68
C THR K 192 25.26 -4.04 -22.36
N LYS K 193 25.94 -4.07 -21.20
CA LYS K 193 26.88 -3.03 -20.84
C LYS K 193 28.27 -3.26 -21.41
N GLY K 194 28.49 -4.41 -22.03
CA GLY K 194 29.75 -4.70 -22.73
C GLY K 194 30.96 -5.09 -21.88
N VAL K 195 30.75 -5.22 -20.57
CA VAL K 195 31.82 -5.47 -19.60
C VAL K 195 31.30 -6.47 -18.56
N LEU K 196 32.09 -7.50 -18.28
CA LEU K 196 31.92 -8.36 -17.11
C LEU K 196 33.31 -8.52 -16.52
N GLU K 197 33.60 -7.72 -15.50
CA GLU K 197 34.94 -7.59 -14.92
C GLU K 197 35.48 -8.88 -14.30
N LYS L 3 -23.41 -9.45 -48.20
CA LYS L 3 -23.95 -10.30 -47.09
C LYS L 3 -22.85 -10.69 -46.09
N ARG L 4 -23.14 -10.55 -44.80
CA ARG L 4 -22.12 -10.88 -43.78
C ARG L 4 -22.16 -12.35 -43.47
N GLU L 5 -21.44 -13.10 -44.28
CA GLU L 5 -21.33 -14.53 -44.10
C GLU L 5 -19.93 -15.04 -44.29
N ALA L 6 -19.69 -16.25 -43.78
CA ALA L 6 -18.41 -16.88 -43.88
C ALA L 6 -18.53 -18.39 -43.84
N GLN L 7 -17.52 -19.05 -44.39
CA GLN L 7 -17.38 -20.48 -44.28
C GLN L 7 -15.96 -20.74 -43.88
N VAL L 8 -15.77 -21.68 -42.97
CA VAL L 8 -14.45 -22.13 -42.57
C VAL L 8 -14.45 -23.65 -42.44
N ALA L 9 -13.46 -24.23 -43.07
CA ALA L 9 -13.20 -25.65 -43.00
C ALA L 9 -11.78 -25.84 -42.51
N ARG L 10 -11.61 -26.66 -41.46
CA ARG L 10 -10.32 -26.82 -40.81
C ARG L 10 -10.16 -28.27 -40.38
N GLU L 11 -8.98 -28.83 -40.63
CA GLU L 11 -8.70 -30.19 -40.25
C GLU L 11 -7.34 -30.33 -39.64
N THR L 12 -7.29 -31.11 -38.56
CA THR L 12 -6.05 -31.52 -37.93
C THR L 12 -6.10 -33.04 -37.77
N GLY L 13 -5.08 -33.61 -37.13
CA GLY L 13 -5.10 -35.01 -36.75
C GLY L 13 -6.16 -35.34 -35.69
N GLU L 14 -6.66 -34.33 -34.99
CA GLU L 14 -7.68 -34.51 -33.93
C GLU L 14 -9.10 -34.31 -34.44
N THR L 15 -9.32 -33.28 -35.25
CA THR L 15 -10.69 -32.91 -35.68
C THR L 15 -10.80 -32.49 -37.16
N LYS L 16 -11.99 -32.68 -37.72
CA LYS L 16 -12.33 -32.22 -39.08
C LYS L 16 -13.65 -31.49 -39.01
N ILE L 17 -13.59 -30.18 -39.25
CA ILE L 17 -14.71 -29.31 -39.02
C ILE L 17 -15.03 -28.47 -40.25
N GLU L 18 -16.33 -28.33 -40.50
CA GLU L 18 -16.86 -27.34 -41.41
C GLU L 18 -17.89 -26.48 -40.70
N VAL L 19 -17.76 -25.16 -40.82
CA VAL L 19 -18.74 -24.18 -40.34
C VAL L 19 -19.21 -23.26 -41.47
N ARG L 20 -20.51 -22.92 -41.45
CA ARG L 20 -21.09 -21.85 -42.25
C ARG L 20 -21.90 -20.94 -41.35
N LEU L 21 -21.61 -19.64 -41.42
CA LEU L 21 -22.24 -18.68 -40.53
C LEU L 21 -22.75 -17.49 -41.32
N SER L 22 -23.96 -17.06 -41.00
CA SER L 22 -24.50 -15.78 -41.43
CA SER L 22 -24.50 -15.78 -41.43
C SER L 22 -24.78 -14.94 -40.20
N LEU L 23 -24.27 -13.72 -40.18
CA LEU L 23 -24.55 -12.80 -39.06
C LEU L 23 -25.94 -12.25 -39.10
N ASP L 24 -26.46 -12.05 -40.32
CA ASP L 24 -27.74 -11.39 -40.50
C ASP L 24 -28.79 -12.40 -40.87
N GLY L 25 -29.00 -13.34 -39.94
CA GLY L 25 -29.89 -14.47 -40.16
C GLY L 25 -31.23 -14.36 -39.48
N THR L 26 -31.87 -15.51 -39.31
CA THR L 26 -33.12 -15.57 -38.59
C THR L 26 -33.04 -16.46 -37.34
N GLY L 27 -31.85 -16.99 -37.04
CA GLY L 27 -31.66 -17.88 -35.86
C GLY L 27 -31.65 -19.37 -36.18
N VAL L 28 -31.63 -19.71 -37.46
CA VAL L 28 -31.67 -21.10 -37.91
C VAL L 28 -30.32 -21.75 -37.64
N SER L 29 -30.33 -22.97 -37.13
CA SER L 29 -29.08 -23.69 -36.97
C SER L 29 -29.19 -25.16 -37.32
N ASP L 30 -28.06 -25.71 -37.71
CA ASP L 30 -27.95 -27.11 -38.01
C ASP L 30 -26.58 -27.55 -37.54
N VAL L 31 -26.50 -27.88 -36.24
CA VAL L 31 -25.20 -28.10 -35.58
C VAL L 31 -25.03 -29.55 -35.09
N LYS L 32 -23.96 -30.18 -35.54
CA LYS L 32 -23.61 -31.55 -35.12
C LYS L 32 -22.14 -31.61 -34.79
N THR L 33 -21.83 -31.32 -33.53
CA THR L 33 -20.45 -31.33 -33.08
C THR L 33 -20.03 -32.72 -32.69
N GLY L 34 -20.99 -33.64 -32.52
CA GLY L 34 -20.70 -34.92 -31.86
C GLY L 34 -21.09 -34.92 -30.38
N ILE L 35 -21.35 -33.73 -29.80
CA ILE L 35 -21.65 -33.59 -28.37
C ILE L 35 -22.97 -32.85 -28.31
N GLY L 36 -24.04 -33.53 -27.91
CA GLY L 36 -25.36 -32.96 -27.85
C GLY L 36 -25.53 -31.67 -27.09
N PHE L 37 -24.91 -31.59 -25.92
CA PHE L 37 -25.11 -30.39 -25.12
C PHE L 37 -24.41 -29.19 -25.74
N LEU L 38 -23.24 -29.42 -26.36
CA LEU L 38 -22.58 -28.37 -27.08
C LEU L 38 -23.45 -27.95 -28.29
N ASP L 39 -24.04 -28.91 -29.00
CA ASP L 39 -24.99 -28.55 -30.07
C ASP L 39 -26.11 -27.64 -29.57
N HIS L 40 -26.67 -27.96 -28.40
CA HIS L 40 -27.75 -27.19 -27.79
C HIS L 40 -27.28 -25.75 -27.46
N MET L 41 -26.06 -25.62 -26.93
CA MET L 41 -25.50 -24.27 -26.63
C MET L 41 -25.27 -23.45 -27.91
N LEU L 42 -24.72 -24.05 -28.95
CA LEU L 42 -24.49 -23.30 -30.20
C LEU L 42 -25.81 -23.00 -30.94
N SER L 43 -26.78 -23.89 -30.80
CA SER L 43 -28.13 -23.67 -31.29
C SER L 43 -28.82 -22.49 -30.56
N ALA L 44 -28.65 -22.39 -29.25
CA ALA L 44 -29.16 -21.24 -28.51
C ALA L 44 -28.45 -19.93 -28.94
N LEU L 45 -27.14 -20.02 -29.13
CA LEU L 45 -26.34 -18.88 -29.57
C LEU L 45 -26.86 -18.39 -30.91
N ALA L 46 -27.08 -19.30 -31.85
CA ALA L 46 -27.62 -18.92 -33.17
C ALA L 46 -28.98 -18.28 -33.05
N LYS L 47 -29.87 -18.91 -32.26
CA LYS L 47 -31.26 -18.47 -32.15
C LYS L 47 -31.35 -17.09 -31.58
N HIS L 48 -30.66 -16.84 -30.46
CA HIS L 48 -30.81 -15.55 -29.78
C HIS L 48 -29.91 -14.44 -30.35
N GLY L 49 -28.90 -14.82 -31.12
CA GLY L 49 -28.09 -13.89 -31.86
C GLY L 49 -28.69 -13.54 -33.22
N ARG L 50 -29.71 -14.31 -33.64
CA ARG L 50 -30.29 -14.21 -34.99
C ARG L 50 -29.22 -14.45 -36.04
N PHE L 51 -28.33 -15.40 -35.76
CA PHE L 51 -27.34 -15.90 -36.69
C PHE L 51 -27.91 -17.16 -37.34
N ASP L 52 -27.48 -17.47 -38.56
CA ASP L 52 -27.66 -18.81 -39.11
C ASP L 52 -26.37 -19.56 -39.05
N LEU L 53 -26.40 -20.78 -38.52
CA LEU L 53 -25.18 -21.53 -38.29
C LEU L 53 -25.33 -22.99 -38.72
N TYR L 54 -24.40 -23.46 -39.56
CA TYR L 54 -24.25 -24.87 -39.87
C TYR L 54 -22.92 -25.31 -39.34
N LEU L 55 -22.86 -26.45 -38.69
CA LEU L 55 -21.61 -26.97 -38.21
C LEU L 55 -21.61 -28.50 -38.20
N ARG L 56 -20.47 -29.05 -38.61
CA ARG L 56 -20.18 -30.47 -38.59
C ARG L 56 -18.77 -30.66 -38.08
N CYS L 57 -18.60 -31.58 -37.13
CA CYS L 57 -17.30 -31.95 -36.60
C CYS L 57 -17.19 -33.46 -36.55
N ALA L 58 -16.12 -33.98 -37.16
CA ALA L 58 -15.71 -35.35 -36.94
C ALA L 58 -14.46 -35.26 -36.08
N GLY L 59 -14.55 -35.73 -34.85
CA GLY L 59 -13.52 -35.48 -33.85
C GLY L 59 -13.11 -36.73 -33.09
N ASP L 60 -12.14 -36.58 -32.19
CA ASP L 60 -11.55 -37.72 -31.46
C ASP L 60 -12.24 -37.92 -30.12
N LEU L 61 -13.55 -38.19 -30.17
CA LEU L 61 -14.33 -38.33 -28.93
C LEU L 61 -13.94 -39.55 -28.08
N HIS L 62 -13.29 -40.53 -28.69
CA HIS L 62 -12.67 -41.65 -27.98
C HIS L 62 -11.55 -41.23 -27.00
N VAL L 63 -10.97 -40.05 -27.23
CA VAL L 63 -9.98 -39.45 -26.33
C VAL L 63 -10.75 -38.77 -25.21
N ASP L 64 -11.37 -37.65 -25.54
CA ASP L 64 -12.34 -37.00 -24.68
C ASP L 64 -13.06 -35.94 -25.53
N ASP L 65 -13.85 -35.09 -24.88
CA ASP L 65 -14.60 -34.03 -25.55
C ASP L 65 -13.80 -32.76 -25.88
N HIS L 66 -12.53 -32.73 -25.49
CA HIS L 66 -11.77 -31.49 -25.44
C HIS L 66 -11.44 -30.95 -26.86
N HIS L 67 -10.76 -31.75 -27.68
CA HIS L 67 -10.28 -31.28 -28.97
C HIS L 67 -11.47 -30.90 -29.85
N THR L 68 -12.52 -31.72 -29.82
CA THR L 68 -13.78 -31.38 -30.46
C THR L 68 -14.33 -30.00 -30.05
N SER L 69 -14.53 -29.81 -28.74
CA SER L 69 -15.16 -28.62 -28.24
C SER L 69 -14.27 -27.38 -28.55
N GLU L 70 -12.97 -27.51 -28.29
CA GLU L 70 -12.07 -26.38 -28.53
C GLU L 70 -12.04 -26.06 -30.03
N ASP L 71 -11.87 -27.08 -30.87
CA ASP L 71 -11.72 -26.83 -32.32
C ASP L 71 -13.00 -26.29 -32.97
N CYS L 72 -14.16 -26.71 -32.47
CA CYS L 72 -15.45 -26.11 -32.88
C CYS L 72 -15.49 -24.61 -32.52
N ALA L 73 -15.06 -24.27 -31.30
CA ALA L 73 -14.97 -22.88 -30.86
C ALA L 73 -13.99 -22.05 -31.71
N ILE L 74 -12.85 -22.65 -32.02
CA ILE L 74 -11.84 -21.96 -32.86
C ILE L 74 -12.46 -21.65 -34.23
N VAL L 75 -13.06 -22.66 -34.84
CA VAL L 75 -13.61 -22.50 -36.20
C VAL L 75 -14.74 -21.51 -36.23
N LEU L 76 -15.65 -21.62 -35.26
CA LEU L 76 -16.73 -20.67 -35.10
C LEU L 76 -16.22 -19.24 -34.94
N GLY L 77 -15.16 -19.07 -34.15
CA GLY L 77 -14.60 -17.74 -33.93
C GLY L 77 -14.00 -17.18 -35.20
N GLN L 78 -13.25 -18.01 -35.91
CA GLN L 78 -12.71 -17.61 -37.21
C GLN L 78 -13.81 -17.18 -38.17
N ALA L 79 -14.89 -17.98 -38.23
CA ALA L 79 -16.05 -17.64 -39.04
C ALA L 79 -16.69 -16.32 -38.65
N PHE L 80 -16.83 -16.07 -37.35
CA PHE L 80 -17.43 -14.84 -36.87
C PHE L 80 -16.55 -13.66 -37.33
N ARG L 81 -15.26 -13.77 -37.14
CA ARG L 81 -14.33 -12.73 -37.54
C ARG L 81 -14.44 -12.43 -39.05
N GLN L 82 -14.44 -13.47 -39.87
CA GLN L 82 -14.59 -13.29 -41.33
C GLN L 82 -15.94 -12.71 -41.73
N ALA L 83 -17.02 -13.13 -41.06
CA ALA L 83 -18.36 -12.64 -41.38
C ALA L 83 -18.51 -11.17 -41.06
N ILE L 84 -17.86 -10.70 -39.99
CA ILE L 84 -17.91 -9.27 -39.65
C ILE L 84 -17.29 -8.43 -40.75
N GLY L 85 -16.18 -8.94 -41.29
CA GLY L 85 -15.43 -8.25 -42.32
C GLY L 85 -14.75 -7.00 -41.79
N GLU L 86 -14.72 -5.96 -42.59
CA GLU L 86 -14.08 -4.73 -42.15
C GLU L 86 -14.80 -4.17 -40.93
N ARG L 87 -14.03 -3.84 -39.91
CA ARG L 87 -14.62 -3.38 -38.64
C ARG L 87 -14.92 -1.91 -38.71
N LYS L 88 -16.04 -1.63 -39.36
CA LYS L 88 -16.51 -0.28 -39.58
C LYS L 88 -18.01 -0.29 -39.61
N GLY L 89 -18.62 0.81 -39.20
CA GLY L 89 -20.05 0.98 -39.35
C GLY L 89 -20.87 0.18 -38.37
N ILE L 90 -20.27 -0.33 -37.30
CA ILE L 90 -20.96 -1.17 -36.32
C ILE L 90 -20.91 -0.55 -34.92
N LYS L 91 -21.80 -1.01 -34.06
CA LYS L 91 -21.85 -0.52 -32.68
C LYS L 91 -20.57 -0.81 -31.88
N ARG L 92 -19.90 -1.90 -32.24
CA ARG L 92 -18.66 -2.38 -31.60
C ARG L 92 -18.85 -2.98 -30.20
N TYR L 93 -19.61 -2.29 -29.35
CA TYR L 93 -19.87 -2.69 -27.96
C TYR L 93 -21.25 -3.25 -27.86
N GLY L 94 -21.37 -4.36 -27.14
CA GLY L 94 -22.68 -4.92 -26.84
C GLY L 94 -22.67 -5.50 -25.44
N SER L 95 -23.82 -5.49 -24.79
CA SER L 95 -23.96 -6.15 -23.51
C SER L 95 -25.37 -6.62 -23.36
N ALA L 96 -25.55 -7.61 -22.51
CA ALA L 96 -26.84 -8.26 -22.31
C ALA L 96 -26.81 -9.12 -21.06
N TYR L 97 -27.98 -9.23 -20.43
CA TYR L 97 -28.25 -10.16 -19.35
C TYR L 97 -29.30 -11.15 -19.86
N ALA L 98 -29.12 -12.41 -19.50
CA ALA L 98 -30.16 -13.43 -19.74
C ALA L 98 -30.23 -14.30 -18.52
N PRO L 99 -31.43 -14.52 -17.98
CA PRO L 99 -31.59 -15.53 -16.95
C PRO L 99 -31.98 -16.88 -17.55
N LEU L 100 -31.95 -17.91 -16.75
CA LEU L 100 -32.77 -19.10 -17.03
C LEU L 100 -33.18 -19.55 -15.66
N ASP L 101 -34.44 -19.27 -15.33
CA ASP L 101 -34.98 -19.55 -14.00
C ASP L 101 -34.14 -18.84 -12.91
N GLU L 102 -33.44 -19.59 -12.08
CA GLU L 102 -32.76 -18.99 -10.91
C GLU L 102 -31.38 -18.44 -11.27
N SER L 103 -30.87 -18.80 -12.46
CA SER L 103 -29.56 -18.39 -12.94
C SER L 103 -29.64 -17.07 -13.71
N LEU L 104 -28.61 -16.26 -13.58
CA LEU L 104 -28.48 -15.00 -14.29
C LEU L 104 -27.07 -14.87 -14.78
N ALA L 105 -26.93 -14.53 -16.06
CA ALA L 105 -25.61 -14.29 -16.68
C ALA L 105 -25.59 -12.95 -17.43
N ARG L 106 -24.39 -12.39 -17.52
CA ARG L 106 -24.10 -11.14 -18.21
C ARG L 106 -22.99 -11.42 -19.21
N ALA L 107 -23.13 -10.90 -20.43
CA ALA L 107 -22.08 -10.98 -21.42
C ALA L 107 -21.79 -9.57 -21.93
N VAL L 108 -20.51 -9.28 -22.14
CA VAL L 108 -20.10 -7.99 -22.66
C VAL L 108 -19.07 -8.27 -23.77
N VAL L 109 -19.26 -7.62 -24.91
CA VAL L 109 -18.49 -7.83 -26.13
C VAL L 109 -17.96 -6.48 -26.60
N ASP L 110 -16.68 -6.48 -26.98
CA ASP L 110 -16.02 -5.36 -27.64
C ASP L 110 -15.33 -5.94 -28.89
N ILE L 111 -15.78 -5.52 -30.06
CA ILE L 111 -15.15 -5.93 -31.32
C ILE L 111 -13.89 -5.03 -31.44
N SER L 112 -12.84 -5.48 -30.78
CA SER L 112 -11.67 -4.68 -30.45
C SER L 112 -10.45 -4.93 -31.31
N SER L 113 -10.41 -6.08 -31.98
CA SER L 113 -9.20 -6.59 -32.63
C SER L 113 -8.09 -6.85 -31.63
N ARG L 114 -8.46 -7.11 -30.38
CA ARG L 114 -7.54 -7.54 -29.36
C ARG L 114 -8.15 -8.79 -28.75
N PRO L 115 -7.57 -9.96 -29.03
CA PRO L 115 -8.19 -11.18 -28.46
C PRO L 115 -8.01 -11.26 -26.94
N PHE L 116 -9.13 -11.36 -26.22
CA PHE L 116 -9.09 -11.47 -24.76
C PHE L 116 -10.45 -11.94 -24.23
N ALA L 117 -10.44 -12.82 -23.23
CA ALA L 117 -11.68 -13.23 -22.61
C ALA L 117 -11.53 -13.33 -21.11
N VAL L 118 -12.57 -12.92 -20.40
CA VAL L 118 -12.69 -13.10 -18.95
C VAL L 118 -13.98 -13.86 -18.73
N ILE L 119 -13.87 -15.09 -18.23
CA ILE L 119 -15.03 -16.01 -18.15
C ILE L 119 -15.17 -16.53 -16.74
N ASP L 120 -16.36 -16.40 -16.16
CA ASP L 120 -16.62 -16.85 -14.81
C ASP L 120 -18.04 -17.42 -14.71
N LEU L 121 -18.18 -18.72 -14.99
CA LEU L 121 -19.49 -19.36 -15.09
C LEU L 121 -19.97 -20.09 -13.86
N LYS L 122 -19.09 -20.31 -12.88
CA LYS L 122 -19.49 -20.88 -11.57
C LYS L 122 -20.13 -22.25 -11.68
N LEU L 123 -19.69 -23.00 -12.68
CA LEU L 123 -20.22 -24.35 -12.86
C LEU L 123 -19.71 -25.28 -11.75
N LYS L 124 -20.60 -26.11 -11.21
CA LYS L 124 -20.27 -27.03 -10.10
C LYS L 124 -20.00 -28.46 -10.53
N ARG L 125 -20.59 -28.88 -11.63
CA ARG L 125 -20.48 -30.27 -12.06
C ARG L 125 -19.24 -30.55 -12.86
N GLU L 126 -18.99 -31.84 -13.01
CA GLU L 126 -17.98 -32.34 -13.92
C GLU L 126 -18.40 -32.26 -15.39
N LYS L 127 -19.60 -32.71 -15.70
CA LYS L 127 -20.16 -32.69 -17.08
C LYS L 127 -21.61 -32.27 -17.07
N ILE L 128 -22.04 -31.64 -18.17
CA ILE L 128 -23.48 -31.49 -18.48
C ILE L 128 -23.67 -32.34 -19.74
N GLY L 129 -24.45 -33.42 -19.65
CA GLY L 129 -24.47 -34.40 -20.74
C GLY L 129 -23.08 -34.93 -20.98
N GLU L 130 -22.62 -34.90 -22.23
CA GLU L 130 -21.23 -35.34 -22.56
C GLU L 130 -20.24 -34.19 -22.71
N LEU L 131 -20.63 -32.95 -22.40
CA LEU L 131 -19.73 -31.79 -22.43
C LEU L 131 -19.14 -31.58 -21.04
N SER L 132 -17.82 -31.67 -20.93
CA SER L 132 -17.18 -31.42 -19.63
C SER L 132 -17.34 -29.96 -19.26
N CYS L 133 -17.66 -29.70 -17.98
CA CYS L 133 -17.86 -28.32 -17.58
C CYS L 133 -16.62 -27.44 -17.80
N GLU L 134 -15.43 -27.98 -17.57
CA GLU L 134 -14.20 -27.20 -17.82
C GLU L 134 -14.08 -26.78 -19.29
N MET L 135 -14.68 -27.54 -20.22
CA MET L 135 -14.67 -27.13 -21.62
C MET L 135 -15.59 -25.96 -21.93
N ILE L 136 -16.52 -25.59 -21.05
CA ILE L 136 -17.46 -24.52 -21.40
C ILE L 136 -16.78 -23.14 -21.37
N PRO L 137 -16.04 -22.79 -20.30
CA PRO L 137 -15.26 -21.56 -20.40
C PRO L 137 -14.18 -21.63 -21.51
N HIS L 138 -13.61 -22.82 -21.74
CA HIS L 138 -12.60 -22.99 -22.80
C HIS L 138 -13.21 -22.66 -24.18
N VAL L 139 -14.45 -23.10 -24.43
CA VAL L 139 -15.16 -22.75 -25.69
C VAL L 139 -15.34 -21.26 -25.84
N LEU L 140 -15.77 -20.59 -24.78
CA LEU L 140 -15.96 -19.13 -24.87
C LEU L 140 -14.65 -18.41 -25.08
N HIS L 141 -13.59 -18.84 -24.39
CA HIS L 141 -12.29 -18.19 -24.52
C HIS L 141 -11.70 -18.39 -25.95
N SER L 142 -11.77 -19.63 -26.43
CA SER L 142 -11.23 -19.96 -27.74
C SER L 142 -12.03 -19.26 -28.85
N PHE L 143 -13.35 -19.18 -28.68
CA PHE L 143 -14.22 -18.40 -29.60
C PHE L 143 -13.75 -16.93 -29.67
N ALA L 144 -13.65 -16.30 -28.51
CA ALA L 144 -13.29 -14.89 -28.45
C ALA L 144 -11.93 -14.63 -29.10
N THR L 145 -10.94 -15.44 -28.75
CA THR L 145 -9.61 -15.20 -29.26
C THR L 145 -9.57 -15.44 -30.80
N SER L 146 -10.23 -16.50 -31.29
CA SER L 146 -10.29 -16.74 -32.74
C SER L 146 -11.15 -15.68 -33.47
N ALA L 147 -12.18 -15.14 -32.81
CA ALA L 147 -12.97 -14.04 -33.38
C ALA L 147 -12.23 -12.68 -33.32
N ASN L 148 -11.11 -12.64 -32.61
CA ASN L 148 -10.29 -11.44 -32.45
C ASN L 148 -11.06 -10.30 -31.74
N LEU L 149 -11.73 -10.66 -30.66
CA LEU L 149 -12.54 -9.71 -29.92
C LEU L 149 -12.38 -9.93 -28.43
N THR L 150 -12.97 -9.01 -27.67
CA THR L 150 -12.87 -9.01 -26.21
C THR L 150 -14.23 -9.50 -25.70
N LEU L 151 -14.23 -10.54 -24.88
CA LEU L 151 -15.47 -11.12 -24.38
C LEU L 151 -15.40 -11.33 -22.87
N HIS L 152 -16.38 -10.78 -22.14
CA HIS L 152 -16.53 -11.01 -20.73
C HIS L 152 -17.85 -11.68 -20.49
N VAL L 153 -17.84 -12.83 -19.82
CA VAL L 153 -19.07 -13.56 -19.51
C VAL L 153 -19.04 -13.96 -18.05
N GLU L 154 -20.07 -13.55 -17.33
CA GLU L 154 -20.21 -13.90 -15.93
C GLU L 154 -21.60 -14.49 -15.67
N VAL L 155 -21.63 -15.65 -15.03
CA VAL L 155 -22.79 -16.14 -14.31
C VAL L 155 -22.76 -15.50 -12.91
N LEU L 156 -23.69 -14.60 -12.63
CA LEU L 156 -23.70 -13.84 -11.38
C LEU L 156 -24.05 -14.77 -10.22
N TYR L 157 -24.96 -15.70 -10.49
CA TYR L 157 -25.39 -16.65 -9.48
C TYR L 157 -26.25 -17.67 -10.20
N GLY L 158 -26.46 -18.77 -9.50
CA GLY L 158 -27.34 -19.83 -9.99
C GLY L 158 -27.16 -21.11 -9.21
N ALA L 159 -27.95 -22.11 -9.54
CA ALA L 159 -27.94 -23.37 -8.83
C ALA L 159 -28.04 -24.59 -9.72
N ASN L 160 -28.11 -24.41 -11.03
CA ASN L 160 -28.23 -25.51 -11.98
C ASN L 160 -27.28 -25.20 -13.13
N ASP L 161 -26.38 -26.13 -13.38
CA ASP L 161 -25.31 -25.91 -14.35
C ASP L 161 -25.78 -25.78 -15.80
N HIS L 162 -26.80 -26.55 -16.18
CA HIS L 162 -27.45 -26.35 -17.51
C HIS L 162 -28.00 -24.93 -17.58
N HIS L 163 -28.69 -24.48 -16.52
CA HIS L 163 -29.21 -23.11 -16.50
C HIS L 163 -28.06 -22.11 -16.59
N LYS L 164 -26.99 -22.36 -15.84
CA LYS L 164 -25.87 -21.40 -15.85
C LYS L 164 -25.24 -21.30 -17.24
N ALA L 165 -24.89 -22.45 -17.80
CA ALA L 165 -24.27 -22.49 -19.13
C ALA L 165 -25.19 -21.89 -20.20
N GLU L 166 -26.46 -22.29 -20.19
CA GLU L 166 -27.37 -21.83 -21.22
C GLU L 166 -27.63 -20.35 -21.09
N SER L 167 -27.77 -19.85 -19.87
CA SER L 167 -27.96 -18.40 -19.70
C SER L 167 -26.74 -17.66 -20.21
N ALA L 168 -25.56 -18.26 -20.02
CA ALA L 168 -24.30 -17.66 -20.48
C ALA L 168 -24.26 -17.56 -22.02
N PHE L 169 -24.66 -18.63 -22.71
CA PHE L 169 -24.69 -18.60 -24.18
C PHE L 169 -25.76 -17.69 -24.72
N LYS L 170 -26.91 -17.62 -24.06
CA LYS L 170 -27.95 -16.68 -24.46
C LYS L 170 -27.51 -15.23 -24.32
N ALA L 171 -26.89 -14.92 -23.20
CA ALA L 171 -26.38 -13.59 -22.94
C ALA L 171 -25.29 -13.24 -23.95
N THR L 172 -24.43 -14.21 -24.25
CA THR L 172 -23.36 -14.01 -25.21
C THR L 172 -23.93 -13.69 -26.59
N ALA L 173 -24.93 -14.48 -26.99
CA ALA L 173 -25.62 -14.27 -28.26
C ALA L 173 -26.17 -12.86 -28.36
N LEU L 174 -26.87 -12.42 -27.30
CA LEU L 174 -27.51 -11.11 -27.34
C LEU L 174 -26.46 -10.00 -27.43
N ALA L 175 -25.37 -10.15 -26.68
CA ALA L 175 -24.28 -9.15 -26.69
C ALA L 175 -23.57 -9.10 -28.04
N LEU L 176 -23.31 -10.26 -28.62
CA LEU L 176 -22.71 -10.36 -29.94
C LEU L 176 -23.60 -9.74 -31.00
N ARG L 177 -24.90 -10.01 -30.93
CA ARG L 177 -25.85 -9.41 -31.86
C ARG L 177 -25.80 -7.87 -31.82
N GLU L 178 -25.77 -7.33 -30.61
CA GLU L 178 -25.74 -5.87 -30.45
C GLU L 178 -24.45 -5.29 -30.97
N ALA L 179 -23.34 -5.93 -30.63
CA ALA L 179 -22.01 -5.43 -30.98
C ALA L 179 -21.83 -5.37 -32.50
N VAL L 180 -22.41 -6.32 -33.24
CA VAL L 180 -22.21 -6.36 -34.69
C VAL L 180 -23.36 -5.69 -35.46
N THR L 181 -24.29 -5.06 -34.74
CA THR L 181 -25.35 -4.31 -35.37
C THR L 181 -24.82 -3.08 -36.10
N LYS L 182 -25.30 -2.89 -37.33
CA LYS L 182 -24.92 -1.71 -38.09
C LYS L 182 -25.54 -0.47 -37.46
N ASP L 183 -24.74 0.58 -37.35
CA ASP L 183 -25.13 1.76 -36.61
C ASP L 183 -24.28 2.95 -37.07
N GLY L 184 -24.95 4.01 -37.54
CA GLY L 184 -24.25 5.20 -38.04
C GLY L 184 -23.61 5.01 -39.41
N PRO L 185 -22.80 6.00 -39.85
CA PRO L 185 -22.09 5.96 -41.14
C PRO L 185 -21.33 4.65 -41.31
N ALA L 186 -21.49 4.01 -42.48
CA ALA L 186 -20.95 2.67 -42.70
C ALA L 186 -19.43 2.67 -42.82
N ASP L 187 -18.85 3.85 -43.08
CA ASP L 187 -17.38 4.01 -43.24
C ASP L 187 -16.63 4.43 -41.95
N ALA L 188 -17.38 4.78 -40.91
CA ALA L 188 -16.77 5.21 -39.66
C ALA L 188 -16.12 4.02 -38.97
N VAL L 189 -14.89 4.20 -38.50
CA VAL L 189 -14.21 3.22 -37.65
C VAL L 189 -14.47 3.61 -36.18
N PRO L 190 -15.10 2.70 -35.40
CA PRO L 190 -15.49 3.02 -34.01
C PRO L 190 -14.31 2.86 -33.07
N SER L 191 -13.26 3.63 -33.30
CA SER L 191 -12.07 3.69 -32.43
C SER L 191 -11.42 5.05 -32.51
N THR L 192 -10.96 5.57 -31.37
CA THR L 192 -10.20 6.84 -31.37
C THR L 192 -8.86 6.72 -32.09
N LYS L 193 -8.33 5.51 -32.26
CA LYS L 193 -7.08 5.34 -33.01
C LYS L 193 -7.29 5.14 -34.51
N GLY L 194 -8.55 5.20 -34.96
CA GLY L 194 -8.84 5.15 -36.40
C GLY L 194 -8.68 3.80 -37.08
N VAL L 195 -8.35 2.76 -36.32
CA VAL L 195 -8.05 1.43 -36.86
C VAL L 195 -8.59 0.32 -35.94
N LEU L 196 -9.31 -0.64 -36.54
CA LEU L 196 -9.68 -1.91 -35.90
C LEU L 196 -9.36 -2.99 -36.90
N GLU L 197 -8.20 -3.60 -36.73
CA GLU L 197 -7.55 -4.46 -37.74
C GLU L 197 -8.34 -5.74 -37.99
MN MN M . 18.71 17.10 3.74
MN MN N . 21.48 -3.37 -9.82
O10 5LD O . 20.79 20.72 8.91
P9 5LD O . 21.62 19.50 8.52
O11 5LD O . 21.17 18.26 9.23
O12 5LD O . 23.17 19.71 8.74
C8 5LD O . 21.40 19.31 6.70
C7 5LD O . 20.07 18.70 6.23
O13 5LD O . 20.19 18.44 4.81
C6 5LD O . 18.85 19.60 6.41
N2 5LD O . 17.59 18.86 6.42
N1 5LD O . 17.39 17.83 5.50
C5 5LD O . 16.14 17.36 5.75
N4 5LD O . 15.62 18.05 6.77
C3 5LD O . 16.51 18.95 7.21
MN MN P . 19.83 -2.84 -16.12
MN MN Q . -3.70 -1.72 -23.54
O10 5LD R . 23.42 -7.80 -16.07
P9 5LD R . 24.40 -6.79 -16.81
O11 5LD R . 25.47 -6.30 -15.90
O12 5LD R . 24.89 -7.46 -18.09
C8 5LD R . 23.44 -5.34 -17.35
C7 5LD R . 22.42 -4.76 -16.35
O13 5LD R . 21.65 -3.75 -17.03
C6 5LD R . 23.13 -4.08 -15.20
N2 5LD R . 22.27 -3.90 -14.05
N1 5LD R . 20.99 -3.38 -14.26
C5 5LD R . 20.48 -3.30 -13.01
N4 5LD R . 21.38 -3.76 -12.11
C3 5LD R . 22.49 -4.12 -12.75
O10 5LD S . -9.98 0.71 -27.73
P9 5LD S . -9.28 1.36 -28.97
O11 5LD S . -10.31 2.04 -29.83
O12 5LD S . -8.27 0.44 -29.59
C8 5LD S . -8.26 2.82 -28.42
C7 5LD S . -7.43 2.66 -27.11
O13 5LD S . -6.91 3.96 -26.70
C6 5LD S . -6.24 1.74 -27.28
N2 5LD S . -5.72 1.22 -26.01
N1 5LD S . -5.63 2.08 -24.92
C5 5LD S . -5.10 1.26 -23.98
N4 5LD S . -4.93 -0.01 -24.44
C3 5LD S . -5.32 -0.01 -25.72
MN MN T . 19.71 6.10 42.15
MN MN U . 18.81 -0.36 42.60
MN MN V . 3.69 21.04 30.69
O10 5LD W . 24.92 3.77 39.78
P9 5LD W . 25.46 4.45 41.12
O11 5LD W . 25.81 3.31 42.03
O12 5LD W . 26.63 5.31 40.71
C8 5LD W . 24.24 5.55 41.87
C7 5LD W . 22.77 5.07 41.89
O13 5LD W . 21.90 6.12 42.31
C6 5LD W . 22.57 3.93 42.86
N2 5LD W . 21.36 3.15 42.54
N1 5LD W . 20.20 3.88 42.39
C5 5LD W . 19.27 2.91 42.17
N4 5LD W . 19.83 1.69 42.22
C3 5LD W . 21.15 1.82 42.44
MN MN X . -4.71 -32.80 -26.08
O10 5LD Y . -0.26 -29.01 -28.03
P9 5LD Y . -0.74 -29.56 -29.45
O11 5LD Y . -1.59 -28.52 -30.15
O12 5LD Y . 0.52 -30.09 -30.13
C8 5LD Y . -1.80 -31.04 -29.20
C7 5LD Y . -2.84 -30.94 -28.08
O13 5LD Y . -3.44 -32.25 -27.85
C6 5LD Y . -3.98 -29.99 -28.42
N2 5LD Y . -4.72 -29.56 -27.23
N1 5LD Y . -5.07 -30.53 -26.31
C5 5LD Y . -5.79 -29.82 -25.38
N4 5LD Y . -5.85 -28.51 -25.71
C3 5LD Y . -5.20 -28.38 -26.88
MN MN Z . 35.59 -17.62 14.15
O10 5LD AA . 36.55 -11.94 12.05
P9 5LD AA . 38.02 -12.56 11.82
O11 5LD AA . 39.06 -11.59 12.34
O12 5LD AA . 38.17 -12.92 10.36
C8 5LD AA . 38.18 -14.17 12.62
C7 5LD AA . 36.95 -15.08 12.60
O13 5LD AA . 37.16 -16.21 13.51
C6 5LD AA . 36.72 -15.66 11.24
N2 5LD AA . 35.36 -16.21 11.09
N1 5LD AA . 34.86 -16.97 12.13
C5 5LD AA . 33.64 -17.37 11.65
N4 5LD AA . 33.41 -16.83 10.41
C3 5LD AA . 34.50 -16.13 10.08
MN MN BA . 13.44 18.21 7.44
MN MN CA . -7.08 24.26 -4.82
O10 5LD DA . -12.11 26.73 -2.42
P9 5LD DA . -11.91 27.74 -3.58
O11 5LD DA . -11.99 29.16 -3.05
O12 5LD DA . -12.91 27.49 -4.76
C8 5LD DA . -10.25 27.52 -4.28
C7 5LD DA . -9.74 26.09 -4.44
O13 5LD DA . -8.34 26.14 -4.82
C6 5LD DA . -10.44 25.36 -5.56
N2 5LD DA . -10.34 23.90 -5.49
N1 5LD DA . -9.13 23.29 -5.19
C5 5LD DA . -9.38 21.98 -5.27
N4 5LD DA . -10.68 21.74 -5.54
C3 5LD DA . -11.30 22.96 -5.68
MN MN EA . -11.69 19.82 -6.28
MN MN FA . -6.05 4.29 -24.65
MN MN GA . -37.64 19.30 20.47
MN MN HA . -35.69 15.67 25.60
MN MN IA . -35.46 11.58 -2.89
O10 5LD JA . -33.79 23.10 23.48
P9 5LD JA . -35.19 23.86 23.78
O11 5LD JA . -35.44 23.55 25.22
O12 5LD JA . -34.98 25.32 23.39
C8 5LD JA . -36.52 23.18 22.75
C7 5LD JA . -36.51 21.66 22.48
O13 5LD JA . -37.46 21.36 21.45
C6 5LD JA . -36.91 20.87 23.71
N2 5LD JA . -36.56 19.45 23.71
N1 5LD JA . -36.87 18.70 22.58
C5 5LD JA . -36.47 17.47 22.95
N4 5LD JA . -36.03 17.42 24.23
C3 5LD JA . -36.06 18.68 24.70
MN MN KA . -40.82 8.97 -5.49
O10 5LD LA . -38.17 12.94 -10.19
P9 5LD LA . -38.72 11.51 -10.64
O11 5LD LA . -37.55 10.53 -10.39
O12 5LD LA . -39.14 11.45 -12.09
C8 5LD LA . -40.12 10.99 -9.58
C7 5LD LA . -39.71 10.57 -8.17
O13 5LD LA . -40.88 10.13 -7.45
C6 5LD LA . -39.17 11.72 -7.31
N2 5LD LA . -38.43 11.26 -6.13
N1 5LD LA . -38.91 10.19 -5.38
C5 5LD LA . -38.04 10.06 -4.35
N4 5LD LA . -37.05 10.98 -4.51
C3 5LD LA . -37.31 11.73 -5.59
MN MN MA . -0.55 24.10 34.63
O10 5LD NA . -0.67 27.52 29.52
P9 5LD NA . -0.02 28.54 30.47
O11 5LD NA . -0.71 29.85 30.34
O12 5LD NA . 1.50 28.68 30.16
C8 5LD NA . -0.14 27.98 32.22
C7 5LD NA . 0.09 26.48 32.48
O13 5LD NA . -0.26 26.20 33.85
C6 5LD NA . 1.52 26.06 32.27
N2 5LD NA . 1.69 24.61 32.10
N1 5LD NA . 0.93 23.78 32.91
C5 5LD NA . 1.33 22.54 32.54
N4 5LD NA . 2.27 22.60 31.56
C3 5LD NA . 2.50 23.90 31.30
MN MN OA . 31.90 -17.40 8.71
MN MN PA . 25.51 -39.27 -0.72
MN MN QA . 19.70 -42.07 0.49
O10 5LD RA . 23.87 -42.87 -6.22
P9 5LD RA . 24.47 -41.40 -6.33
O11 5LD RA . 23.26 -40.42 -6.39
O12 5LD RA . 25.30 -41.28 -7.62
C8 5LD RA . 25.57 -41.02 -4.95
C7 5LD RA . 24.91 -40.70 -3.60
O13 5LD RA . 25.93 -40.26 -2.67
C6 5LD RA . 24.17 -41.89 -3.01
N2 5LD RA . 23.22 -41.51 -1.97
N1 5LD RA . 23.64 -40.54 -1.05
C5 5LD RA . 22.59 -40.47 -0.21
N4 5LD RA . 21.61 -41.31 -0.61
C3 5LD RA . 22.00 -41.97 -1.71
MN MN SA . -7.27 -26.87 -24.96
MN MN TA . -31.85 -26.15 -22.34
MN MN UA . -34.76 -26.06 -16.49
O10 5LD VA . -37.48 -22.60 -23.08
P9 5LD VA . -36.18 -22.08 -23.64
O11 5LD VA . -35.42 -21.11 -22.70
O12 5LD VA . -36.40 -21.27 -25.01
C8 5LD VA . -35.14 -23.50 -24.14
C7 5LD VA . -34.37 -24.15 -22.98
O13 5LD VA . -33.39 -25.08 -23.49
C6 5LD VA . -35.29 -24.90 -22.02
N2 5LD VA . -34.67 -25.22 -20.72
N1 5LD VA . -33.42 -25.72 -20.75
C5 5LD VA . -33.14 -25.95 -19.43
N4 5LD VA . -34.18 -25.60 -18.69
C3 5LD VA . -35.15 -25.14 -19.48
MG MG WA . -13.43 -18.47 -45.05
#